data_7RWP
# 
_entry.id   7RWP 
# 
_audit_conform.dict_name       mmcif_pdbx.dic 
_audit_conform.dict_version    5.380 
_audit_conform.dict_location   http://mmcif.pdb.org/dictionaries/ascii/mmcif_pdbx.dic 
# 
loop_
_database_2.database_id 
_database_2.database_code 
_database_2.pdbx_database_accession 
_database_2.pdbx_DOI 
PDB   7RWP         pdb_00007rwp 10.2210/pdb7rwp/pdb 
WWPDB D_1000259126 ?            ?                   
# 
_pdbx_database_status.status_code                     REL 
_pdbx_database_status.status_code_sf                  REL 
_pdbx_database_status.status_code_mr                  ? 
_pdbx_database_status.entry_id                        7RWP 
_pdbx_database_status.recvd_initial_deposition_date   2021-08-20 
_pdbx_database_status.SG_entry                        N 
_pdbx_database_status.deposit_site                    RCSB 
_pdbx_database_status.process_site                    RCSB 
_pdbx_database_status.status_code_cs                  ? 
_pdbx_database_status.status_code_nmr_data            ? 
_pdbx_database_status.methods_development_category    ? 
_pdbx_database_status.pdb_format_compatible           Y 
# 
loop_
_audit_author.name 
_audit_author.pdbx_ordinal 
_audit_author.identifier_ORCID 
'Zahid, H.'         1 ?                   
'Buchholz, C.'      2 ?                   
'Johnson, J.A.'     3 ?                   
'Shi, K.'           4 0000-0003-4175-3714 
'Aihara, H.'        5 0000-0001-7508-6230 
'Pomerantz, W.C.K.' 6 ?                   
# 
_citation.abstract                  ? 
_citation.abstract_id_CAS           ? 
_citation.book_id_ISBN              ? 
_citation.book_publisher            ? 
_citation.book_publisher_city       ? 
_citation.book_title                ? 
_citation.coordinate_linkage        ? 
_citation.country                   US 
_citation.database_id_Medline       ? 
_citation.details                   ? 
_citation.id                        primary 
_citation.journal_abbrev            J.Med.Chem. 
_citation.journal_id_ASTM           JMCMAR 
_citation.journal_id_CSD            0151 
_citation.journal_id_ISSN           0022-2623 
_citation.journal_full              ? 
_citation.journal_issue             ? 
_citation.journal_volume            64 
_citation.language                  ? 
_citation.page_first                13902 
_citation.page_last                 13917 
_citation.title                     
;New Design Rules for Developing Potent Cell-Active Inhibitors of the Nucleosome Remodeling Factor (NURF) via BPTF Bromodomain Inhibition.
;
_citation.year                      2021 
_citation.database_id_CSD           ? 
_citation.pdbx_database_id_DOI      10.1021/acs.jmedchem.1c01294 
_citation.pdbx_database_id_PubMed   34515477 
_citation.pdbx_database_id_patent   ? 
_citation.unpublished_flag          ? 
# 
loop_
_citation_author.citation_id 
_citation_author.name 
_citation_author.ordinal 
_citation_author.identifier_ORCID 
primary 'Zahid, H.'         1  0000-0003-1711-7048 
primary 'Buchholz, C.R.'    2  ?                   
primary 'Singh, M.'         3  ?                   
primary 'Ciccone, M.F.'     4  ?                   
primary 'Chan, A.'          5  ?                   
primary 'Nithianantham, S.' 6  ?                   
primary 'Shi, K.'           7  0000-0003-4175-3714 
primary 'Aihara, H.'        8  0000-0001-7508-6230 
primary 'Fischer, M.'       9  ?                   
primary 'Schonbrunn, E.'    10 0000-0002-3589-3510 
primary 'Dos Santos, C.O.'  11 ?                   
primary 'Landry, J.W.'      12 ?                   
primary 'Pomerantz, W.C.K.' 13 0000-0002-0163-4078 
# 
_cell.angle_alpha                  90.000 
_cell.angle_alpha_esd              ? 
_cell.angle_beta                   90.000 
_cell.angle_beta_esd               ? 
_cell.angle_gamma                  90.000 
_cell.angle_gamma_esd              ? 
_cell.entry_id                     7RWP 
_cell.details                      ? 
_cell.formula_units_Z              ? 
_cell.length_a                     27.131 
_cell.length_a_esd                 ? 
_cell.length_b                     66.337 
_cell.length_b_esd                 ? 
_cell.length_c                     70.506 
_cell.length_c_esd                 ? 
_cell.volume                       ? 
_cell.volume_esd                   ? 
_cell.Z_PDB                        4 
_cell.reciprocal_angle_alpha       ? 
_cell.reciprocal_angle_beta        ? 
_cell.reciprocal_angle_gamma       ? 
_cell.reciprocal_angle_alpha_esd   ? 
_cell.reciprocal_angle_beta_esd    ? 
_cell.reciprocal_angle_gamma_esd   ? 
_cell.reciprocal_length_a          ? 
_cell.reciprocal_length_b          ? 
_cell.reciprocal_length_c          ? 
_cell.reciprocal_length_a_esd      ? 
_cell.reciprocal_length_b_esd      ? 
_cell.reciprocal_length_c_esd      ? 
_cell.pdbx_unique_axis             ? 
# 
_symmetry.entry_id                         7RWP 
_symmetry.cell_setting                     ? 
_symmetry.Int_Tables_number                18 
_symmetry.space_group_name_Hall            ? 
_symmetry.space_group_name_H-M             'P 2 21 21' 
_symmetry.pdbx_full_space_group_name_H-M   ? 
# 
loop_
_entity.id 
_entity.type 
_entity.src_method 
_entity.pdbx_description 
_entity.formula_weight 
_entity.pdbx_number_of_molecules 
_entity.pdbx_ec 
_entity.pdbx_mutation 
_entity.pdbx_fragment 
_entity.details 
1 polymer     man 'Nucleosome-remodeling factor subunit BPTF'                       15408.423 1   ? ? ? ? 
2 non-polymer syn '5-[4-(aminomethyl)anilino]-4-chloro-2-methylpyridazin-3(2H)-one' 264.711   1   ? ? ? ? 
3 non-polymer syn 'CALCIUM ION'                                                     40.078    1   ? ? ? ? 
4 water       nat water                                                             18.015    199 ? ? ? ? 
# 
_entity_name_com.entity_id   1 
_entity_name_com.name        
'Bromodomain and PHD finger-containing transcription factor,Fetal Alz-50 clone 1 protein,Fetal Alzheimer antigen' 
# 
_entity_poly.entity_id                      1 
_entity_poly.type                           'polypeptide(L)' 
_entity_poly.nstd_linkage                   no 
_entity_poly.nstd_monomer                   no 
_entity_poly.pdbx_seq_one_letter_code       
;GTENLYFQSMSTEDAMTVLTPLTEKDYEGLKRVLRSLQAHKMAWPFLEPVDPNDAPDYYGVIKEPMDLATMEERVQRRYY
EKLTEFVADMTKIFDNCRYYNPSDSPFYQCAEVLESFFVQKLKGFKASRSH
;
_entity_poly.pdbx_seq_one_letter_code_can   
;GTENLYFQSMSTEDAMTVLTPLTEKDYEGLKRVLRSLQAHKMAWPFLEPVDPNDAPDYYGVIKEPMDLATMEERVQRRYY
EKLTEFVADMTKIFDNCRYYNPSDSPFYQCAEVLESFFVQKLKGFKASRSH
;
_entity_poly.pdbx_strand_id                 A 
_entity_poly.pdbx_target_identifier         ? 
# 
loop_
_entity_poly_seq.entity_id 
_entity_poly_seq.num 
_entity_poly_seq.mon_id 
_entity_poly_seq.hetero 
1 1   GLY n 
1 2   THR n 
1 3   GLU n 
1 4   ASN n 
1 5   LEU n 
1 6   TYR n 
1 7   PHE n 
1 8   GLN n 
1 9   SER n 
1 10  MET n 
1 11  SER n 
1 12  THR n 
1 13  GLU n 
1 14  ASP n 
1 15  ALA n 
1 16  MET n 
1 17  THR n 
1 18  VAL n 
1 19  LEU n 
1 20  THR n 
1 21  PRO n 
1 22  LEU n 
1 23  THR n 
1 24  GLU n 
1 25  LYS n 
1 26  ASP n 
1 27  TYR n 
1 28  GLU n 
1 29  GLY n 
1 30  LEU n 
1 31  LYS n 
1 32  ARG n 
1 33  VAL n 
1 34  LEU n 
1 35  ARG n 
1 36  SER n 
1 37  LEU n 
1 38  GLN n 
1 39  ALA n 
1 40  HIS n 
1 41  LYS n 
1 42  MET n 
1 43  ALA n 
1 44  TRP n 
1 45  PRO n 
1 46  PHE n 
1 47  LEU n 
1 48  GLU n 
1 49  PRO n 
1 50  VAL n 
1 51  ASP n 
1 52  PRO n 
1 53  ASN n 
1 54  ASP n 
1 55  ALA n 
1 56  PRO n 
1 57  ASP n 
1 58  TYR n 
1 59  TYR n 
1 60  GLY n 
1 61  VAL n 
1 62  ILE n 
1 63  LYS n 
1 64  GLU n 
1 65  PRO n 
1 66  MET n 
1 67  ASP n 
1 68  LEU n 
1 69  ALA n 
1 70  THR n 
1 71  MET n 
1 72  GLU n 
1 73  GLU n 
1 74  ARG n 
1 75  VAL n 
1 76  GLN n 
1 77  ARG n 
1 78  ARG n 
1 79  TYR n 
1 80  TYR n 
1 81  GLU n 
1 82  LYS n 
1 83  LEU n 
1 84  THR n 
1 85  GLU n 
1 86  PHE n 
1 87  VAL n 
1 88  ALA n 
1 89  ASP n 
1 90  MET n 
1 91  THR n 
1 92  LYS n 
1 93  ILE n 
1 94  PHE n 
1 95  ASP n 
1 96  ASN n 
1 97  CYS n 
1 98  ARG n 
1 99  TYR n 
1 100 TYR n 
1 101 ASN n 
1 102 PRO n 
1 103 SER n 
1 104 ASP n 
1 105 SER n 
1 106 PRO n 
1 107 PHE n 
1 108 TYR n 
1 109 GLN n 
1 110 CYS n 
1 111 ALA n 
1 112 GLU n 
1 113 VAL n 
1 114 LEU n 
1 115 GLU n 
1 116 SER n 
1 117 PHE n 
1 118 PHE n 
1 119 VAL n 
1 120 GLN n 
1 121 LYS n 
1 122 LEU n 
1 123 LYS n 
1 124 GLY n 
1 125 PHE n 
1 126 LYS n 
1 127 ALA n 
1 128 SER n 
1 129 ARG n 
1 130 SER n 
1 131 HIS n 
# 
_entity_src_gen.entity_id                          1 
_entity_src_gen.pdbx_src_id                        1 
_entity_src_gen.pdbx_alt_source_flag               sample 
_entity_src_gen.pdbx_seq_type                      'Biological sequence' 
_entity_src_gen.pdbx_beg_seq_num                   1 
_entity_src_gen.pdbx_end_seq_num                   131 
_entity_src_gen.gene_src_common_name               Human 
_entity_src_gen.gene_src_genus                     ? 
_entity_src_gen.pdbx_gene_src_gene                 'BPTF, FAC1, FALZ' 
_entity_src_gen.gene_src_species                   ? 
_entity_src_gen.gene_src_strain                    ? 
_entity_src_gen.gene_src_tissue                    ? 
_entity_src_gen.gene_src_tissue_fraction           ? 
_entity_src_gen.gene_src_details                   ? 
_entity_src_gen.pdbx_gene_src_fragment             ? 
_entity_src_gen.pdbx_gene_src_scientific_name      'Homo sapiens' 
_entity_src_gen.pdbx_gene_src_ncbi_taxonomy_id     9606 
_entity_src_gen.pdbx_gene_src_variant              ? 
_entity_src_gen.pdbx_gene_src_cell_line            ? 
_entity_src_gen.pdbx_gene_src_atcc                 ? 
_entity_src_gen.pdbx_gene_src_organ                ? 
_entity_src_gen.pdbx_gene_src_organelle            ? 
_entity_src_gen.pdbx_gene_src_cell                 ? 
_entity_src_gen.pdbx_gene_src_cellular_location    ? 
_entity_src_gen.host_org_common_name               ? 
_entity_src_gen.pdbx_host_org_scientific_name      'Escherichia coli BL21(DE3)' 
_entity_src_gen.pdbx_host_org_ncbi_taxonomy_id     469008 
_entity_src_gen.host_org_genus                     ? 
_entity_src_gen.pdbx_host_org_gene                 ? 
_entity_src_gen.pdbx_host_org_organ                ? 
_entity_src_gen.host_org_species                   ? 
_entity_src_gen.pdbx_host_org_tissue               ? 
_entity_src_gen.pdbx_host_org_tissue_fraction      ? 
_entity_src_gen.pdbx_host_org_strain               ? 
_entity_src_gen.pdbx_host_org_variant              ? 
_entity_src_gen.pdbx_host_org_cell_line            ? 
_entity_src_gen.pdbx_host_org_atcc                 ? 
_entity_src_gen.pdbx_host_org_culture_collection   ? 
_entity_src_gen.pdbx_host_org_cell                 ? 
_entity_src_gen.pdbx_host_org_organelle            ? 
_entity_src_gen.pdbx_host_org_cellular_location    ? 
_entity_src_gen.pdbx_host_org_vector_type          ? 
_entity_src_gen.pdbx_host_org_vector               ? 
_entity_src_gen.host_org_details                   ? 
_entity_src_gen.expression_system_id               ? 
_entity_src_gen.plasmid_name                       ? 
_entity_src_gen.plasmid_details                    ? 
_entity_src_gen.pdbx_description                   ? 
# 
_struct_ref.id                         1 
_struct_ref.db_name                    UNP 
_struct_ref.db_code                    BPTF_HUMAN 
_struct_ref.pdbx_db_accession          Q12830 
_struct_ref.pdbx_db_isoform            ? 
_struct_ref.entity_id                  1 
_struct_ref.pdbx_seq_one_letter_code   
;STEDAMTVLTPLTEKDYEGLKRVLRSLQAHKMAWPFLEPVDPNDAPDYYGVIKEPMDLATMEERVQRRYYEKLTEFVADM
TKIFDNCRYYNPSDSPFYQCAEVLESFFVQKLKGFKASRSH
;
_struct_ref.pdbx_align_begin           2917 
# 
_struct_ref_seq.align_id                      1 
_struct_ref_seq.ref_id                        1 
_struct_ref_seq.pdbx_PDB_id_code              7RWP 
_struct_ref_seq.pdbx_strand_id                A 
_struct_ref_seq.seq_align_beg                 11 
_struct_ref_seq.pdbx_seq_align_beg_ins_code   ? 
_struct_ref_seq.seq_align_end                 131 
_struct_ref_seq.pdbx_seq_align_end_ins_code   ? 
_struct_ref_seq.pdbx_db_accession             Q12830 
_struct_ref_seq.db_align_beg                  2917 
_struct_ref_seq.pdbx_db_align_beg_ins_code    ? 
_struct_ref_seq.db_align_end                  3037 
_struct_ref_seq.pdbx_db_align_end_ins_code    ? 
_struct_ref_seq.pdbx_auth_seq_align_beg       2917 
_struct_ref_seq.pdbx_auth_seq_align_end       3037 
# 
loop_
_struct_ref_seq_dif.align_id 
_struct_ref_seq_dif.pdbx_pdb_id_code 
_struct_ref_seq_dif.mon_id 
_struct_ref_seq_dif.pdbx_pdb_strand_id 
_struct_ref_seq_dif.seq_num 
_struct_ref_seq_dif.pdbx_pdb_ins_code 
_struct_ref_seq_dif.pdbx_seq_db_name 
_struct_ref_seq_dif.pdbx_seq_db_accession_code 
_struct_ref_seq_dif.db_mon_id 
_struct_ref_seq_dif.pdbx_seq_db_seq_num 
_struct_ref_seq_dif.details 
_struct_ref_seq_dif.pdbx_auth_seq_num 
_struct_ref_seq_dif.pdbx_ordinal 
1 7RWP GLY A 1  ? UNP Q12830 ? ? 'expression tag' 2907 1  
1 7RWP THR A 2  ? UNP Q12830 ? ? 'expression tag' 2908 2  
1 7RWP GLU A 3  ? UNP Q12830 ? ? 'expression tag' 2909 3  
1 7RWP ASN A 4  ? UNP Q12830 ? ? 'expression tag' 2910 4  
1 7RWP LEU A 5  ? UNP Q12830 ? ? 'expression tag' 2911 5  
1 7RWP TYR A 6  ? UNP Q12830 ? ? 'expression tag' 2912 6  
1 7RWP PHE A 7  ? UNP Q12830 ? ? 'expression tag' 2913 7  
1 7RWP GLN A 8  ? UNP Q12830 ? ? 'expression tag' 2914 8  
1 7RWP SER A 9  ? UNP Q12830 ? ? 'expression tag' 2915 9  
1 7RWP MET A 10 ? UNP Q12830 ? ? 'expression tag' 2916 10 
# 
loop_
_chem_comp.id 
_chem_comp.type 
_chem_comp.mon_nstd_flag 
_chem_comp.name 
_chem_comp.pdbx_synonyms 
_chem_comp.formula 
_chem_comp.formula_weight 
7WZ non-polymer         . '5-[4-(aminomethyl)anilino]-4-chloro-2-methylpyridazin-3(2H)-one' ? 'C12 H13 Cl N4 O' 264.711 
ALA 'L-peptide linking' y ALANINE                                                           ? 'C3 H7 N O2'      89.093  
ARG 'L-peptide linking' y ARGININE                                                          ? 'C6 H15 N4 O2 1'  175.209 
ASN 'L-peptide linking' y ASPARAGINE                                                        ? 'C4 H8 N2 O3'     132.118 
ASP 'L-peptide linking' y 'ASPARTIC ACID'                                                   ? 'C4 H7 N O4'      133.103 
CA  non-polymer         . 'CALCIUM ION'                                                     ? 'Ca 2'            40.078  
CYS 'L-peptide linking' y CYSTEINE                                                          ? 'C3 H7 N O2 S'    121.158 
GLN 'L-peptide linking' y GLUTAMINE                                                         ? 'C5 H10 N2 O3'    146.144 
GLU 'L-peptide linking' y 'GLUTAMIC ACID'                                                   ? 'C5 H9 N O4'      147.129 
GLY 'peptide linking'   y GLYCINE                                                           ? 'C2 H5 N O2'      75.067  
HIS 'L-peptide linking' y HISTIDINE                                                         ? 'C6 H10 N3 O2 1'  156.162 
HOH non-polymer         . WATER                                                             ? 'H2 O'            18.015  
ILE 'L-peptide linking' y ISOLEUCINE                                                        ? 'C6 H13 N O2'     131.173 
LEU 'L-peptide linking' y LEUCINE                                                           ? 'C6 H13 N O2'     131.173 
LYS 'L-peptide linking' y LYSINE                                                            ? 'C6 H15 N2 O2 1'  147.195 
MET 'L-peptide linking' y METHIONINE                                                        ? 'C5 H11 N O2 S'   149.211 
PHE 'L-peptide linking' y PHENYLALANINE                                                     ? 'C9 H11 N O2'     165.189 
PRO 'L-peptide linking' y PROLINE                                                           ? 'C5 H9 N O2'      115.130 
SER 'L-peptide linking' y SERINE                                                            ? 'C3 H7 N O3'      105.093 
THR 'L-peptide linking' y THREONINE                                                         ? 'C4 H9 N O3'      119.119 
TRP 'L-peptide linking' y TRYPTOPHAN                                                        ? 'C11 H12 N2 O2'   204.225 
TYR 'L-peptide linking' y TYROSINE                                                          ? 'C9 H11 N O3'     181.189 
VAL 'L-peptide linking' y VALINE                                                            ? 'C5 H11 N O2'     117.146 
# 
_exptl.absorpt_coefficient_mu     ? 
_exptl.absorpt_correction_T_max   ? 
_exptl.absorpt_correction_T_min   ? 
_exptl.absorpt_correction_type    ? 
_exptl.absorpt_process_details    ? 
_exptl.entry_id                   7RWP 
_exptl.crystals_number            1 
_exptl.details                    ? 
_exptl.method                     'X-RAY DIFFRACTION' 
_exptl.method_details             ? 
# 
_exptl_crystal.colour                      ? 
_exptl_crystal.density_diffrn              ? 
_exptl_crystal.density_Matthews            2.06 
_exptl_crystal.density_method              ? 
_exptl_crystal.density_percent_sol         40.26 
_exptl_crystal.description                 ? 
_exptl_crystal.F_000                       ? 
_exptl_crystal.id                          1 
_exptl_crystal.preparation                 ? 
_exptl_crystal.size_max                    ? 
_exptl_crystal.size_mid                    ? 
_exptl_crystal.size_min                    ? 
_exptl_crystal.size_rad                    ? 
_exptl_crystal.colour_lustre               ? 
_exptl_crystal.colour_modifier             ? 
_exptl_crystal.colour_primary              ? 
_exptl_crystal.density_meas                ? 
_exptl_crystal.density_meas_esd            ? 
_exptl_crystal.density_meas_gt             ? 
_exptl_crystal.density_meas_lt             ? 
_exptl_crystal.density_meas_temp           ? 
_exptl_crystal.density_meas_temp_esd       ? 
_exptl_crystal.density_meas_temp_gt        ? 
_exptl_crystal.density_meas_temp_lt        ? 
_exptl_crystal.pdbx_crystal_image_url      ? 
_exptl_crystal.pdbx_crystal_image_format   ? 
_exptl_crystal.pdbx_mosaicity              ? 
_exptl_crystal.pdbx_mosaicity_esd          ? 
# 
_exptl_crystal_grow.apparatus       ? 
_exptl_crystal_grow.atmosphere      ? 
_exptl_crystal_grow.crystal_id      1 
_exptl_crystal_grow.details         ? 
_exptl_crystal_grow.method          'VAPOR DIFFUSION, HANGING DROP' 
_exptl_crystal_grow.method_ref      ? 
_exptl_crystal_grow.pH              ? 
_exptl_crystal_grow.pressure        ? 
_exptl_crystal_grow.pressure_esd    ? 
_exptl_crystal_grow.seeding         ? 
_exptl_crystal_grow.seeding_ref     ? 
_exptl_crystal_grow.temp            295 
_exptl_crystal_grow.temp_details    ? 
_exptl_crystal_grow.temp_esd        ? 
_exptl_crystal_grow.time            ? 
_exptl_crystal_grow.pdbx_details    '20% (v/v) PEG 3350' 
_exptl_crystal_grow.pdbx_pH_range   ? 
# 
_diffrn.ambient_environment              ? 
_diffrn.ambient_temp                     100 
_diffrn.ambient_temp_details             ? 
_diffrn.ambient_temp_esd                 ? 
_diffrn.crystal_id                       1 
_diffrn.crystal_support                  ? 
_diffrn.crystal_treatment                ? 
_diffrn.details                          ? 
_diffrn.id                               1 
_diffrn.ambient_pressure                 ? 
_diffrn.ambient_pressure_esd             ? 
_diffrn.ambient_pressure_gt              ? 
_diffrn.ambient_pressure_lt              ? 
_diffrn.ambient_temp_gt                  ? 
_diffrn.ambient_temp_lt                  ? 
_diffrn.pdbx_serial_crystal_experiment   N 
# 
_diffrn_detector.details                      ? 
_diffrn_detector.detector                     PIXEL 
_diffrn_detector.diffrn_id                    1 
_diffrn_detector.type                         'DECTRIS EIGER X 16M' 
_diffrn_detector.area_resol_mean              ? 
_diffrn_detector.dtime                        ? 
_diffrn_detector.pdbx_frames_total            ? 
_diffrn_detector.pdbx_collection_time_total   ? 
_diffrn_detector.pdbx_collection_date         2020-09-16 
_diffrn_detector.pdbx_frequency               ? 
# 
_diffrn_radiation.collimation                      ? 
_diffrn_radiation.diffrn_id                        1 
_diffrn_radiation.filter_edge                      ? 
_diffrn_radiation.inhomogeneity                    ? 
_diffrn_radiation.monochromator                    ? 
_diffrn_radiation.polarisn_norm                    ? 
_diffrn_radiation.polarisn_ratio                   ? 
_diffrn_radiation.probe                            ? 
_diffrn_radiation.type                             ? 
_diffrn_radiation.xray_symbol                      ? 
_diffrn_radiation.wavelength_id                    1 
_diffrn_radiation.pdbx_monochromatic_or_laue_m_l   M 
_diffrn_radiation.pdbx_wavelength_list             ? 
_diffrn_radiation.pdbx_wavelength                  ? 
_diffrn_radiation.pdbx_diffrn_protocol             'SINGLE WAVELENGTH' 
_diffrn_radiation.pdbx_analyzer                    ? 
_diffrn_radiation.pdbx_scattering_type             x-ray 
# 
_diffrn_radiation_wavelength.id           1 
_diffrn_radiation_wavelength.wavelength   0.9791 
_diffrn_radiation_wavelength.wt           1.0 
# 
_diffrn_source.current                     ? 
_diffrn_source.details                     ? 
_diffrn_source.diffrn_id                   1 
_diffrn_source.power                       ? 
_diffrn_source.size                        ? 
_diffrn_source.source                      SYNCHROTRON 
_diffrn_source.target                      ? 
_diffrn_source.type                        'APS BEAMLINE 24-ID-E' 
_diffrn_source.voltage                     ? 
_diffrn_source.take-off_angle              ? 
_diffrn_source.pdbx_wavelength_list        0.9791 
_diffrn_source.pdbx_wavelength             ? 
_diffrn_source.pdbx_synchrotron_beamline   24-ID-E 
_diffrn_source.pdbx_synchrotron_site       APS 
# 
_reflns.B_iso_Wilson_estimate                          17.270 
_reflns.entry_id                                       7RWP 
_reflns.data_reduction_details                         ? 
_reflns.data_reduction_method                          ? 
_reflns.d_resolution_high                              1.73 
_reflns.d_resolution_low                               48.31 
_reflns.details                                        ? 
_reflns.limit_h_max                                    ? 
_reflns.limit_h_min                                    ? 
_reflns.limit_k_max                                    ? 
_reflns.limit_k_min                                    ? 
_reflns.limit_l_max                                    ? 
_reflns.limit_l_min                                    ? 
_reflns.number_all                                     ? 
_reflns.number_obs                                     13678 
_reflns.observed_criterion                             ? 
_reflns.observed_criterion_F_max                       ? 
_reflns.observed_criterion_F_min                       ? 
_reflns.observed_criterion_I_max                       ? 
_reflns.observed_criterion_I_min                       ? 
_reflns.observed_criterion_sigma_F                     ? 
_reflns.observed_criterion_sigma_I                     ? 
_reflns.percent_possible_obs                           98.7 
_reflns.R_free_details                                 ? 
_reflns.Rmerge_F_all                                   ? 
_reflns.Rmerge_F_obs                                   ? 
_reflns.Friedel_coverage                               ? 
_reflns.number_gt                                      ? 
_reflns.threshold_expression                           ? 
_reflns.pdbx_redundancy                                1.8 
_reflns.pdbx_Rmerge_I_obs                              0.053 
_reflns.pdbx_Rmerge_I_all                              ? 
_reflns.pdbx_Rsym_value                                ? 
_reflns.pdbx_netI_over_av_sigmaI                       ? 
_reflns.pdbx_netI_over_sigmaI                          10.7 
_reflns.pdbx_res_netI_over_av_sigmaI_2                 ? 
_reflns.pdbx_res_netI_over_sigmaI_2                    ? 
_reflns.pdbx_chi_squared                               ? 
_reflns.pdbx_scaling_rejects                           ? 
_reflns.pdbx_d_res_high_opt                            ? 
_reflns.pdbx_d_res_low_opt                             ? 
_reflns.pdbx_d_res_opt_method                          ? 
_reflns.phase_calculation_details                      ? 
_reflns.pdbx_Rrim_I_all                                ? 
_reflns.pdbx_Rpim_I_all                                ? 
_reflns.pdbx_d_opt                                     ? 
_reflns.pdbx_number_measured_all                       ? 
_reflns.pdbx_diffrn_id                                 1 
_reflns.pdbx_ordinal                                   1 
_reflns.pdbx_CC_half                                   0.998 
_reflns.pdbx_CC_star                                   ? 
_reflns.pdbx_R_split                                   ? 
_reflns.pdbx_aniso_diffraction_limit_axis_1_ortho[1]   ? 
_reflns.pdbx_aniso_diffraction_limit_axis_1_ortho[2]   ? 
_reflns.pdbx_aniso_diffraction_limit_axis_1_ortho[3]   ? 
_reflns.pdbx_aniso_diffraction_limit_axis_2_ortho[1]   ? 
_reflns.pdbx_aniso_diffraction_limit_axis_2_ortho[2]   ? 
_reflns.pdbx_aniso_diffraction_limit_axis_2_ortho[3]   ? 
_reflns.pdbx_aniso_diffraction_limit_axis_3_ortho[1]   ? 
_reflns.pdbx_aniso_diffraction_limit_axis_3_ortho[2]   ? 
_reflns.pdbx_aniso_diffraction_limit_axis_3_ortho[3]   ? 
_reflns.pdbx_aniso_diffraction_limit_1                 ? 
_reflns.pdbx_aniso_diffraction_limit_2                 ? 
_reflns.pdbx_aniso_diffraction_limit_3                 ? 
_reflns.pdbx_aniso_B_tensor_eigenvector_1_ortho[1]     ? 
_reflns.pdbx_aniso_B_tensor_eigenvector_1_ortho[2]     ? 
_reflns.pdbx_aniso_B_tensor_eigenvector_1_ortho[3]     ? 
_reflns.pdbx_aniso_B_tensor_eigenvector_2_ortho[1]     ? 
_reflns.pdbx_aniso_B_tensor_eigenvector_2_ortho[2]     ? 
_reflns.pdbx_aniso_B_tensor_eigenvector_2_ortho[3]     ? 
_reflns.pdbx_aniso_B_tensor_eigenvector_3_ortho[1]     ? 
_reflns.pdbx_aniso_B_tensor_eigenvector_3_ortho[2]     ? 
_reflns.pdbx_aniso_B_tensor_eigenvector_3_ortho[3]     ? 
_reflns.pdbx_aniso_B_tensor_eigenvalue_1               ? 
_reflns.pdbx_aniso_B_tensor_eigenvalue_2               ? 
_reflns.pdbx_aniso_B_tensor_eigenvalue_3               ? 
_reflns.pdbx_orthogonalization_convention              ? 
_reflns.pdbx_percent_possible_ellipsoidal              ? 
_reflns.pdbx_percent_possible_spherical                ? 
_reflns.pdbx_percent_possible_ellipsoidal_anomalous    ? 
_reflns.pdbx_percent_possible_spherical_anomalous      ? 
_reflns.pdbx_redundancy_anomalous                      ? 
_reflns.pdbx_CC_half_anomalous                         ? 
_reflns.pdbx_absDiff_over_sigma_anomalous              ? 
_reflns.pdbx_percent_possible_anomalous                ? 
_reflns.pdbx_observed_signal_threshold                 ? 
_reflns.pdbx_signal_type                               ? 
_reflns.pdbx_signal_details                            ? 
_reflns.pdbx_signal_software_id                        ? 
# 
_reflns_shell.d_res_high                                    1.73 
_reflns_shell.d_res_low                                     1.76 
_reflns_shell.meanI_over_sigI_all                           ? 
_reflns_shell.meanI_over_sigI_obs                           ? 
_reflns_shell.number_measured_all                           ? 
_reflns_shell.number_measured_obs                           ? 
_reflns_shell.number_possible                               ? 
_reflns_shell.number_unique_all                             ? 
_reflns_shell.number_unique_obs                             745 
_reflns_shell.percent_possible_all                          ? 
_reflns_shell.percent_possible_obs                          ? 
_reflns_shell.Rmerge_F_all                                  ? 
_reflns_shell.Rmerge_F_obs                                  ? 
_reflns_shell.Rmerge_I_all                                  ? 
_reflns_shell.Rmerge_I_obs                                  0.381 
_reflns_shell.meanI_over_sigI_gt                            ? 
_reflns_shell.meanI_over_uI_all                             ? 
_reflns_shell.meanI_over_uI_gt                              ? 
_reflns_shell.number_measured_gt                            ? 
_reflns_shell.number_unique_gt                              ? 
_reflns_shell.percent_possible_gt                           ? 
_reflns_shell.Rmerge_F_gt                                   ? 
_reflns_shell.Rmerge_I_gt                                   ? 
_reflns_shell.pdbx_redundancy                               ? 
_reflns_shell.pdbx_Rsym_value                               ? 
_reflns_shell.pdbx_chi_squared                              ? 
_reflns_shell.pdbx_netI_over_sigmaI_all                     ? 
_reflns_shell.pdbx_netI_over_sigmaI_obs                     ? 
_reflns_shell.pdbx_Rrim_I_all                               ? 
_reflns_shell.pdbx_Rpim_I_all                               ? 
_reflns_shell.pdbx_rejects                                  ? 
_reflns_shell.pdbx_ordinal                                  1 
_reflns_shell.pdbx_diffrn_id                                1 
_reflns_shell.pdbx_CC_half                                  0.731 
_reflns_shell.pdbx_CC_star                                  ? 
_reflns_shell.pdbx_R_split                                  ? 
_reflns_shell.pdbx_percent_possible_ellipsoidal             ? 
_reflns_shell.pdbx_percent_possible_spherical               ? 
_reflns_shell.pdbx_percent_possible_ellipsoidal_anomalous   ? 
_reflns_shell.pdbx_percent_possible_spherical_anomalous     ? 
_reflns_shell.pdbx_redundancy_anomalous                     ? 
_reflns_shell.pdbx_CC_half_anomalous                        ? 
_reflns_shell.pdbx_absDiff_over_sigma_anomalous             ? 
_reflns_shell.pdbx_percent_possible_anomalous               ? 
# 
_refine.aniso_B[1][1]                            ? 
_refine.aniso_B[1][2]                            ? 
_refine.aniso_B[1][3]                            ? 
_refine.aniso_B[2][2]                            ? 
_refine.aniso_B[2][3]                            ? 
_refine.aniso_B[3][3]                            ? 
_refine.B_iso_max                                63.740 
_refine.B_iso_mean                               21.5953 
_refine.B_iso_min                                9.720 
_refine.correlation_coeff_Fo_to_Fc               ? 
_refine.correlation_coeff_Fo_to_Fc_free          ? 
_refine.details                                  ? 
_refine.diff_density_max                         ? 
_refine.diff_density_max_esd                     ? 
_refine.diff_density_min                         ? 
_refine.diff_density_min_esd                     ? 
_refine.diff_density_rms                         ? 
_refine.diff_density_rms_esd                     ? 
_refine.entry_id                                 7RWP 
_refine.pdbx_refine_id                           'X-RAY DIFFRACTION' 
_refine.ls_abs_structure_details                 ? 
_refine.ls_abs_structure_Flack                   ? 
_refine.ls_abs_structure_Flack_esd               ? 
_refine.ls_abs_structure_Rogers                  ? 
_refine.ls_abs_structure_Rogers_esd              ? 
_refine.ls_d_res_high                            1.7300 
_refine.ls_d_res_low                             48.3100 
_refine.ls_extinction_coef                       ? 
_refine.ls_extinction_coef_esd                   ? 
_refine.ls_extinction_expression                 ? 
_refine.ls_extinction_method                     ? 
_refine.ls_goodness_of_fit_all                   ? 
_refine.ls_goodness_of_fit_all_esd               ? 
_refine.ls_goodness_of_fit_obs                   ? 
_refine.ls_goodness_of_fit_obs_esd               ? 
_refine.ls_hydrogen_treatment                    ? 
_refine.ls_matrix_type                           ? 
_refine.ls_number_constraints                    ? 
_refine.ls_number_parameters                     ? 
_refine.ls_number_reflns_all                     ? 
_refine.ls_number_reflns_obs                     13657 
_refine.ls_number_reflns_R_free                  658 
_refine.ls_number_reflns_R_work                  12999 
_refine.ls_number_restraints                     ? 
_refine.ls_percent_reflns_obs                    98.0800 
_refine.ls_percent_reflns_R_free                 4.8200 
_refine.ls_R_factor_all                          ? 
_refine.ls_R_factor_obs                          0.1768 
_refine.ls_R_factor_R_free                       0.2071 
_refine.ls_R_factor_R_free_error                 ? 
_refine.ls_R_factor_R_free_error_details         ? 
_refine.ls_R_factor_R_work                       0.1753 
_refine.ls_R_Fsqd_factor_obs                     ? 
_refine.ls_R_I_factor_obs                        ? 
_refine.ls_redundancy_reflns_all                 ? 
_refine.ls_redundancy_reflns_obs                 ? 
_refine.ls_restrained_S_all                      ? 
_refine.ls_restrained_S_obs                      ? 
_refine.ls_shift_over_esd_max                    ? 
_refine.ls_shift_over_esd_mean                   ? 
_refine.ls_structure_factor_coef                 ? 
_refine.ls_weighting_details                     ? 
_refine.ls_weighting_scheme                      ? 
_refine.ls_wR_factor_all                         ? 
_refine.ls_wR_factor_obs                         ? 
_refine.ls_wR_factor_R_free                      ? 
_refine.ls_wR_factor_R_work                      ? 
_refine.occupancy_max                            ? 
_refine.occupancy_min                            ? 
_refine.solvent_model_details                    'FLAT BULK SOLVENT MODEL' 
_refine.solvent_model_param_bsol                 ? 
_refine.solvent_model_param_ksol                 ? 
_refine.pdbx_R_complete                          ? 
_refine.ls_R_factor_gt                           ? 
_refine.ls_goodness_of_fit_gt                    ? 
_refine.ls_goodness_of_fit_ref                   ? 
_refine.ls_shift_over_su_max                     ? 
_refine.ls_shift_over_su_max_lt                  ? 
_refine.ls_shift_over_su_mean                    ? 
_refine.ls_shift_over_su_mean_lt                 ? 
_refine.pdbx_ls_sigma_I                          ? 
_refine.pdbx_ls_sigma_F                          1.350 
_refine.pdbx_ls_sigma_Fsqd                       ? 
_refine.pdbx_data_cutoff_high_absF               ? 
_refine.pdbx_data_cutoff_high_rms_absF           ? 
_refine.pdbx_data_cutoff_low_absF                ? 
_refine.pdbx_isotropic_thermal_model             ? 
_refine.pdbx_ls_cross_valid_method               THROUGHOUT 
_refine.pdbx_method_to_determine_struct          'MOLECULAR REPLACEMENT' 
_refine.pdbx_starting_model                      7jt4 
_refine.pdbx_stereochemistry_target_values       ML 
_refine.pdbx_R_Free_selection_details            ? 
_refine.pdbx_stereochem_target_val_spec_case     ? 
_refine.pdbx_overall_ESU_R                       ? 
_refine.pdbx_overall_ESU_R_Free                  ? 
_refine.pdbx_solvent_vdw_probe_radii             1.1100 
_refine.pdbx_solvent_ion_probe_radii             ? 
_refine.pdbx_solvent_shrinkage_radii             0.9000 
_refine.pdbx_real_space_R                        ? 
_refine.pdbx_density_correlation                 ? 
_refine.pdbx_pd_number_of_powder_patterns        ? 
_refine.pdbx_pd_number_of_points                 ? 
_refine.pdbx_pd_meas_number_of_points            ? 
_refine.pdbx_pd_proc_ls_prof_R_factor            ? 
_refine.pdbx_pd_proc_ls_prof_wR_factor           ? 
_refine.pdbx_pd_Marquardt_correlation_coeff      ? 
_refine.pdbx_pd_Fsqrd_R_factor                   ? 
_refine.pdbx_pd_ls_matrix_band_width             ? 
_refine.pdbx_overall_phase_error                 21.1300 
_refine.pdbx_overall_SU_R_free_Cruickshank_DPI   ? 
_refine.pdbx_overall_SU_R_free_Blow_DPI          ? 
_refine.pdbx_overall_SU_R_Blow_DPI               ? 
_refine.pdbx_TLS_residual_ADP_flag               ? 
_refine.pdbx_diffrn_id                           1 
_refine.overall_SU_B                             ? 
_refine.overall_SU_ML                            0.1800 
_refine.overall_SU_R_Cruickshank_DPI             ? 
_refine.overall_SU_R_free                        ? 
_refine.overall_FOM_free_R_set                   ? 
_refine.overall_FOM_work_R_set                   ? 
_refine.pdbx_average_fsc_overall                 ? 
_refine.pdbx_average_fsc_work                    ? 
_refine.pdbx_average_fsc_free                    ? 
# 
_refine_hist.pdbx_refine_id                   'X-RAY DIFFRACTION' 
_refine_hist.cycle_id                         final 
_refine_hist.details                          ? 
_refine_hist.d_res_high                       1.7300 
_refine_hist.d_res_low                        48.3100 
_refine_hist.number_atoms_solvent             199 
_refine_hist.number_atoms_total               1182 
_refine_hist.number_reflns_all                ? 
_refine_hist.number_reflns_obs                ? 
_refine_hist.number_reflns_R_free             ? 
_refine_hist.number_reflns_R_work             ? 
_refine_hist.R_factor_all                     ? 
_refine_hist.R_factor_obs                     ? 
_refine_hist.R_factor_R_free                  ? 
_refine_hist.R_factor_R_work                  ? 
_refine_hist.pdbx_number_residues_total       117 
_refine_hist.pdbx_B_iso_mean_ligand           26.42 
_refine_hist.pdbx_B_iso_mean_solvent          31.38 
_refine_hist.pdbx_number_atoms_protein        964 
_refine_hist.pdbx_number_atoms_nucleic_acid   0 
_refine_hist.pdbx_number_atoms_ligand         19 
_refine_hist.pdbx_number_atoms_lipid          ? 
_refine_hist.pdbx_number_atoms_carb           ? 
_refine_hist.pdbx_pseudo_atom_details         ? 
# 
loop_
_refine_ls_shell.pdbx_refine_id 
_refine_ls_shell.d_res_high 
_refine_ls_shell.d_res_low 
_refine_ls_shell.number_reflns_all 
_refine_ls_shell.number_reflns_obs 
_refine_ls_shell.number_reflns_R_free 
_refine_ls_shell.number_reflns_R_work 
_refine_ls_shell.percent_reflns_obs 
_refine_ls_shell.percent_reflns_R_free 
_refine_ls_shell.R_factor_all 
_refine_ls_shell.R_factor_obs 
_refine_ls_shell.R_factor_R_free 
_refine_ls_shell.R_factor_R_free_error 
_refine_ls_shell.R_factor_R_work 
_refine_ls_shell.redundancy_reflns_all 
_refine_ls_shell.redundancy_reflns_obs 
_refine_ls_shell.wR_factor_all 
_refine_ls_shell.wR_factor_obs 
_refine_ls_shell.wR_factor_R_free 
_refine_ls_shell.wR_factor_R_work 
_refine_ls_shell.pdbx_R_complete 
_refine_ls_shell.pdbx_total_number_of_bins_used 
_refine_ls_shell.pdbx_phase_error 
_refine_ls_shell.pdbx_fsc_work 
_refine_ls_shell.pdbx_fsc_free 
'X-RAY DIFFRACTION' 1.7300 1.8600  2710 . 128 2582 100.0000 . . . 0.2739 0.0000 0.2383 . . . . . . . 5 . . . 
'X-RAY DIFFRACTION' 1.8600 2.0500  2713 . 113 2600 99.0000  . . . 0.2184 0.0000 0.1917 . . . . . . . 5 . . . 
'X-RAY DIFFRACTION' 2.0500 2.3500  2718 . 136 2582 99.0000  . . . 0.2165 0.0000 0.1745 . . . . . . . 5 . . . 
'X-RAY DIFFRACTION' 2.3500 2.9600  2753 . 146 2607 99.0000  . . . 0.1895 0.0000 0.1744 . . . . . . . 5 . . . 
'X-RAY DIFFRACTION' 2.9600 48.3100 2763 . 135 2628 94.0000  . . . 0.1980 0.0000 0.1594 . . . . . . . 5 . . . 
# 
_struct.entry_id                     7RWP 
_struct.title                        
'Crystal Structure of BPTF bromodomain in complex with 5-[4-(aminomethyl)anilino]-4-chloro-2-methylpyridazin-3(2H)-one' 
_struct.pdbx_model_details           ? 
_struct.pdbx_formula_weight          ? 
_struct.pdbx_formula_weight_method   ? 
_struct.pdbx_model_type_details      ? 
_struct.pdbx_CASP_flag               N 
# 
_struct_keywords.entry_id        7RWP 
_struct_keywords.text            'BRD4, GENE REGULATION, GENE REGULATION-INHIBITOR complex' 
_struct_keywords.pdbx_keywords   'GENE REGULATION/INHIBITOR' 
# 
loop_
_struct_asym.id 
_struct_asym.pdbx_blank_PDB_chainid_flag 
_struct_asym.pdbx_modified 
_struct_asym.entity_id 
_struct_asym.details 
A N N 1 ? 
B N N 2 ? 
C N N 3 ? 
D N N 4 ? 
# 
loop_
_struct_conf.conf_type_id 
_struct_conf.id 
_struct_conf.pdbx_PDB_helix_id 
_struct_conf.beg_label_comp_id 
_struct_conf.beg_label_asym_id 
_struct_conf.beg_label_seq_id 
_struct_conf.pdbx_beg_PDB_ins_code 
_struct_conf.end_label_comp_id 
_struct_conf.end_label_asym_id 
_struct_conf.end_label_seq_id 
_struct_conf.pdbx_end_PDB_ins_code 
_struct_conf.beg_auth_comp_id 
_struct_conf.beg_auth_asym_id 
_struct_conf.beg_auth_seq_id 
_struct_conf.end_auth_comp_id 
_struct_conf.end_auth_asym_id 
_struct_conf.end_auth_seq_id 
_struct_conf.pdbx_PDB_helix_class 
_struct_conf.details 
_struct_conf.pdbx_PDB_helix_length 
HELX_P HELX_P1 AA1 ASP A 14  ? THR A 20  ? ASP A 2920 THR A 2926 1 ? 7  
HELX_P HELX_P2 AA2 THR A 23  ? ALA A 39  ? THR A 2929 ALA A 2945 1 ? 17 
HELX_P HELX_P3 AA3 HIS A 40  ? LEU A 47  ? HIS A 2946 LEU A 2953 5 ? 8  
HELX_P HELX_P4 AA4 ASP A 57  ? ILE A 62  ? ASP A 2963 ILE A 2968 1 ? 6  
HELX_P HELX_P5 AA5 ASP A 67  ? ARG A 78  ? ASP A 2973 ARG A 2984 1 ? 12 
HELX_P HELX_P6 AA6 LYS A 82  ? ASN A 101 ? LYS A 2988 ASN A 3007 1 ? 20 
HELX_P HELX_P7 AA7 SER A 105 ? ARG A 129 ? SER A 3011 ARG A 3035 1 ? 25 
# 
_struct_conf_type.id          HELX_P 
_struct_conf_type.criteria    ? 
_struct_conf_type.reference   ? 
# 
loop_
_struct_conn.id 
_struct_conn.conn_type_id 
_struct_conn.pdbx_leaving_atom_flag 
_struct_conn.pdbx_PDB_id 
_struct_conn.ptnr1_label_asym_id 
_struct_conn.ptnr1_label_comp_id 
_struct_conn.ptnr1_label_seq_id 
_struct_conn.ptnr1_label_atom_id 
_struct_conn.pdbx_ptnr1_label_alt_id 
_struct_conn.pdbx_ptnr1_PDB_ins_code 
_struct_conn.pdbx_ptnr1_standard_comp_id 
_struct_conn.ptnr1_symmetry 
_struct_conn.ptnr2_label_asym_id 
_struct_conn.ptnr2_label_comp_id 
_struct_conn.ptnr2_label_seq_id 
_struct_conn.ptnr2_label_atom_id 
_struct_conn.pdbx_ptnr2_label_alt_id 
_struct_conn.pdbx_ptnr2_PDB_ins_code 
_struct_conn.ptnr1_auth_asym_id 
_struct_conn.ptnr1_auth_comp_id 
_struct_conn.ptnr1_auth_seq_id 
_struct_conn.ptnr2_auth_asym_id 
_struct_conn.ptnr2_auth_comp_id 
_struct_conn.ptnr2_auth_seq_id 
_struct_conn.ptnr2_symmetry 
_struct_conn.pdbx_ptnr3_label_atom_id 
_struct_conn.pdbx_ptnr3_label_seq_id 
_struct_conn.pdbx_ptnr3_label_comp_id 
_struct_conn.pdbx_ptnr3_label_asym_id 
_struct_conn.pdbx_ptnr3_label_alt_id 
_struct_conn.pdbx_ptnr3_PDB_ins_code 
_struct_conn.details 
_struct_conn.pdbx_dist_value 
_struct_conn.pdbx_value_order 
_struct_conn.pdbx_role 
metalc1 metalc ? ? A ASP 95 OD2 ? ? ? 1_555 C CA  . CA ? ? A ASP 3001 A CA  3102 1_555 ? ? ? ? ? ? ? 2.127 ? ? 
metalc2 metalc ? ? C CA  .  CA  ? ? ? 1_555 D HOH . O  ? ? A CA  3102 A HOH 3217 2_555 ? ? ? ? ? ? ? 2.217 ? ? 
metalc3 metalc ? ? C CA  .  CA  ? ? ? 1_555 D HOH . O  ? ? A CA  3102 A HOH 3222 2_555 ? ? ? ? ? ? ? 2.199 ? ? 
metalc4 metalc ? ? C CA  .  CA  ? ? ? 1_555 D HOH . O  ? ? A CA  3102 A HOH 3313 1_555 ? ? ? ? ? ? ? 2.247 ? ? 
metalc5 metalc ? ? C CA  .  CA  ? ? ? 1_555 D HOH . O  ? ? A CA  3102 A HOH 3314 1_555 ? ? ? ? ? ? ? 2.233 ? ? 
metalc6 metalc ? ? C CA  .  CA  ? ? ? 1_555 D HOH . O  ? ? A CA  3102 A HOH 3333 2_555 ? ? ? ? ? ? ? 2.392 ? ? 
# 
_struct_conn_type.id          metalc 
_struct_conn_type.criteria    ? 
_struct_conn_type.reference   ? 
# 
_atom_sites.entry_id                    7RWP 
_atom_sites.Cartn_transf_matrix[1][1]   ? 
_atom_sites.Cartn_transf_matrix[1][2]   ? 
_atom_sites.Cartn_transf_matrix[1][3]   ? 
_atom_sites.Cartn_transf_matrix[2][1]   ? 
_atom_sites.Cartn_transf_matrix[2][2]   ? 
_atom_sites.Cartn_transf_matrix[2][3]   ? 
_atom_sites.Cartn_transf_matrix[3][1]   ? 
_atom_sites.Cartn_transf_matrix[3][2]   ? 
_atom_sites.Cartn_transf_matrix[3][3]   ? 
_atom_sites.Cartn_transf_vector[1]      ? 
_atom_sites.Cartn_transf_vector[2]      ? 
_atom_sites.Cartn_transf_vector[3]      ? 
_atom_sites.fract_transf_matrix[1][1]   0.02281135 
_atom_sites.fract_transf_matrix[1][2]   -0.00591943 
_atom_sites.fract_transf_matrix[1][3]   0.02833928 
_atom_sites.fract_transf_matrix[2][1]   -0.00094469 
_atom_sites.fract_transf_matrix[2][2]   0.01455729 
_atom_sites.fract_transf_matrix[2][3]   0.00380111 
_atom_sites.fract_transf_matrix[3][1]   -0.01110483 
_atom_sites.fract_transf_matrix[3][2]   -0.00289667 
_atom_sites.fract_transf_matrix[3][3]   0.00833364 
_atom_sites.fract_transf_vector[1]      -0.096732 
_atom_sites.fract_transf_vector[2]      -0.171039 
_atom_sites.fract_transf_vector[3]      0.140327 
_atom_sites.solution_primary            ? 
_atom_sites.solution_secondary          ? 
_atom_sites.solution_hydrogens          ? 
_atom_sites.special_details             ? 
# 
loop_
_atom_type.symbol 
C  
CA 
CL 
N  
O  
S  
# 
loop_
_atom_site.group_PDB 
_atom_site.id 
_atom_site.type_symbol 
_atom_site.label_atom_id 
_atom_site.label_alt_id 
_atom_site.label_comp_id 
_atom_site.label_asym_id 
_atom_site.label_entity_id 
_atom_site.label_seq_id 
_atom_site.pdbx_PDB_ins_code 
_atom_site.Cartn_x 
_atom_site.Cartn_y 
_atom_site.Cartn_z 
_atom_site.occupancy 
_atom_site.B_iso_or_equiv 
_atom_site.pdbx_formal_charge 
_atom_site.auth_seq_id 
_atom_site.auth_comp_id 
_atom_site.auth_asym_id 
_atom_site.auth_atom_id 
_atom_site.pdbx_PDB_model_num 
ATOM   1    N  N    . ASP A 1 14  ? 15.202  -8.600  -3.322  1.00 59.68 ?  2920 ASP A N    1 
ATOM   2    C  CA   . ASP A 1 14  ? 16.252  -9.485  -3.811  1.00 39.62 ?  2920 ASP A CA   1 
ATOM   3    C  C    . ASP A 1 14  ? 15.786  -10.231 -5.060  1.00 44.83 ?  2920 ASP A C    1 
ATOM   4    O  O    . ASP A 1 14  ? 14.888  -9.769  -5.778  1.00 42.80 ?  2920 ASP A O    1 
ATOM   5    C  CB   . ASP A 1 14  ? 16.676  -10.488 -2.730  1.00 37.36 ?  2920 ASP A CB   1 
ATOM   6    C  CG   . ASP A 1 14  ? 15.535  -11.398 -2.265  1.00 44.05 ?  2920 ASP A CG   1 
ATOM   7    O  OD1  . ASP A 1 14  ? 14.371  -11.245 -2.722  1.00 38.36 ?  2920 ASP A OD1  1 
ATOM   8    O  OD2  . ASP A 1 14  ? 15.818  -12.296 -1.437  1.00 44.25 -1 2920 ASP A OD2  1 
ATOM   9    N  N    . ALA A 1 15  ? 16.391  -11.395 -5.303  1.00 38.63 ?  2921 ALA A N    1 
ATOM   10   C  CA   . ALA A 1 15  ? 16.044  -12.176 -6.484  1.00 40.32 ?  2921 ALA A CA   1 
ATOM   11   C  C    . ALA A 1 15  ? 14.602  -12.671 -6.413  1.00 41.33 ?  2921 ALA A C    1 
ATOM   12   O  O    . ALA A 1 15  ? 13.833  -12.510 -7.369  1.00 35.94 ?  2921 ALA A O    1 
ATOM   13   C  CB   . ALA A 1 15  ? 17.015  -13.349 -6.634  1.00 42.19 ?  2921 ALA A CB   1 
ATOM   14   N  N    . MET A 1 16  ? 14.223  -13.274 -5.278  1.00 30.35 ?  2922 MET A N    1 
ATOM   15   C  CA   . MET A 1 16  ? 12.883  -13.826 -5.121  1.00 26.48 ?  2922 MET A CA   1 
ATOM   16   C  C    . MET A 1 16  ? 11.813  -12.759 -5.358  1.00 28.96 ?  2922 MET A C    1 
ATOM   17   O  O    . MET A 1 16  ? 10.832  -12.997 -6.073  1.00 22.43 ?  2922 MET A O    1 
ATOM   18   C  CB   A MET A 1 16  ? 12.745  -14.439 -3.725  0.66 29.77 ?  2922 MET A CB   1 
ATOM   19   C  CB   B MET A 1 16  ? 12.744  -14.439 -3.726  0.34 29.81 ?  2922 MET A CB   1 
ATOM   20   C  CG   . MET A 1 16  ? 12.014  -15.767 -3.691  1.00 37.79 ?  2922 MET A CG   1 
ATOM   21   S  SD   . MET A 1 16  ? 11.949  -16.512 -2.033  1.00 50.74 ?  2922 MET A SD   1 
ATOM   22   C  CE   . MET A 1 16  ? 10.417  -17.447 -2.204  1.00 34.93 ?  2922 MET A CE   1 
ATOM   23   N  N    . THR A 1 17  ? 12.014  -11.560 -4.799  1.00 29.67 ?  2923 THR A N    1 
ATOM   24   C  CA   . THR A 1 17  ? 11.045  -10.478 -4.945  1.00 23.33 ?  2923 THR A CA   1 
ATOM   25   C  C    . THR A 1 17  ? 10.777  -10.152 -6.415  1.00 26.85 ?  2923 THR A C    1 
ATOM   26   O  O    . THR A 1 17  ? 9.620   -9.979  -6.824  1.00 23.25 ?  2923 THR A O    1 
ATOM   27   C  CB   . THR A 1 17  ? 11.552  -9.249  -4.186  1.00 26.94 ?  2923 THR A CB   1 
ATOM   28   O  OG1  . THR A 1 17  ? 11.789  -9.614  -2.818  1.00 23.44 ?  2923 THR A OG1  1 
ATOM   29   C  CG2  . THR A 1 17  ? 10.564  -8.079  -4.261  1.00 25.12 ?  2923 THR A CG2  1 
ATOM   30   N  N    . VAL A 1 18  ? 11.833  -10.110 -7.231  1.00 27.37 ?  2924 VAL A N    1 
ATOM   31   C  CA   . VAL A 1 18  ? 11.700  -9.734  -8.636  1.00 31.97 ?  2924 VAL A CA   1 
ATOM   32   C  C    . VAL A 1 18  ? 11.157  -10.888 -9.479  1.00 26.92 ?  2924 VAL A C    1 
ATOM   33   O  O    . VAL A 1 18  ? 10.304  -10.684 -10.356 1.00 26.38 ?  2924 VAL A O    1 
ATOM   34   C  CB   . VAL A 1 18  ? 13.064  -9.238  -9.158  1.00 30.68 ?  2924 VAL A CB   1 
ATOM   35   C  CG1  . VAL A 1 18  ? 13.057  -9.093  -10.679 1.00 33.84 ?  2924 VAL A CG1  1 
ATOM   36   C  CG2  . VAL A 1 18  ? 13.432  -7.919  -8.493  1.00 31.85 ?  2924 VAL A CG2  1 
ATOM   37   N  N    . LEU A 1 19  ? 11.629  -12.114 -9.232  1.00 26.73 ?  2925 LEU A N    1 
ATOM   38   C  CA   . LEU A 1 19  ? 11.479  -13.193 -10.199 1.00 28.29 ?  2925 LEU A CA   1 
ATOM   39   C  C    . LEU A 1 19  ? 10.410  -14.223 -9.845  1.00 25.92 ?  2925 LEU A C    1 
ATOM   40   O  O    . LEU A 1 19  ? 9.778   -14.768 -10.753 1.00 24.80 ?  2925 LEU A O    1 
ATOM   41   C  CB   . LEU A 1 19  ? 12.823  -13.915 -10.383 1.00 35.61 ?  2925 LEU A CB   1 
ATOM   42   C  CG   . LEU A 1 19  ? 13.004  -14.874 -11.563 1.00 44.50 ?  2925 LEU A CG   1 
ATOM   43   C  CD1  . LEU A 1 19  ? 12.954  -14.106 -12.874 1.00 43.76 ?  2925 LEU A CD1  1 
ATOM   44   C  CD2  . LEU A 1 19  ? 14.325  -15.651 -11.441 1.00 39.07 ?  2925 LEU A CD2  1 
ATOM   45   N  N    . THR A 1 20  ? 10.161  -14.489 -8.563  1.00 23.96 ?  2926 THR A N    1 
ATOM   46   C  CA   . THR A 1 20  ? 9.406   -15.678 -8.184  1.00 23.75 ?  2926 THR A CA   1 
ATOM   47   C  C    . THR A 1 20  ? 7.922   -15.358 -8.166  1.00 23.84 ?  2926 THR A C    1 
ATOM   48   O  O    . THR A 1 20  ? 7.503   -14.454 -7.430  1.00 22.22 ?  2926 THR A O    1 
ATOM   49   C  CB   . THR A 1 20  ? 9.847   -16.190 -6.826  1.00 24.75 ?  2926 THR A CB   1 
ATOM   50   O  OG1  . THR A 1 20  ? 11.181  -16.692 -6.942  1.00 28.43 ?  2926 THR A OG1  1 
ATOM   51   C  CG2  . THR A 1 20  ? 8.952   -17.350 -6.366  1.00 23.57 ?  2926 THR A CG2  1 
ATOM   52   N  N    . PRO A 1 21  ? 7.103   -16.054 -8.945  1.00 20.47 ?  2927 PRO A N    1 
ATOM   53   C  CA   . PRO A 1 21  ? 5.668   -15.753 -8.965  1.00 18.28 ?  2927 PRO A CA   1 
ATOM   54   C  C    . PRO A 1 21  ? 5.059   -15.940 -7.582  1.00 16.03 ?  2927 PRO A C    1 
ATOM   55   O  O    . PRO A 1 21  ? 5.451   -16.827 -6.824  1.00 18.84 ?  2927 PRO A O    1 
ATOM   56   C  CB   . PRO A 1 21  ? 5.103   -16.760 -9.980  1.00 22.80 ?  2927 PRO A CB   1 
ATOM   57   C  CG   . PRO A 1 21  ? 6.314   -17.239 -10.763 1.00 21.39 ?  2927 PRO A CG   1 
ATOM   58   C  CD   . PRO A 1 21  ? 7.470   -17.160 -9.844  1.00 25.16 ?  2927 PRO A CD   1 
ATOM   59   N  N    . LEU A 1 22  ? 4.109   -15.077 -7.245  1.00 16.96 ?  2928 LEU A N    1 
ATOM   60   C  CA   . LEU A 1 22  ? 3.439   -15.194 -5.959  1.00 14.28 ?  2928 LEU A CA   1 
ATOM   61   C  C    . LEU A 1 22  ? 2.553   -16.438 -5.965  1.00 18.70 ?  2928 LEU A C    1 
ATOM   62   O  O    . LEU A 1 22  ? 1.795   -16.669 -6.916  1.00 19.76 ?  2928 LEU A O    1 
ATOM   63   C  CB   . LEU A 1 22  ? 2.600   -13.939 -5.696  1.00 13.77 ?  2928 LEU A CB   1 
ATOM   64   C  CG   . LEU A 1 22  ? 3.433   -12.687 -5.419  1.00 16.48 ?  2928 LEU A CG   1 
ATOM   65   C  CD1  . LEU A 1 22  ? 2.553   -11.455 -5.555  1.00 16.84 ?  2928 LEU A CD1  1 
ATOM   66   C  CD2  . LEU A 1 22  ? 4.033   -12.750 -4.040  1.00 15.06 ?  2928 LEU A CD2  1 
ATOM   67   N  N    . THR A 1 23  ? 2.652   -17.237 -4.911  1.00 16.06 ?  2929 THR A N    1 
ATOM   68   C  CA   . THR A 1 23  ? 1.846   -18.433 -4.725  1.00 14.41 ?  2929 THR A CA   1 
ATOM   69   C  C    . THR A 1 23  ? 0.644   -18.143 -3.829  1.00 16.63 ?  2929 THR A C    1 
ATOM   70   O  O    . THR A 1 23  ? 0.538   -17.077 -3.218  1.00 12.27 ?  2929 THR A O    1 
ATOM   71   C  CB   . THR A 1 23  ? 2.701   -19.536 -4.102  1.00 16.77 ?  2929 THR A CB   1 
ATOM   72   O  OG1  . THR A 1 23  ? 3.108   -19.118 -2.795  1.00 16.85 ?  2929 THR A OG1  1 
ATOM   73   C  CG2  . THR A 1 23  ? 3.937   -19.819 -4.946  1.00 19.22 ?  2929 THR A CG2  1 
ATOM   74   N  N    . GLU A 1 24  ? -0.259  -19.131 -3.724  1.00 14.91 ?  2930 GLU A N    1 
ATOM   75   C  CA   . GLU A 1 24  ? -1.331  -19.024 -2.733  1.00 15.59 ?  2930 GLU A CA   1 
ATOM   76   C  C    . GLU A 1 24  ? -0.764  -18.848 -1.333  1.00 12.95 ?  2930 GLU A C    1 
ATOM   77   O  O    . GLU A 1 24  ? -1.270  -18.044 -0.541  1.00 12.92 ?  2930 GLU A O    1 
ATOM   78   C  CB   . GLU A 1 24  ? -2.239  -20.258 -2.792  1.00 19.11 ?  2930 GLU A CB   1 
ATOM   79   C  CG   . GLU A 1 24  ? -3.194  -20.230 -3.989  1.00 19.24 ?  2930 GLU A CG   1 
ATOM   80   C  CD   . GLU A 1 24  ? -4.225  -19.095 -3.906  1.00 23.50 ?  2930 GLU A CD   1 
ATOM   81   O  OE1  . GLU A 1 24  ? -4.934  -18.994 -2.884  1.00 20.43 ?  2930 GLU A OE1  1 
ATOM   82   O  OE2  . GLU A 1 24  ? -4.331  -18.305 -4.867  1.00 21.52 -1 2930 GLU A OE2  1 
ATOM   83   N  N    . LYS A 1 25  ? 0.288   -19.594 -1.005  1.00 12.69 ?  2931 LYS A N    1 
ATOM   84   C  CA   . LYS A 1 25  ? 0.925   -19.408 0.293   1.00 11.39 ?  2931 LYS A CA   1 
ATOM   85   C  C    . LYS A 1 25  ? 1.411   -17.971 0.465   1.00 15.59 ?  2931 LYS A C    1 
ATOM   86   O  O    . LYS A 1 25  ? 1.218   -17.372 1.532   1.00 16.37 ?  2931 LYS A O    1 
ATOM   87   C  CB   . LYS A 1 25  ? 2.073   -20.406 0.447   1.00 12.80 ?  2931 LYS A CB   1 
ATOM   88   C  CG   . LYS A 1 25  ? 2.885   -20.245 1.745   1.00 21.43 ?  2931 LYS A CG   1 
ATOM   89   C  CD   . LYS A 1 25  ? 4.029   -21.253 1.753   1.00 32.04 ?  2931 LYS A CD   1 
ATOM   90   C  CE   . LYS A 1 25  ? 5.402   -20.598 1.780   1.00 39.89 ?  2931 LYS A CE   1 
ATOM   91   N  NZ   . LYS A 1 25  ? 5.642   -19.796 3.006   1.00 38.68 ?  2931 LYS A NZ   1 
ATOM   92   N  N    . ASP A 1 26  ? 2.058   -17.408 -0.566  1.00 13.08 ?  2932 ASP A N    1 
ATOM   93   C  CA   . ASP A 1 26  ? 2.485   -16.010 -0.486  1.00 12.44 ?  2932 ASP A CA   1 
ATOM   94   C  C    . ASP A 1 26  ? 1.300   -15.088 -0.236  1.00 15.52 ?  2932 ASP A C    1 
ATOM   95   O  O    . ASP A 1 26  ? 1.419   -14.106 0.503   1.00 14.10 ?  2932 ASP A O    1 
ATOM   96   C  CB   . ASP A 1 26  ? 3.195   -15.567 -1.773  1.00 12.41 ?  2932 ASP A CB   1 
ATOM   97   C  CG   . ASP A 1 26  ? 4.530   -16.264 -1.997  1.00 16.44 ?  2932 ASP A CG   1 
ATOM   98   O  OD1  . ASP A 1 26  ? 5.231   -16.566 -0.999  1.00 21.23 ?  2932 ASP A OD1  1 
ATOM   99   O  OD2  . ASP A 1 26  ? 4.864   -16.519 -3.180  1.00 16.87 -1 2932 ASP A OD2  1 
ATOM   100  N  N    . TYR A 1 27  ? 0.154   -15.363 -0.878  1.00 12.64 ?  2933 TYR A N    1 
ATOM   101  C  CA   . TYR A 1 27  ? -1.000  -14.477 -0.745  1.00 12.96 ?  2933 TYR A CA   1 
ATOM   102  C  C    . TYR A 1 27  ? -1.588  -14.490 0.665   1.00 13.54 ?  2933 TYR A C    1 
ATOM   103  O  O    . TYR A 1 27  ? -2.216  -13.507 1.083   1.00 12.44 ?  2933 TYR A O    1 
ATOM   104  C  CB   . TYR A 1 27  ? -2.058  -14.854 -1.791  1.00 12.33 ?  2933 TYR A CB   1 
ATOM   105  C  CG   . TYR A 1 27  ? -1.976  -13.991 -3.014  1.00 12.61 ?  2933 TYR A CG   1 
ATOM   106  C  CD1  . TYR A 1 27  ? -2.686  -12.792 -3.091  1.00 15.84 ?  2933 TYR A CD1  1 
ATOM   107  C  CD2  . TYR A 1 27  ? -1.120  -14.322 -4.057  1.00 15.19 ?  2933 TYR A CD2  1 
ATOM   108  C  CE1  . TYR A 1 27  ? -2.592  -11.980 -4.197  1.00 19.12 ?  2933 TYR A CE1  1 
ATOM   109  C  CE2  . TYR A 1 27  ? -1.022  -13.513 -5.184  1.00 20.25 ?  2933 TYR A CE2  1 
ATOM   110  C  CZ   . TYR A 1 27  ? -1.756  -12.348 -5.241  1.00 16.88 ?  2933 TYR A CZ   1 
ATOM   111  O  OH   . TYR A 1 27  ? -1.668  -11.551 -6.341  1.00 16.18 ?  2933 TYR A OH   1 
ATOM   112  N  N    . GLU A 1 28  ? -1.424  -15.578 1.422   1.00 12.53 ?  2934 GLU A N    1 
ATOM   113  C  CA   . GLU A 1 28  ? -1.803  -15.518 2.830   1.00 12.94 ?  2934 GLU A CA   1 
ATOM   114  C  C    . GLU A 1 28  ? -0.950  -14.498 3.566   1.00 18.34 ?  2934 GLU A C    1 
ATOM   115  O  O    . GLU A 1 28  ? -1.449  -13.744 4.413   1.00 18.75 ?  2934 GLU A O    1 
ATOM   116  C  CB   . GLU A 1 28  ? -1.658  -16.891 3.489   1.00 16.87 ?  2934 GLU A CB   1 
ATOM   117  C  CG   . GLU A 1 28  ? -2.186  -16.970 4.945   1.00 18.83 ?  2934 GLU A CG   1 
ATOM   118  C  CD   . GLU A 1 28  ? -1.133  -16.595 6.000   1.00 24.98 ?  2934 GLU A CD   1 
ATOM   119  O  OE1  . GLU A 1 28  ? 0.087   -16.757 5.739   1.00 25.36 ?  2934 GLU A OE1  1 
ATOM   120  O  OE2  . GLU A 1 28  ? -1.528  -16.163 7.117   1.00 24.28 -1 2934 GLU A OE2  1 
ATOM   121  N  N    . GLY A 1 29  ? 0.340   -14.442 3.237   1.00 16.19 ?  2935 GLY A N    1 
ATOM   122  C  CA   . GLY A 1 29  ? 1.210   -13.463 3.866   1.00 14.95 ?  2935 GLY A CA   1 
ATOM   123  C  C    . GLY A 1 29  ? 0.868   -12.051 3.433   1.00 15.27 ?  2935 GLY A C    1 
ATOM   124  O  O    . GLY A 1 29  ? 0.895   -11.122 4.245   1.00 15.97 ?  2935 GLY A O    1 
ATOM   125  N  N    . LEU A 1 30  ? 0.512   -11.872 2.150   1.00 13.57 ?  2936 LEU A N    1 
ATOM   126  C  CA   . LEU A 1 30  ? 0.137   -10.546 1.657   1.00 13.37 ?  2936 LEU A CA   1 
ATOM   127  C  C    . LEU A 1 30  ? -1.142  -10.058 2.323   1.00 14.78 ?  2936 LEU A C    1 
ATOM   128  O  O    . LEU A 1 30  ? -1.266  -8.868  2.647   1.00 15.37 ?  2936 LEU A O    1 
ATOM   129  C  CB   . LEU A 1 30  ? -0.026  -10.569 0.131   1.00 16.54 ?  2936 LEU A CB   1 
ATOM   130  C  CG   . LEU A 1 30  ? 1.203   -10.802 -0.770  1.00 16.24 ?  2936 LEU A CG   1 
ATOM   131  C  CD1  . LEU A 1 30  ? 0.858   -10.604 -2.269  1.00 17.80 ?  2936 LEU A CD1  1 
ATOM   132  C  CD2  . LEU A 1 30  ? 2.385   -9.905  -0.357  1.00 17.60 ?  2936 LEU A CD2  1 
ATOM   133  N  N    . LYS A 1 31  ? -2.110  -10.955 2.537   1.00 14.53 ?  2937 LYS A N    1 
ATOM   134  C  CA   . LYS A 1 31  ? -3.337  -10.548 3.202   1.00 16.27 ?  2937 LYS A CA   1 
ATOM   135  C  C    . LYS A 1 31  ? -3.050  -10.119 4.630   1.00 14.32 ?  2937 LYS A C    1 
ATOM   136  O  O    . LYS A 1 31  ? -3.630  -9.143  5.118   1.00 14.96 ?  2937 LYS A O    1 
ATOM   137  C  CB   . LYS A 1 31  ? -4.380  -11.673 3.166   1.00 16.63 ?  2937 LYS A CB   1 
ATOM   138  C  CG   . LYS A 1 31  ? -5.741  -11.201 3.651   1.00 18.92 ?  2937 LYS A CG   1 
ATOM   139  C  CD   . LYS A 1 31  ? -6.723  -12.348 3.781   1.00 18.65 ?  2937 LYS A CD   1 
ATOM   140  C  CE   . LYS A 1 31  ? -8.130  -11.862 4.107   1.00 23.13 ?  2937 LYS A CE   1 
ATOM   141  N  NZ   . LYS A 1 31  ? -8.909  -13.012 4.682   1.00 25.96 ?  2937 LYS A NZ   1 
ATOM   142  N  N    . ARG A 1 32  ? -2.129  -10.830 5.305   1.00 17.44 ?  2938 ARG A N    1 
ATOM   143  C  CA   . ARG A 1 32  ? -1.742  -10.482 6.671   1.00 15.82 ?  2938 ARG A CA   1 
ATOM   144  C  C    . ARG A 1 32  ? -1.095  -9.104  6.736   1.00 14.54 ?  2938 ARG A C    1 
ATOM   145  O  O    . ARG A 1 32  ? -1.361  -8.320  7.662   1.00 16.50 ?  2938 ARG A O    1 
ATOM   146  C  CB   . ARG A 1 32  ? -0.775  -11.534 7.217   1.00 21.74 ?  2938 ARG A CB   1 
ATOM   147  C  CG   . ARG A 1 32  ? -0.778  -11.663 8.726   1.00 32.46 ?  2938 ARG A CG   1 
ATOM   148  C  CD   . ARG A 1 32  ? -0.736  -13.116 9.200   1.00 36.83 ?  2938 ARG A CD   1 
ATOM   149  N  NE   . ARG A 1 32  ? -0.051  -14.015 8.272   1.00 33.22 ?  2938 ARG A NE   1 
ATOM   150  C  CZ   . ARG A 1 32  ? 1.256   -14.012 8.040   1.00 38.62 ?  2938 ARG A CZ   1 
ATOM   151  N  NH1  . ARG A 1 32  ? 2.052   -13.114 8.598   1.00 38.59 ?  2938 ARG A NH1  1 
ATOM   152  N  NH2  . ARG A 1 32  ? 1.778   -14.929 7.216   1.00 23.04 ?  2938 ARG A NH2  1 
ATOM   153  N  N    . VAL A 1 33  ? -0.210  -8.799  5.785   1.00 14.64 ?  2939 VAL A N    1 
ATOM   154  C  CA   . VAL A 1 33  ? 0.409   -7.473  5.747   1.00 14.66 ?  2939 VAL A CA   1 
ATOM   155  C  C    . VAL A 1 33  ? -0.650  -6.406  5.533   1.00 15.32 ?  2939 VAL A C    1 
ATOM   156  O  O    . VAL A 1 33  ? -0.687  -5.374  6.227   1.00 16.33 ?  2939 VAL A O    1 
ATOM   157  C  CB   . VAL A 1 33  ? 1.482   -7.429  4.645   1.00 17.73 ?  2939 VAL A CB   1 
ATOM   158  C  CG1  . VAL A 1 33  ? 2.012   -5.999  4.462   1.00 17.91 ?  2939 VAL A CG1  1 
ATOM   159  C  CG2  . VAL A 1 33  ? 2.612   -8.387  4.994   1.00 20.71 ?  2939 VAL A CG2  1 
ATOM   160  N  N    . LEU A 1 34  ? -1.529  -6.635  4.562   1.00 12.77 ?  2940 LEU A N    1 
ATOM   161  C  CA   . LEU A 1 34  ? -2.556  -5.652  4.260   1.00 11.68 ?  2940 LEU A CA   1 
ATOM   162  C  C    . LEU A 1 34  ? -3.459  -5.422  5.474   1.00 13.76 ?  2940 LEU A C    1 
ATOM   163  O  O    . LEU A 1 34  ? -3.760  -4.276  5.834   1.00 13.42 ?  2940 LEU A O    1 
ATOM   164  C  CB   . LEU A 1 34  ? -3.344  -6.108  3.035   1.00 13.59 ?  2940 LEU A CB   1 
ATOM   165  C  CG   . LEU A 1 34  ? -4.482  -5.180  2.680   1.00 20.37 ?  2940 LEU A CG   1 
ATOM   166  C  CD1  . LEU A 1 34  ? -3.914  -3.950  1.991   1.00 25.27 ?  2940 LEU A CD1  1 
ATOM   167  C  CD2  . LEU A 1 34  ? -5.406  -5.934  1.762   1.00 26.76 ?  2940 LEU A CD2  1 
ATOM   168  N  N    . ARG A 1 35  ? -3.878  -6.509  6.135   1.00 14.03 ?  2941 ARG A N    1 
ATOM   169  C  CA   . ARG A 1 35  ? -4.724  -6.379  7.313   1.00 14.20 ?  2941 ARG A CA   1 
ATOM   170  C  C    . ARG A 1 35  ? -4.029  -5.602  8.419   1.00 14.95 ?  2941 ARG A C    1 
ATOM   171  O  O    . ARG A 1 35  ? -4.677  -4.824  9.136   1.00 15.44 ?  2941 ARG A O    1 
ATOM   172  C  CB   . ARG A 1 35  ? -5.150  -7.765  7.822   1.00 14.61 ?  2941 ARG A CB   1 
ATOM   173  C  CG   . ARG A 1 35  ? -6.272  -8.408  6.968   1.00 17.18 ?  2941 ARG A CG   1 
ATOM   174  C  CD   . ARG A 1 35  ? -7.616  -7.716  7.144   1.00 21.82 ?  2941 ARG A CD   1 
ATOM   175  N  NE   . ARG A 1 35  ? -8.659  -8.472  6.459   1.00 22.76 ?  2941 ARG A NE   1 
ATOM   176  C  CZ   . ARG A 1 35  ? -9.145  -8.130  5.275   1.00 29.16 ?  2941 ARG A CZ   1 
ATOM   177  N  NH1  . ARG A 1 35  ? -8.724  -7.041  4.648   1.00 29.34 ?  2941 ARG A NH1  1 
ATOM   178  N  NH2  . ARG A 1 35  ? -10.066 -8.901  4.699   1.00 21.89 ?  2941 ARG A NH2  1 
ATOM   179  N  N    . SER A 1 36  ? -2.710  -5.792  8.586   1.00 12.85 ?  2942 SER A N    1 
ATOM   180  C  CA   . SER A 1 36  ? -2.040  -5.091  9.677   1.00 13.09 ?  2942 SER A CA   1 
ATOM   181  C  C    . SER A 1 36  ? -1.983  -3.597  9.399   1.00 16.78 ?  2942 SER A C    1 
ATOM   182  O  O    . SER A 1 36  ? -2.135  -2.781  10.315  1.00 15.24 ?  2942 SER A O    1 
ATOM   183  C  CB   A SER A 1 36  ? -0.625  -5.634  9.874   0.42 18.58 ?  2942 SER A CB   1 
ATOM   184  C  CB   B SER A 1 36  ? -0.638  -5.659  9.928   0.58 18.61 ?  2942 SER A CB   1 
ATOM   185  O  OG   A SER A 1 36  ? -0.634  -7.029  10.085  0.42 19.03 ?  2942 SER A OG   1 
ATOM   186  O  OG   B SER A 1 36  ? 0.236   -5.467  8.833   0.58 16.00 ?  2942 SER A OG   1 
ATOM   187  N  N    . LEU A 1 37  ? -1.794  -3.216  8.136   1.00 15.58 ?  2943 LEU A N    1 
ATOM   188  C  CA   . LEU A 1 37  ? -1.831  -1.795  7.801   1.00 15.04 ?  2943 LEU A CA   1 
ATOM   189  C  C    . LEU A 1 37  ? -3.231  -1.226  7.973   1.00 14.51 ?  2943 LEU A C    1 
ATOM   190  O  O    . LEU A 1 37  ? -3.398  -0.146  8.548   1.00 14.35 ?  2943 LEU A O    1 
ATOM   191  C  CB   . LEU A 1 37  ? -1.350  -1.575  6.379   1.00 14.07 ?  2943 LEU A CB   1 
ATOM   192  C  CG   . LEU A 1 37  ? 0.124   -1.210  6.233   1.00 21.71 ?  2943 LEU A CG   1 
ATOM   193  C  CD1  . LEU A 1 37  ? 0.959   -2.425  6.557   1.00 18.63 ?  2943 LEU A CD1  1 
ATOM   194  C  CD2  . LEU A 1 37  ? 0.373   -0.770  4.803   1.00 23.91 ?  2943 LEU A CD2  1 
ATOM   195  N  N    . GLN A 1 38  ? -4.254  -1.949  7.520   1.00 14.81 ?  2944 GLN A N    1 
ATOM   196  C  CA   . GLN A 1 38  ? -5.622  -1.468  7.690   1.00 9.72  ?  2944 GLN A CA   1 
ATOM   197  C  C    . GLN A 1 38  ? -5.976  -1.275  9.163   1.00 18.86 ?  2944 GLN A C    1 
ATOM   198  O  O    . GLN A 1 38  ? -6.788  -0.402  9.496   1.00 17.11 ?  2944 GLN A O    1 
ATOM   199  C  CB   . GLN A 1 38  ? -6.594  -2.452  7.031   1.00 13.59 ?  2944 GLN A CB   1 
ATOM   200  C  CG   . GLN A 1 38  ? -6.512  -2.475  5.502   1.00 11.31 ?  2944 GLN A CG   1 
ATOM   201  C  CD   . GLN A 1 38  ? -7.306  -3.614  4.894   1.00 16.78 ?  2944 GLN A CD   1 
ATOM   202  O  OE1  . GLN A 1 38  ? -7.199  -4.752  5.346   1.00 21.74 ?  2944 GLN A OE1  1 
ATOM   203  N  NE2  . GLN A 1 38  ? -8.076  -3.330  3.856   1.00 16.02 ?  2944 GLN A NE2  1 
ATOM   204  N  N    . ALA A 1 39  ? -5.387  -2.066  10.062  1.00 13.76 ?  2945 ALA A N    1 
ATOM   205  C  CA   . ALA A 1 39  ? -5.683  -1.970  11.488  1.00 15.01 ?  2945 ALA A CA   1 
ATOM   206  C  C    . ALA A 1 39  ? -4.878  -0.889  12.187  1.00 22.12 ?  2945 ALA A C    1 
ATOM   207  O  O    . ALA A 1 39  ? -5.136  -0.603  13.361  1.00 18.73 ?  2945 ALA A O    1 
ATOM   208  C  CB   . ALA A 1 39  ? -5.397  -3.312  12.170  1.00 20.09 ?  2945 ALA A CB   1 
ATOM   209  N  N    . HIS A 1 40  ? -3.891  -0.313  11.509  1.00 13.64 ?  2946 HIS A N    1 
ATOM   210  C  CA   . HIS A 1 40  ? -3.001  0.649   12.132  1.00 14.44 ?  2946 HIS A CA   1 
ATOM   211  C  C    . HIS A 1 40  ? -3.716  1.983   12.332  1.00 18.60 ?  2946 HIS A C    1 
ATOM   212  O  O    . HIS A 1 40  ? -4.427  2.462   11.451  1.00 15.12 ?  2946 HIS A O    1 
ATOM   213  C  CB   . HIS A 1 40  ? -1.752  0.826   11.263  1.00 15.59 ?  2946 HIS A CB   1 
ATOM   214  C  CG   . HIS A 1 40  ? -0.631  1.546   11.941  1.00 16.74 ?  2946 HIS A CG   1 
ATOM   215  N  ND1  . HIS A 1 40  ? -0.700  2.890   12.241  1.00 17.76 ?  2946 HIS A ND1  1 
ATOM   216  C  CD2  . HIS A 1 40  ? 0.589   1.126   12.358  1.00 14.08 ?  2946 HIS A CD2  1 
ATOM   217  C  CE1  . HIS A 1 40  ? 0.424   3.267   12.825  1.00 18.94 ?  2946 HIS A CE1  1 
ATOM   218  N  NE2  . HIS A 1 40  ? 1.224   2.217   12.909  1.00 20.33 ?  2946 HIS A NE2  1 
ATOM   219  N  N    . LYS A 1 41  ? -3.517  2.578   13.511  1.00 15.61 ?  2947 LYS A N    1 
ATOM   220  C  CA   . LYS A 1 41  ? -4.207  3.813   13.874  1.00 16.38 ?  2947 LYS A CA   1 
ATOM   221  C  C    . LYS A 1 41  ? -3.969  4.929   12.852  1.00 20.34 ?  2947 LYS A C    1 
ATOM   222  O  O    . LYS A 1 41  ? -4.868  5.744   12.584  1.00 16.91 ?  2947 LYS A O    1 
ATOM   223  C  CB   . LYS A 1 41  ? -3.740  4.202   15.283  1.00 21.50 ?  2947 LYS A CB   1 
ATOM   224  C  CG   . LYS A 1 41  ? -4.126  5.557   15.769  1.00 27.60 ?  2947 LYS A CG   1 
ATOM   225  C  CD   . LYS A 1 41  ? -3.360  5.852   17.056  1.00 25.60 ?  2947 LYS A CD   1 
ATOM   226  C  CE   . LYS A 1 41  ? -4.251  6.419   18.126  1.00 41.65 ?  2947 LYS A CE   1 
ATOM   227  N  NZ   . LYS A 1 41  ? -3.503  6.530   19.409  1.00 37.86 ?  2947 LYS A NZ   1 
ATOM   228  N  N    . MET A 1 42  ? -2.796  4.961   12.235  1.00 14.77 ?  2948 MET A N    1 
ATOM   229  C  CA   . MET A 1 42  ? -2.479  6.039   11.313  1.00 15.03 ?  2948 MET A CA   1 
ATOM   230  C  C    . MET A 1 42  ? -2.793  5.691   9.867   1.00 13.20 ?  2948 MET A C    1 
ATOM   231  O  O    . MET A 1 42  ? -2.371  6.417   8.961   1.00 17.08 ?  2948 MET A O    1 
ATOM   232  C  CB   . MET A 1 42  ? -1.012  6.461   11.460  1.00 19.03 ?  2948 MET A CB   1 
ATOM   233  C  CG   . MET A 1 42  ? -0.567  6.707   12.895  1.00 23.03 ?  2948 MET A CG   1 
ATOM   234  S  SD   . MET A 1 42  ? -1.381  8.187   13.547  1.00 25.69 ?  2948 MET A SD   1 
ATOM   235  C  CE   . MET A 1 42  ? -0.463  9.480   12.716  1.00 26.03 ?  2948 MET A CE   1 
ATOM   236  N  N    . ALA A 1 43  ? -3.503  4.597   9.616   1.00 12.86 ?  2949 ALA A N    1 
ATOM   237  C  CA   . ALA A 1 43  ? -3.885  4.264   8.252   1.00 12.69 ?  2949 ALA A CA   1 
ATOM   238  C  C    . ALA A 1 43  ? -5.225  4.854   7.855   1.00 15.21 ?  2949 ALA A C    1 
ATOM   239  O  O    . ALA A 1 43  ? -5.643  4.695   6.696   1.00 13.72 ?  2949 ALA A O    1 
ATOM   240  C  CB   . ALA A 1 43  ? -3.918  2.742   8.083   1.00 13.69 ?  2949 ALA A CB   1 
ATOM   241  N  N    . TRP A 1 44  ? -5.887  5.590   8.764   1.00 15.34 ?  2950 TRP A N    1 
ATOM   242  C  CA   . TRP A 1 44  ? -7.231  6.097   8.483   1.00 16.02 ?  2950 TRP A CA   1 
ATOM   243  C  C    . TRP A 1 44  ? -7.347  6.918   7.190   1.00 15.80 ?  2950 TRP A C    1 
ATOM   244  O  O    . TRP A 1 44  ? -8.385  6.816   6.525   1.00 15.15 ?  2950 TRP A O    1 
ATOM   245  C  CB   . TRP A 1 44  ? -7.747  6.909   9.691   1.00 17.13 ?  2950 TRP A CB   1 
ATOM   246  C  CG   . TRP A 1 44  ? -6.998  8.189   9.921   1.00 16.35 ?  2950 TRP A CG   1 
ATOM   247  C  CD1  . TRP A 1 44  ? -5.901  8.376   10.727  1.00 16.43 ?  2950 TRP A CD1  1 
ATOM   248  C  CD2  . TRP A 1 44  ? -7.290  9.462   9.336   1.00 13.47 ?  2950 TRP A CD2  1 
ATOM   249  N  NE1  . TRP A 1 44  ? -5.483  9.690   10.651  1.00 14.66 ?  2950 TRP A NE1  1 
ATOM   250  C  CE2  . TRP A 1 44  ? -6.326  10.371  9.805   1.00 12.33 ?  2950 TRP A CE2  1 
ATOM   251  C  CE3  . TRP A 1 44  ? -8.268  9.909   8.428   1.00 15.28 ?  2950 TRP A CE3  1 
ATOM   252  C  CZ2  . TRP A 1 44  ? -6.321  11.710  9.418   1.00 18.35 ?  2950 TRP A CZ2  1 
ATOM   253  C  CZ3  . TRP A 1 44  ? -8.252  11.228  8.040   1.00 20.19 ?  2950 TRP A CZ3  1 
ATOM   254  C  CH2  . TRP A 1 44  ? -7.284  12.111  8.534   1.00 17.32 ?  2950 TRP A CH2  1 
ATOM   255  N  N    . PRO A 1 45  ? -6.358  7.720   6.766   1.00 13.52 ?  2951 PRO A N    1 
ATOM   256  C  CA   . PRO A 1 45  ? -6.550  8.456   5.511   1.00 13.93 ?  2951 PRO A CA   1 
ATOM   257  C  C    . PRO A 1 45  ? -6.478  7.597   4.276   1.00 13.39 ?  2951 PRO A C    1 
ATOM   258  O  O    . PRO A 1 45  ? -6.837  8.090   3.203   1.00 14.58 ?  2951 PRO A O    1 
ATOM   259  C  CB   . PRO A 1 45  ? -5.410  9.491   5.501   1.00 15.94 ?  2951 PRO A CB   1 
ATOM   260  C  CG   . PRO A 1 45  ? -4.636  9.308   6.737   1.00 19.30 ?  2951 PRO A CG   1 
ATOM   261  C  CD   . PRO A 1 45  ? -5.013  7.993   7.318   1.00 14.85 ?  2951 PRO A CD   1 
ATOM   262  N  N    . PHE A 1 46  ? -6.012  6.351   4.389   1.00 13.64 ?  2952 PHE A N    1 
ATOM   263  C  CA   . PHE A 1 46  ? -5.737  5.509   3.228   1.00 14.70 ?  2952 PHE A CA   1 
ATOM   264  C  C    . PHE A 1 46  ? -6.640  4.289   3.099   1.00 12.87 ?  2952 PHE A C    1 
ATOM   265  O  O    . PHE A 1 46  ? -6.424  3.477   2.187   1.00 13.50 ?  2952 PHE A O    1 
ATOM   266  C  CB   . PHE A 1 46  ? -4.276  5.043   3.259   1.00 12.93 ?  2952 PHE A CB   1 
ATOM   267  C  CG   . PHE A 1 46  ? -3.297  6.144   3.595   1.00 12.77 ?  2952 PHE A CG   1 
ATOM   268  C  CD1  . PHE A 1 46  ? -3.117  7.213   2.730   1.00 16.99 ?  2952 PHE A CD1  1 
ATOM   269  C  CD2  . PHE A 1 46  ? -2.540  6.089   4.763   1.00 16.39 ?  2952 PHE A CD2  1 
ATOM   270  C  CE1  . PHE A 1 46  ? -2.222  8.221   3.012   1.00 15.78 ?  2952 PHE A CE1  1 
ATOM   271  C  CE2  . PHE A 1 46  ? -1.632  7.109   5.060   1.00 17.00 ?  2952 PHE A CE2  1 
ATOM   272  C  CZ   . PHE A 1 46  ? -1.463  8.162   4.182   1.00 14.42 ?  2952 PHE A CZ   1 
ATOM   273  N  N    . LEU A 1 47  ? -7.639  4.130   3.970   1.00 12.02 ?  2953 LEU A N    1 
ATOM   274  C  CA   . LEU A 1 47  ? -8.483  2.936   3.926   1.00 12.58 ?  2953 LEU A CA   1 
ATOM   275  C  C    . LEU A 1 47  ? -9.327  2.860   2.666   1.00 16.16 ?  2953 LEU A C    1 
ATOM   276  O  O    . LEU A 1 47  ? -9.624  1.749   2.194   1.00 17.76 ?  2953 LEU A O    1 
ATOM   277  C  CB   . LEU A 1 47  ? -9.386  2.891   5.168   1.00 15.30 ?  2953 LEU A CB   1 
ATOM   278  C  CG   . LEU A 1 47  ? -8.625  2.885   6.513   1.00 11.98 ?  2953 LEU A CG   1 
ATOM   279  C  CD1  . LEU A 1 47  ? -9.588  2.893   7.710   1.00 17.85 ?  2953 LEU A CD1  1 
ATOM   280  C  CD2  . LEU A 1 47  ? -7.695  1.682   6.593   1.00 16.03 ?  2953 LEU A CD2  1 
ATOM   281  N  N    . GLU A 1 48  ? -9.747  4.000   2.128   1.00 12.28 ?  2954 GLU A N    1 
ATOM   282  C  CA   . GLU A 1 48  ? -10.648 4.099   0.989   1.00 16.13 ?  2954 GLU A CA   1 
ATOM   283  C  C    . GLU A 1 48  ? -10.126 5.129   -0.005  1.00 15.45 ?  2954 GLU A C    1 
ATOM   284  O  O    . GLU A 1 48  ? -9.313  5.987   0.349   1.00 15.17 ?  2954 GLU A O    1 
ATOM   285  C  CB   . GLU A 1 48  ? -12.057 4.492   1.464   1.00 18.92 ?  2954 GLU A CB   1 
ATOM   286  C  CG   . GLU A 1 48  ? -12.741 3.502   2.405   1.00 23.90 ?  2954 GLU A CG   1 
ATOM   287  C  CD   . GLU A 1 48  ? -13.149 2.222   1.689   1.00 33.17 ?  2954 GLU A CD   1 
ATOM   288  O  OE1  . GLU A 1 48  ? -13.010 1.115   2.261   1.00 33.29 ?  2954 GLU A OE1  1 
ATOM   289  O  OE2  . GLU A 1 48  ? -13.579 2.325   0.522   1.00 35.34 -1 2954 GLU A OE2  1 
ATOM   290  N  N    . PRO A 1 49  ? -10.574 5.074   -1.262  1.00 14.00 ?  2955 PRO A N    1 
ATOM   291  C  CA   . PRO A 1 49  ? -10.134 6.074   -2.247  1.00 15.70 ?  2955 PRO A CA   1 
ATOM   292  C  C    . PRO A 1 49  ? -10.347 7.489   -1.726  1.00 17.04 ?  2955 PRO A C    1 
ATOM   293  O  O    . PRO A 1 49  ? -11.307 7.762   -0.998  1.00 14.84 ?  2955 PRO A O    1 
ATOM   294  C  CB   . PRO A 1 49  ? -11.028 5.786   -3.463  1.00 16.70 ?  2955 PRO A CB   1 
ATOM   295  C  CG   . PRO A 1 49  ? -11.347 4.340   -3.350  1.00 19.50 ?  2955 PRO A CG   1 
ATOM   296  C  CD   . PRO A 1 49  ? -11.497 4.091   -1.862  1.00 17.40 ?  2955 PRO A CD   1 
ATOM   297  N  N    . VAL A 1 50  ? -9.427  8.389   -2.084  1.00 13.09 ?  2956 VAL A N    1 
ATOM   298  C  CA   . VAL A 1 50  ? -9.592  9.789   -1.723  1.00 14.52 ?  2956 VAL A CA   1 
ATOM   299  C  C    . VAL A 1 50  ? -10.937 10.288  -2.244  1.00 16.67 ?  2956 VAL A C    1 
ATOM   300  O  O    . VAL A 1 50  ? -11.309 10.043  -3.400  1.00 17.61 ?  2956 VAL A O    1 
ATOM   301  C  CB   . VAL A 1 50  ? -8.422  10.624  -2.267  1.00 13.72 ?  2956 VAL A CB   1 
ATOM   302  C  CG1  . VAL A 1 50  ? -8.683  12.090  -2.070  1.00 17.60 ?  2956 VAL A CG1  1 
ATOM   303  C  CG2  . VAL A 1 50  ? -7.123  10.224  -1.562  1.00 13.42 ?  2956 VAL A CG2  1 
ATOM   304  N  N    . ASP A 1 51  ? -11.686 10.964  -1.369  1.00 15.55 ?  2957 ASP A N    1 
ATOM   305  C  CA   . ASP A 1 51  ? -12.959 11.587  -1.741  1.00 16.10 ?  2957 ASP A CA   1 
ATOM   306  C  C    . ASP A 1 51  ? -12.680 12.935  -2.400  1.00 18.68 ?  2957 ASP A C    1 
ATOM   307  O  O    . ASP A 1 51  ? -12.115 13.823  -1.754  1.00 17.80 ?  2957 ASP A O    1 
ATOM   308  C  CB   . ASP A 1 51  ? -13.812 11.791  -0.490  1.00 22.48 ?  2957 ASP A CB   1 
ATOM   309  C  CG   . ASP A 1 51  ? -15.256 12.182  -0.800  1.00 28.95 ?  2957 ASP A CG   1 
ATOM   310  O  OD1  . ASP A 1 51  ? -15.533 12.738  -1.886  1.00 21.89 ?  2957 ASP A OD1  1 
ATOM   311  O  OD2  . ASP A 1 51  ? -16.106 11.997  0.095   1.00 30.86 -1 2957 ASP A OD2  1 
ATOM   312  N  N    . PRO A 1 52  ? -13.074 13.142  -3.655  1.00 17.14 ?  2958 PRO A N    1 
ATOM   313  C  CA   . PRO A 1 52  ? -12.793 14.441  -4.294  1.00 14.36 ?  2958 PRO A CA   1 
ATOM   314  C  C    . PRO A 1 52  ? -13.377 15.619  -3.533  1.00 17.84 ?  2958 PRO A C    1 
ATOM   315  O  O    . PRO A 1 52  ? -12.832 16.730  -3.600  1.00 20.25 ?  2958 PRO A O    1 
ATOM   316  C  CB   . PRO A 1 52  ? -13.435 14.301  -5.682  1.00 17.04 ?  2958 PRO A CB   1 
ATOM   317  C  CG   . PRO A 1 52  ? -14.337 13.148  -5.567  1.00 18.93 ?  2958 PRO A CG   1 
ATOM   318  C  CD   . PRO A 1 52  ? -13.771 12.215  -4.559  1.00 18.76 ?  2958 PRO A CD   1 
ATOM   319  N  N    . ASN A 1 53  ? -14.452 15.401  -2.773  1.00 19.16 ?  2959 ASN A N    1 
ATOM   320  C  CA   . ASN A 1 53  ? -15.024 16.479  -1.976  1.00 22.02 ?  2959 ASN A CA   1 
ATOM   321  C  C    . ASN A 1 53  ? -14.213 16.786  -0.720  1.00 29.91 ?  2959 ASN A C    1 
ATOM   322  O  O    . ASN A 1 53  ? -14.449 17.823  -0.090  1.00 29.22 ?  2959 ASN A O    1 
ATOM   323  C  CB   . ASN A 1 53  ? -16.476 16.152  -1.609  1.00 21.97 ?  2959 ASN A CB   1 
ATOM   324  C  CG   . ASN A 1 53  ? -17.360 15.982  -2.825  1.00 23.98 ?  2959 ASN A CG   1 
ATOM   325  O  OD1  . ASN A 1 53  ? -17.246 16.744  -3.790  1.00 22.36 ?  2959 ASN A OD1  1 
ATOM   326  N  ND2  . ASN A 1 53  ? -18.265 14.989  -2.782  1.00 22.61 ?  2959 ASN A ND2  1 
ATOM   327  N  N    . ASP A 1 54  ? -13.277 15.916  -0.346  1.00 24.25 ?  2960 ASP A N    1 
ATOM   328  C  CA   . ASP A 1 54  ? -12.303 16.202  0.703   1.00 21.82 ?  2960 ASP A CA   1 
ATOM   329  C  C    . ASP A 1 54  ? -11.034 16.858  0.178   1.00 30.40 ?  2960 ASP A C    1 
ATOM   330  O  O    . ASP A 1 54  ? -10.289 17.446  0.968   1.00 27.64 ?  2960 ASP A O    1 
ATOM   331  C  CB   . ASP A 1 54  ? -11.880 14.913  1.432   1.00 28.12 ?  2960 ASP A CB   1 
ATOM   332  C  CG   . ASP A 1 54  ? -13.004 14.262  2.241   1.00 30.66 ?  2960 ASP A CG   1 
ATOM   333  O  OD1  . ASP A 1 54  ? -13.967 14.955  2.629   1.00 34.30 ?  2960 ASP A OD1  1 
ATOM   334  O  OD2  . ASP A 1 54  ? -12.897 13.041  2.506   1.00 27.10 -1 2960 ASP A OD2  1 
ATOM   335  N  N    . ALA A 1 55  ? -10.757 16.756  -1.121  1.00 22.14 ?  2961 ALA A N    1 
ATOM   336  C  CA   . ALA A 1 55  ? -9.441  17.081  -1.670  1.00 20.42 ?  2961 ALA A CA   1 
ATOM   337  C  C    . ALA A 1 55  ? -9.600  17.762  -3.023  1.00 24.99 ?  2961 ALA A C    1 
ATOM   338  O  O    . ALA A 1 55  ? -9.724  17.088  -4.065  1.00 22.05 ?  2961 ALA A O    1 
ATOM   339  C  CB   . ALA A 1 55  ? -8.578  15.833  -1.799  1.00 20.64 ?  2961 ALA A CB   1 
ATOM   340  N  N    . PRO A 1 56  ? -9.577  19.095  -3.047  1.00 33.36 ?  2962 PRO A N    1 
ATOM   341  C  CA   . PRO A 1 56  ? -9.825  19.831  -4.291  1.00 35.54 ?  2962 PRO A CA   1 
ATOM   342  C  C    . PRO A 1 56  ? -8.790  19.510  -5.357  1.00 31.26 ?  2962 PRO A C    1 
ATOM   343  O  O    . PRO A 1 56  ? -7.578  19.621  -5.134  1.00 36.09 ?  2962 PRO A O    1 
ATOM   344  C  CB   . PRO A 1 56  ? -9.740  21.302  -3.857  1.00 37.24 ?  2962 PRO A CB   1 
ATOM   345  C  CG   . PRO A 1 56  ? -9.802  21.292  -2.360  1.00 36.77 ?  2962 PRO A CG   1 
ATOM   346  C  CD   . PRO A 1 56  ? -9.227  19.989  -1.931  1.00 34.40 ?  2962 PRO A CD   1 
ATOM   347  N  N    . ASP A 1 57  ? -9.286  19.116  -6.527  1.00 21.87 ?  2963 ASP A N    1 
ATOM   348  C  CA   . ASP A 1 57  ? -8.466  18.834  -7.699  1.00 29.33 ?  2963 ASP A CA   1 
ATOM   349  C  C    . ASP A 1 57  ? -7.509  17.675  -7.462  1.00 20.43 ?  2963 ASP A C    1 
ATOM   350  O  O    . ASP A 1 57  ? -6.526  17.520  -8.197  1.00 21.28 ?  2963 ASP A O    1 
ATOM   351  C  CB   . ASP A 1 57  ? -7.697  20.086  -8.148  1.00 36.32 ?  2963 ASP A CB   1 
ATOM   352  C  CG   . ASP A 1 57  ? -7.161  19.972  -9.578  1.00 42.03 ?  2963 ASP A CG   1 
ATOM   353  O  OD1  . ASP A 1 57  ? -7.980  19.950  -10.519 1.00 49.92 ?  2963 ASP A OD1  1 
ATOM   354  O  OD2  . ASP A 1 57  ? -5.924  19.961  -9.765  1.00 50.81 -1 2963 ASP A OD2  1 
ATOM   355  N  N    . TYR A 1 58  ? -7.789  16.838  -6.460  1.00 17.74 ?  2964 TYR A N    1 
ATOM   356  C  CA   . TYR A 1 58  ? -6.938  15.681  -6.213  1.00 15.20 ?  2964 TYR A CA   1 
ATOM   357  C  C    . TYR A 1 58  ? -6.783  14.853  -7.480  1.00 16.65 ?  2964 TYR A C    1 
ATOM   358  O  O    . TYR A 1 58  ? -5.664  14.498  -7.869  1.00 14.75 ?  2964 TYR A O    1 
ATOM   359  C  CB   . TYR A 1 58  ? -7.513  14.816  -5.095  1.00 15.35 ?  2964 TYR A CB   1 
ATOM   360  C  CG   . TYR A 1 58  ? -6.574  13.698  -4.695  1.00 13.13 ?  2964 TYR A CG   1 
ATOM   361  C  CD1  . TYR A 1 58  ? -5.564  13.929  -3.762  1.00 14.78 ?  2964 TYR A CD1  1 
ATOM   362  C  CD2  . TYR A 1 58  ? -6.667  12.427  -5.267  1.00 14.01 ?  2964 TYR A CD2  1 
ATOM   363  C  CE1  . TYR A 1 58  ? -4.680  12.903  -3.382  1.00 14.19 ?  2964 TYR A CE1  1 
ATOM   364  C  CE2  . TYR A 1 58  ? -5.791  11.401  -4.900  1.00 15.15 ?  2964 TYR A CE2  1 
ATOM   365  C  CZ   . TYR A 1 58  ? -4.795  11.653  -3.974  1.00 12.82 ?  2964 TYR A CZ   1 
ATOM   366  O  OH   . TYR A 1 58  ? -3.941  10.652  -3.591  1.00 15.77 ?  2964 TYR A OH   1 
ATOM   367  N  N    . TYR A 1 59  ? -7.899  14.558  -8.158  1.00 14.65 ?  2965 TYR A N    1 
ATOM   368  C  CA   . TYR A 1 59  ? -7.834  13.657  -9.305  1.00 18.53 ?  2965 TYR A CA   1 
ATOM   369  C  C    . TYR A 1 59  ? -7.384  14.361  -10.580 1.00 14.66 ?  2965 TYR A C    1 
ATOM   370  O  O    . TYR A 1 59  ? -7.156  13.692  -11.587 1.00 18.24 ?  2965 TYR A O    1 
ATOM   371  C  CB   . TYR A 1 59  ? -9.181  12.960  -9.502  1.00 20.42 ?  2965 TYR A CB   1 
ATOM   372  C  CG   . TYR A 1 59  ? -9.418  11.947  -8.417  1.00 14.66 ?  2965 TYR A CG   1 
ATOM   373  C  CD1  . TYR A 1 59  ? -8.968  10.638  -8.563  1.00 15.46 ?  2965 TYR A CD1  1 
ATOM   374  C  CD2  . TYR A 1 59  ? -10.021 12.306  -7.212  1.00 14.52 ?  2965 TYR A CD2  1 
ATOM   375  C  CE1  . TYR A 1 59  ? -9.155  9.701   -7.559  1.00 17.67 ?  2965 TYR A CE1  1 
ATOM   376  C  CE2  . TYR A 1 59  ? -10.224 11.361  -6.196  1.00 16.77 ?  2965 TYR A CE2  1 
ATOM   377  C  CZ   . TYR A 1 59  ? -9.774  10.057  -6.381  1.00 16.70 ?  2965 TYR A CZ   1 
ATOM   378  O  OH   . TYR A 1 59  ? -9.929  9.083   -5.409  1.00 16.84 ?  2965 TYR A OH   1 
ATOM   379  N  N    . GLY A 1 60  ? -7.212  15.676  -10.554 1.00 19.55 ?  2966 GLY A N    1 
ATOM   380  C  CA   . GLY A 1 60  ? -6.468  16.322  -11.612 1.00 22.26 ?  2966 GLY A CA   1 
ATOM   381  C  C    . GLY A 1 60  ? -4.986  16.425  -11.356 1.00 24.25 ?  2966 GLY A C    1 
ATOM   382  O  O    . GLY A 1 60  ? -4.216  16.690  -12.278 1.00 25.82 ?  2966 GLY A O    1 
ATOM   383  N  N    . VAL A 1 61  ? -4.560  16.215  -10.114 1.00 17.94 ?  2967 VAL A N    1 
ATOM   384  C  CA   . VAL A 1 61  ? -3.152  16.306  -9.743  1.00 21.08 ?  2967 VAL A CA   1 
ATOM   385  C  C    . VAL A 1 61  ? -2.499  14.926  -9.675  1.00 19.67 ?  2967 VAL A C    1 
ATOM   386  O  O    . VAL A 1 61  ? -1.330  14.769  -10.033 1.00 18.23 ?  2967 VAL A O    1 
ATOM   387  C  CB   . VAL A 1 61  ? -3.025  17.055  -8.393  1.00 23.19 ?  2967 VAL A CB   1 
ATOM   388  C  CG1  . VAL A 1 61  ? -1.784  16.642  -7.625  1.00 23.19 ?  2967 VAL A CG1  1 
ATOM   389  C  CG2  . VAL A 1 61  ? -3.075  18.562  -8.611  1.00 31.68 ?  2967 VAL A CG2  1 
ATOM   390  N  N    . ILE A 1 62  ? -3.240  13.917  -9.225  1.00 16.42 ?  2968 ILE A N    1 
ATOM   391  C  CA   . ILE A 1 62  ? -2.687  12.592  -8.946  1.00 14.43 ?  2968 ILE A CA   1 
ATOM   392  C  C    . ILE A 1 62  ? -3.102  11.653  -10.072 1.00 16.60 ?  2968 ILE A C    1 
ATOM   393  O  O    . ILE A 1 62  ? -4.278  11.295  -10.199 1.00 17.84 ?  2968 ILE A O    1 
ATOM   394  C  CB   . ILE A 1 62  ? -3.173  12.051  -7.600  1.00 12.49 ?  2968 ILE A CB   1 
ATOM   395  C  CG1  . ILE A 1 62  ? -2.746  12.982  -6.459  1.00 17.25 ?  2968 ILE A CG1  1 
ATOM   396  C  CG2  . ILE A 1 62  ? -2.634  10.639  -7.389  1.00 15.46 ?  2968 ILE A CG2  1 
ATOM   397  C  CD1  . ILE A 1 62  ? -1.255  13.198  -6.389  1.00 14.91 ?  2968 ILE A CD1  1 
ATOM   398  N  N    . LYS A 1 63  ? -2.143  11.236  -10.888 1.00 19.63 ?  2969 LYS A N    1 
ATOM   399  C  CA   . LYS A 1 63  ? -2.529  10.510  -12.092 1.00 22.22 ?  2969 LYS A CA   1 
ATOM   400  C  C    . LYS A 1 63  ? -2.795  9.039   -11.820 1.00 19.76 ?  2969 LYS A C    1 
ATOM   401  O  O    . LYS A 1 63  ? -3.521  8.405   -12.592 1.00 23.84 ?  2969 LYS A O    1 
ATOM   402  C  CB   . LYS A 1 63  ? -1.452  10.656  -13.163 1.00 25.55 ?  2969 LYS A CB   1 
ATOM   403  C  CG   . LYS A 1 63  ? -0.145  9.944   -12.806 1.00 29.17 ?  2969 LYS A CG   1 
ATOM   404  N  N    . GLU A 1 64  ? -2.252  8.484   -10.740 1.00 14.85 ?  2970 GLU A N    1 
ATOM   405  C  CA   . GLU A 1 64  ? -2.422  7.068   -10.416 1.00 14.51 ?  2970 GLU A CA   1 
ATOM   406  C  C    . GLU A 1 64  ? -2.839  6.913   -8.959  1.00 14.35 ?  2970 GLU A C    1 
ATOM   407  O  O    . GLU A 1 64  ? -2.035  6.501   -8.114  1.00 16.37 ?  2970 GLU A O    1 
ATOM   408  C  CB   . GLU A 1 64  ? -1.123  6.307   -10.661 1.00 20.69 ?  2970 GLU A CB   1 
ATOM   409  C  CG   . GLU A 1 64  ? -0.722  6.121   -12.091 1.00 30.33 ?  2970 GLU A CG   1 
ATOM   410  C  CD   . GLU A 1 64  ? 0.336   5.026   -12.219 1.00 40.56 ?  2970 GLU A CD   1 
ATOM   411  O  OE1  . GLU A 1 64  ? -0.031  3.836   -12.313 1.00 38.11 ?  2970 GLU A OE1  1 
ATOM   412  O  OE2  . GLU A 1 64  ? 1.541   5.362   -12.197 1.00 49.84 -1 2970 GLU A OE2  1 
ATOM   413  N  N    . PRO A 1 65  ? -4.084  7.237   -8.621  1.00 16.29 ?  2971 PRO A N    1 
ATOM   414  C  CA   . PRO A 1 65  ? -4.511  7.103   -7.223  1.00 12.31 ?  2971 PRO A CA   1 
ATOM   415  C  C    . PRO A 1 65  ? -4.398  5.666   -6.750  1.00 13.70 ?  2971 PRO A C    1 
ATOM   416  O  O    . PRO A 1 65  ? -4.421  4.721   -7.536  1.00 11.87 ?  2971 PRO A O    1 
ATOM   417  C  CB   . PRO A 1 65  ? -5.980  7.554   -7.237  1.00 14.56 ?  2971 PRO A CB   1 
ATOM   418  C  CG   . PRO A 1 65  ? -6.206  8.191   -8.520  1.00 24.60 ?  2971 PRO A CG   1 
ATOM   419  C  CD   . PRO A 1 65  ? -5.083  7.906   -9.461  1.00 16.13 ?  2971 PRO A CD   1 
ATOM   420  N  N    . MET A 1 66  ? -4.253  5.499   -5.439  1.00 12.76 ?  2972 MET A N    1 
ATOM   421  C  CA   . MET A 1 66  ? -4.265  4.148   -4.887  1.00 12.97 ?  2972 MET A CA   1 
ATOM   422  C  C    . MET A 1 66  ? -4.684  4.248   -3.425  1.00 12.37 ?  2972 MET A C    1 
ATOM   423  O  O    . MET A 1 66  ? -4.502  5.286   -2.792  1.00 12.30 ?  2972 MET A O    1 
ATOM   424  C  CB   . MET A 1 66  ? -2.890  3.481   -5.036  1.00 13.00 ?  2972 MET A CB   1 
ATOM   425  C  CG   . MET A 1 66  ? -2.771  2.034   -4.560  1.00 12.20 ?  2972 MET A CG   1 
ATOM   426  S  SD   . MET A 1 66  ? -4.060  0.947   -5.256  1.00 16.38 ?  2972 MET A SD   1 
ATOM   427  C  CE   . MET A 1 66  ? -3.906  1.231   -7.027  1.00 17.95 ?  2972 MET A CE   1 
ATOM   428  N  N    . ASP A 1 67  ? -5.272  3.169   -2.908  1.00 14.19 ?  2973 ASP A N    1 
ATOM   429  C  CA   . ASP A 1 67  ? -5.751  3.125   -1.528  1.00 14.84 ?  2973 ASP A CA   1 
ATOM   430  C  C    . ASP A 1 67  ? -5.800  1.669   -1.090  1.00 13.33 ?  2973 ASP A C    1 
ATOM   431  O  O    . ASP A 1 67  ? -5.724  0.753   -1.912  1.00 12.41 ?  2973 ASP A O    1 
ATOM   432  C  CB   . ASP A 1 67  ? -7.148  3.732   -1.404  1.00 15.58 ?  2973 ASP A CB   1 
ATOM   433  C  CG   . ASP A 1 67  ? -8.174  2.924   -2.160  1.00 17.63 ?  2973 ASP A CG   1 
ATOM   434  O  OD1  . ASP A 1 67  ? -8.289  3.076   -3.414  1.00 17.51 ?  2973 ASP A OD1  1 
ATOM   435  O  OD2  . ASP A 1 67  ? -8.794  2.048   -1.505  1.00 18.33 -1 2973 ASP A OD2  1 
ATOM   436  N  N    . LEU A 1 68  ? -5.949  1.459   0.218   1.00 13.19 ?  2974 LEU A N    1 
ATOM   437  C  CA   . LEU A 1 68  ? -5.865  0.102   0.757   1.00 12.69 ?  2974 LEU A CA   1 
ATOM   438  C  C    . LEU A 1 68  ? -7.080  -0.753  0.409   1.00 12.42 ?  2974 LEU A C    1 
ATOM   439  O  O    . LEU A 1 68  ? -6.950  -1.983  0.358   1.00 13.64 ?  2974 LEU A O    1 
ATOM   440  C  CB   . LEU A 1 68  ? -5.678  0.150   2.272   1.00 14.84 ?  2974 LEU A CB   1 
ATOM   441  C  CG   . LEU A 1 68  ? -4.341  0.720   2.742   1.00 11.96 ?  2974 LEU A CG   1 
ATOM   442  C  CD1  . LEU A 1 68  ? -4.394  0.919   4.269   1.00 12.65 ?  2974 LEU A CD1  1 
ATOM   443  C  CD2  . LEU A 1 68  ? -3.158  -0.180  2.371   1.00 18.75 ?  2974 LEU A CD2  1 
ATOM   444  N  N    . ALA A 1 69  ? -8.244  -0.147  0.136   1.00 13.05 ?  2975 ALA A N    1 
ATOM   445  C  CA   . ALA A 1 69  ? -9.389  -0.958  -0.276  1.00 14.62 ?  2975 ALA A CA   1 
ATOM   446  C  C    . ALA A 1 69  ? -9.204  -1.487  -1.699  1.00 18.56 ?  2975 ALA A C    1 
ATOM   447  O  O    . ALA A 1 69  ? -9.565  -2.629  -1.997  1.00 16.79 ?  2975 ALA A O    1 
ATOM   448  C  CB   . ALA A 1 69  ? -10.676 -0.143  -0.162  1.00 19.19 ?  2975 ALA A CB   1 
ATOM   449  N  N    . THR A 1 70  ? -8.657  -0.662  -2.590  1.00 12.58 ?  2976 THR A N    1 
ATOM   450  C  CA   . THR A 1 70  ? -8.322  -1.119  -3.935  1.00 13.11 ?  2976 THR A CA   1 
ATOM   451  C  C    . THR A 1 70  ? -7.292  -2.242  -3.889  1.00 16.22 ?  2976 THR A C    1 
ATOM   452  O  O    . THR A 1 70  ? -7.410  -3.259  -4.583  1.00 14.97 ?  2976 THR A O    1 
ATOM   453  C  CB   . THR A 1 70  ? -7.814  0.073   -4.738  1.00 16.23 ?  2976 THR A CB   1 
ATOM   454  O  OG1  . THR A 1 70  ? -8.886  1.021   -4.876  1.00 16.12 ?  2976 THR A OG1  1 
ATOM   455  C  CG2  . THR A 1 70  ? -7.341  -0.364  -6.123  1.00 16.11 ?  2976 THR A CG2  1 
ATOM   456  N  N    . MET A 1 71  ? -6.308  -2.094  -3.010  1.00 12.50 ?  2977 MET A N    1 
ATOM   457  C  CA   . MET A 1 71  ? -5.287  -3.117  -2.832  1.00 11.47 ?  2977 MET A CA   1 
ATOM   458  C  C    . MET A 1 71  ? -5.912  -4.417  -2.311  1.00 12.66 ?  2977 MET A C    1 
ATOM   459  O  O    . MET A 1 71  ? -5.561  -5.517  -2.752  1.00 16.13 ?  2977 MET A O    1 
ATOM   460  C  CB   . MET A 1 71  ? -4.316  -2.476  -1.847  1.00 17.34 ?  2977 MET A CB   1 
ATOM   461  C  CG   . MET A 1 71  ? -3.340  -1.515  -2.542  1.00 16.95 ?  2977 MET A CG   1 
ATOM   462  S  SD   . MET A 1 71  ? -1.655  -1.417  -1.896  1.00 16.22 ?  2977 MET A SD   1 
ATOM   463  C  CE   . MET A 1 71  ? -0.911  -2.983  -2.370  1.00 15.20 ?  2977 MET A CE   1 
ATOM   464  N  N    . GLU A 1 72  ? -6.871  -4.302  -1.390  1.00 13.50 ?  2978 GLU A N    1 
ATOM   465  C  CA   . GLU A 1 72  ? -7.569  -5.478  -0.860  1.00 12.84 ?  2978 GLU A CA   1 
ATOM   466  C  C    . GLU A 1 72  ? -8.313  -6.233  -1.943  1.00 15.75 ?  2978 GLU A C    1 
ATOM   467  O  O    . GLU A 1 72  ? -8.275  -7.470  -1.982  1.00 17.26 ?  2978 GLU A O    1 
ATOM   468  C  CB   . GLU A 1 72  ? -8.539  -5.031  0.215   1.00 16.48 ?  2978 GLU A CB   1 
ATOM   469  C  CG   . GLU A 1 72  ? -9.429  -6.099  0.802   1.00 19.95 ?  2978 GLU A CG   1 
ATOM   470  C  CD   . GLU A 1 72  ? -10.418 -5.433  1.709   1.00 30.44 ?  2978 GLU A CD   1 
ATOM   471  O  OE1  . GLU A 1 72  ? -11.368 -4.782  1.212   1.00 45.58 ?  2978 GLU A OE1  1 
ATOM   472  O  OE2  . GLU A 1 72  ? -10.147 -5.423  2.917   1.00 24.51 -1 2978 GLU A OE2  1 
ATOM   473  N  N    . GLU A 1 73  ? -9.001  -5.504  -2.818  1.00 15.89 ?  2979 GLU A N    1 
ATOM   474  C  CA   . GLU A 1 73  ? -9.669  -6.115  -3.962  1.00 14.61 ?  2979 GLU A CA   1 
ATOM   475  C  C    . GLU A 1 73  ? -8.662  -6.827  -4.864  1.00 16.20 ?  2979 GLU A C    1 
ATOM   476  O  O    . GLU A 1 73  ? -8.888  -7.964  -5.293  1.00 19.51 ?  2979 GLU A O    1 
ATOM   477  C  CB   . GLU A 1 73  ? -10.429 -5.027  -4.732  1.00 16.06 ?  2979 GLU A CB   1 
ATOM   478  C  CG   . GLU A 1 73  ? -11.046 -5.475  -6.073  1.00 25.06 ?  2979 GLU A CG   1 
ATOM   479  C  CD   . GLU A 1 73  ? -11.415 -4.283  -6.943  1.00 38.10 ?  2979 GLU A CD   1 
ATOM   480  O  OE1  . GLU A 1 73  ? -11.766 -3.216  -6.378  1.00 39.62 ?  2979 GLU A OE1  1 
ATOM   481  O  OE2  . GLU A 1 73  ? -11.435 -4.429  -8.182  1.00 38.99 -1 2979 GLU A OE2  1 
ATOM   482  N  N    . ARG A 1 74  ? -7.527  -6.182  -5.136  1.00 13.96 ?  2980 ARG A N    1 
ATOM   483  C  CA   . ARG A 1 74  ? -6.523  -6.792  -6.003  1.00 15.71 ?  2980 ARG A CA   1 
ATOM   484  C  C    . ARG A 1 74  ? -5.912  -8.023  -5.352  1.00 14.43 ?  2980 ARG A C    1 
ATOM   485  O  O    . ARG A 1 74  ? -5.651  -9.024  -6.031  1.00 15.71 ?  2980 ARG A O    1 
ATOM   486  C  CB   . ARG A 1 74  ? -5.444  -5.768  -6.335  1.00 14.28 ?  2980 ARG A CB   1 
ATOM   487  C  CG   . ARG A 1 74  ? -5.903  -4.827  -7.441  1.00 12.28 ?  2980 ARG A CG   1 
ATOM   488  C  CD   . ARG A 1 74  ? -4.951  -3.653  -7.677  1.00 14.02 ?  2980 ARG A CD   1 
ATOM   489  N  NE   . ARG A 1 74  ? -5.475  -2.877  -8.796  1.00 16.09 ?  2980 ARG A NE   1 
ATOM   490  C  CZ   . ARG A 1 74  ? -4.846  -1.889  -9.413  1.00 22.39 ?  2980 ARG A CZ   1 
ATOM   491  N  NH1  . ARG A 1 74  ? -3.627  -1.522  -9.057  1.00 16.82 ?  2980 ARG A NH1  1 
ATOM   492  N  NH2  . ARG A 1 74  ? -5.447  -1.279  -10.441 1.00 14.09 ?  2980 ARG A NH2  1 
ATOM   493  N  N    . VAL A 1 75  ? -5.666  -7.974  -4.039  1.00 13.78 ?  2981 VAL A N    1 
ATOM   494  C  CA   . VAL A 1 75  ? -5.184  -9.175  -3.358  1.00 12.83 ?  2981 VAL A CA   1 
ATOM   495  C  C    . VAL A 1 75  ? -6.220  -10.288 -3.476  1.00 18.37 ?  2981 VAL A C    1 
ATOM   496  O  O    . VAL A 1 75  ? -5.891  -11.433 -3.812  1.00 18.16 ?  2981 VAL A O    1 
ATOM   497  C  CB   . VAL A 1 75  ? -4.825  -8.864  -1.887  1.00 18.04 ?  2981 VAL A CB   1 
ATOM   498  C  CG1  . VAL A 1 75  ? -4.583  -10.146 -1.083  1.00 18.47 ?  2981 VAL A CG1  1 
ATOM   499  C  CG2  . VAL A 1 75  ? -3.584  -7.974  -1.824  1.00 13.44 ?  2981 VAL A CG2  1 
ATOM   500  N  N    . GLN A 1 76  ? -7.490  -9.963  -3.240  1.00 17.31 ?  2982 GLN A N    1 
ATOM   501  C  CA   . GLN A 1 76  ? -8.535  -10.981 -3.336  1.00 18.56 ?  2982 GLN A CA   1 
ATOM   502  C  C    . GLN A 1 76  ? -8.577  -11.612 -4.725  1.00 24.33 ?  2982 GLN A C    1 
ATOM   503  O  O    . GLN A 1 76  ? -8.753  -12.833 -4.857  1.00 20.19 ?  2982 GLN A O    1 
ATOM   504  C  CB   . GLN A 1 76  ? -9.891  -10.377 -2.964  1.00 21.04 ?  2982 GLN A CB   1 
ATOM   505  C  CG   . GLN A 1 76  ? -11.085 -11.321 -3.096  1.00 36.85 ?  2982 GLN A CG   1 
ATOM   506  C  CD   . GLN A 1 76  ? -10.967 -12.559 -2.223  1.00 50.98 ?  2982 GLN A CD   1 
ATOM   507  O  OE1  . GLN A 1 76  ? -11.455 -12.576 -1.090  1.00 63.74 ?  2982 GLN A OE1  1 
ATOM   508  N  NE2  . GLN A 1 76  ? -10.355 -13.626 -2.765  1.00 51.72 ?  2982 GLN A NE2  1 
ATOM   509  N  N    A ARG A 1 77  ? -8.402  -10.803 -5.771  1.00 19.67 ?  2983 ARG A N    1 
ATOM   510  N  N    C ARG A 1 77  ? -8.403  -10.807 -5.770  0.00 19.74 ?  2983 ARG A N    1 
ATOM   511  C  CA   A ARG A 1 77  ? -8.492  -11.278 -7.144  1.00 19.36 ?  2983 ARG A CA   1 
ATOM   512  C  CA   C ARG A 1 77  ? -8.491  -11.282 -7.143  0.00 19.46 ?  2983 ARG A CA   1 
ATOM   513  C  C    A ARG A 1 77  ? -7.192  -11.889 -7.654  1.00 19.79 ?  2983 ARG A C    1 
ATOM   514  C  C    C ARG A 1 77  ? -7.175  -11.837 -7.678  0.00 19.71 ?  2983 ARG A C    1 
ATOM   515  O  O    A ARG A 1 77  ? -7.152  -12.337 -8.801  1.00 17.36 ?  2983 ARG A O    1 
ATOM   516  O  O    C ARG A 1 77  ? -7.103  -12.174 -8.865  0.00 17.86 ?  2983 ARG A O    1 
ATOM   517  C  CB   A ARG A 1 77  ? -8.923  -10.129 -8.069  1.00 19.43 ?  2983 ARG A CB   1 
ATOM   518  C  CG   A ARG A 1 77  ? -10.385 -9.732  -7.921  1.00 26.69 ?  2983 ARG A CG   1 
ATOM   519  C  CD   A ARG A 1 77  ? -10.802 -8.775  -9.039  1.00 38.08 ?  2983 ARG A CD   1 
ATOM   520  N  NE   A ARG A 1 77  ? -12.231 -8.850  -9.340  1.00 60.59 ?  2983 ARG A NE   1 
ATOM   521  C  CZ   A ARG A 1 77  ? -13.113 -7.893  -9.073  1.00 50.15 ?  2983 ARG A CZ   1 
ATOM   522  N  NH1  A ARG A 1 77  ? -12.748 -6.751  -8.519  1.00 41.45 ?  2983 ARG A NH1  1 
ATOM   523  N  NH2  A ARG A 1 77  ? -14.395 -8.089  -9.373  1.00 56.01 ?  2983 ARG A NH2  1 
ATOM   524  N  N    . ARG A 1 78  ? -6.142  -11.940 -6.838  1.00 17.33 ?  2984 ARG A N    1 
ATOM   525  C  CA   . ARG A 1 78  ? -4.824  -12.444 -7.259  1.00 18.68 ?  2984 ARG A CA   1 
ATOM   526  C  C    . ARG A 1 78  ? -4.282  -11.611 -8.420  1.00 15.67 ?  2984 ARG A C    1 
ATOM   527  O  O    . ARG A 1 78  ? -3.713  -12.127 -9.384  1.00 15.59 ?  2984 ARG A O    1 
ATOM   528  C  CB   . ARG A 1 78  ? -4.869  -13.938 -7.609  1.00 19.83 ?  2984 ARG A CB   1 
ATOM   529  C  CG   . ARG A 1 78  ? -5.483  -14.817 -6.530  1.00 21.81 ?  2984 ARG A CG   1 
ATOM   530  C  CD   . ARG A 1 78  ? -4.919  -14.488 -5.172  1.00 22.55 ?  2984 ARG A CD   1 
ATOM   531  N  NE   . ARG A 1 78  ? -5.131  -15.540 -4.186  1.00 16.56 ?  2984 ARG A NE   1 
ATOM   532  C  CZ   . ARG A 1 78  ? -5.636  -15.329 -2.980  1.00 22.00 ?  2984 ARG A CZ   1 
ATOM   533  N  NH1  . ARG A 1 78  ? -6.034  -14.124 -2.598  1.00 18.83 ?  2984 ARG A NH1  1 
ATOM   534  N  NH2  . ARG A 1 78  ? -5.724  -16.345 -2.125  1.00 18.17 ?  2984 ARG A NH2  1 
ATOM   535  N  N    . TYR A 1 79  ? -4.502  -10.297 -8.329  1.00 15.64 ?  2985 TYR A N    1 
ATOM   536  C  CA   . TYR A 1 79  ? -4.037  -9.366  -9.354  1.00 16.79 ?  2985 TYR A CA   1 
ATOM   537  C  C    . TYR A 1 79  ? -2.520  -9.392  -9.500  1.00 19.24 ?  2985 TYR A C    1 
ATOM   538  O  O    . TYR A 1 79  ? -1.991  -9.312  -10.618 1.00 18.06 ?  2985 TYR A O    1 
ATOM   539  C  CB   . TYR A 1 79  ? -4.527  -7.971  -8.974  1.00 14.27 ?  2985 TYR A CB   1 
ATOM   540  C  CG   . TYR A 1 79  ? -3.945  -6.809  -9.730  1.00 15.26 ?  2985 TYR A CG   1 
ATOM   541  C  CD1  . TYR A 1 79  ? -4.502  -6.385  -10.933 1.00 11.79 ?  2985 TYR A CD1  1 
ATOM   542  C  CD2  . TYR A 1 79  ? -2.868  -6.099  -9.213  1.00 16.59 ?  2985 TYR A CD2  1 
ATOM   543  C  CE1  . TYR A 1 79  ? -3.980  -5.310  -11.599 1.00 16.82 ?  2985 TYR A CE1  1 
ATOM   544  C  CE2  . TYR A 1 79  ? -2.333  -5.018  -9.888  1.00 16.37 ?  2985 TYR A CE2  1 
ATOM   545  C  CZ   . TYR A 1 79  ? -2.900  -4.628  -11.073 1.00 15.89 ?  2985 TYR A CZ   1 
ATOM   546  O  OH   . TYR A 1 79  ? -2.389  -3.529  -11.747 1.00 16.67 ?  2985 TYR A OH   1 
ATOM   547  N  N    . TYR A 1 80  ? -1.802  -9.472  -8.381  1.00 15.14 ?  2986 TYR A N    1 
ATOM   548  C  CA   . TYR A 1 80  ? -0.345  -9.366  -8.377  1.00 16.75 ?  2986 TYR A CA   1 
ATOM   549  C  C    . TYR A 1 80  ? 0.325   -10.676 -8.777  1.00 15.70 ?  2986 TYR A C    1 
ATOM   550  O  O    . TYR A 1 80  ? 0.043   -11.724 -8.193  1.00 17.64 ?  2986 TYR A O    1 
ATOM   551  C  CB   . TYR A 1 80  ? 0.143   -8.952  -6.992  1.00 14.02 ?  2986 TYR A CB   1 
ATOM   552  C  CG   . TYR A 1 80  ? -0.522  -7.687  -6.523  1.00 13.36 ?  2986 TYR A CG   1 
ATOM   553  C  CD1  . TYR A 1 80  ? -0.124  -6.459  -7.035  1.00 15.55 ?  2986 TYR A CD1  1 
ATOM   554  C  CD2  . TYR A 1 80  ? -1.555  -7.719  -5.595  1.00 12.67 ?  2986 TYR A CD2  1 
ATOM   555  C  CE1  . TYR A 1 80  ? -0.726  -5.287  -6.633  1.00 13.53 ?  2986 TYR A CE1  1 
ATOM   556  C  CE2  . TYR A 1 80  ? -2.174  -6.534  -5.176  1.00 14.07 ?  2986 TYR A CE2  1 
ATOM   557  C  CZ   . TYR A 1 80  ? -1.752  -5.330  -5.706  1.00 13.73 ?  2986 TYR A CZ   1 
ATOM   558  O  OH   . TYR A 1 80  ? -2.349  -4.157  -5.314  1.00 16.24 ?  2986 TYR A OH   1 
ATOM   559  N  N    . GLU A 1 81  ? 1.222   -10.611 -9.766  1.00 14.94 ?  2987 GLU A N    1 
ATOM   560  C  CA   . GLU A 1 81  ? 2.032   -11.770 -10.128 1.00 17.27 ?  2987 GLU A CA   1 
ATOM   561  C  C    . GLU A 1 81  ? 3.363   -11.828 -9.395  1.00 16.52 ?  2987 GLU A C    1 
ATOM   562  O  O    . GLU A 1 81  ? 3.867   -12.923 -9.130  1.00 18.96 ?  2987 GLU A O    1 
ATOM   563  C  CB   . GLU A 1 81  ? 2.286   -11.781 -11.637 1.00 24.92 ?  2987 GLU A CB   1 
ATOM   564  C  CG   . GLU A 1 81  ? 1.017   -11.597 -12.453 1.00 38.29 ?  2987 GLU A CG   1 
ATOM   565  C  CD   . GLU A 1 81  ? 1.154   -12.137 -13.861 1.00 49.48 ?  2987 GLU A CD   1 
ATOM   566  O  OE1  . GLU A 1 81  ? 2.183   -11.853 -14.513 1.00 50.48 ?  2987 GLU A OE1  1 
ATOM   567  O  OE2  . GLU A 1 81  ? 0.226   -12.840 -14.314 1.00 46.82 -1 2987 GLU A OE2  1 
ATOM   568  N  N    . LYS A 1 82  ? 3.957   -10.676 -9.075  1.00 13.49 ?  2988 LYS A N    1 
ATOM   569  C  CA   . LYS A 1 82  ? 5.241   -10.604 -8.388  1.00 15.10 ?  2988 LYS A CA   1 
ATOM   570  C  C    . LYS A 1 82  ? 5.108   -9.692  -7.181  1.00 15.69 ?  2988 LYS A C    1 
ATOM   571  O  O    . LYS A 1 82  ? 4.290   -8.772  -7.193  1.00 15.31 ?  2988 LYS A O    1 
ATOM   572  C  CB   . LYS A 1 82  ? 6.347   -10.024 -9.279  1.00 20.58 ?  2988 LYS A CB   1 
ATOM   573  C  CG   . LYS A 1 82  ? 6.603   -10.763 -10.591 1.00 22.02 ?  2988 LYS A CG   1 
ATOM   574  C  CD   . LYS A 1 82  ? 7.151   -12.164 -10.357 1.00 22.79 ?  2988 LYS A CD   1 
ATOM   575  C  CE   . LYS A 1 82  ? 6.810   -13.063 -11.537 1.00 33.23 ?  2988 LYS A CE   1 
ATOM   576  N  NZ   . LYS A 1 82  ? 7.654   -12.694 -12.713 1.00 41.59 ?  2988 LYS A NZ   1 
ATOM   577  N  N    . LEU A 1 83  ? 5.956   -9.907  -6.166  1.00 15.28 ?  2989 LEU A N    1 
ATOM   578  C  CA   . LEU A 1 83  ? 5.927   -9.021  -4.999  1.00 13.36 ?  2989 LEU A CA   1 
ATOM   579  C  C    . LEU A 1 83  ? 6.207   -7.581  -5.391  1.00 13.13 ?  2989 LEU A C    1 
ATOM   580  O  O    . LEU A 1 83  ? 5.653   -6.655  -4.789  1.00 14.32 ?  2989 LEU A O    1 
ATOM   581  C  CB   . LEU A 1 83  ? 6.952   -9.478  -3.961  1.00 15.93 ?  2989 LEU A CB   1 
ATOM   582  C  CG   . LEU A 1 83  ? 7.041   -8.758  -2.612  1.00 16.43 ?  2989 LEU A CG   1 
ATOM   583  C  CD1  . LEU A 1 83  ? 5.673   -8.803  -1.904  1.00 15.40 ?  2989 LEU A CD1  1 
ATOM   584  C  CD2  . LEU A 1 83  ? 8.136   -9.402  -1.762  1.00 13.53 ?  2989 LEU A CD2  1 
ATOM   585  N  N    . THR A 1 84  ? 7.067   -7.377  -6.391  1.00 15.56 ?  2990 THR A N    1 
ATOM   586  C  CA   . THR A 1 84  ? 7.417   -6.026  -6.822  1.00 17.46 ?  2990 THR A CA   1 
ATOM   587  C  C    . THR A 1 84  ? 6.174   -5.202  -7.159  1.00 19.36 ?  2990 THR A C    1 
ATOM   588  O  O    . THR A 1 84  ? 6.136   -3.998  -6.881  1.00 16.36 ?  2990 THR A O    1 
ATOM   589  C  CB   A THR A 1 84  ? 8.370   -6.087  -8.014  0.46 22.79 ?  2990 THR A CB   1 
ATOM   590  C  CB   B THR A 1 84  ? 8.342   -6.097  -8.046  0.54 22.79 ?  2990 THR A CB   1 
ATOM   591  O  OG1  A THR A 1 84  ? 8.727   -4.760  -8.412  0.46 29.91 ?  2990 THR A OG1  1 
ATOM   592  O  OG1  B THR A 1 84  ? 9.475   -6.929  -7.764  0.54 18.85 ?  2990 THR A OG1  1 
ATOM   593  C  CG2  A THR A 1 84  ? 7.710   -6.782  -9.157  0.46 15.38 ?  2990 THR A CG2  1 
ATOM   594  C  CG2  B THR A 1 84  ? 8.836   -4.717  -8.429  0.54 29.86 ?  2990 THR A CG2  1 
ATOM   595  N  N    . GLU A 1 85  ? 5.146   -5.828  -7.761  1.00 14.49 ?  2991 GLU A N    1 
ATOM   596  C  CA   . GLU A 1 85  ? 3.941   -5.081  -8.147  1.00 18.81 ?  2991 GLU A CA   1 
ATOM   597  C  C    . GLU A 1 85  ? 3.084   -4.717  -6.931  1.00 17.81 ?  2991 GLU A C    1 
ATOM   598  O  O    . GLU A 1 85  ? 2.453   -3.650  -6.902  1.00 16.17 ?  2991 GLU A O    1 
ATOM   599  C  CB   . GLU A 1 85  ? 3.108   -5.884  -9.160  1.00 19.79 ?  2991 GLU A CB   1 
ATOM   600  C  CG   . GLU A 1 85  ? 3.883   -6.369  -10.388 1.00 29.11 ?  2991 GLU A CG   1 
ATOM   601  C  CD   . GLU A 1 85  ? 3.279   -7.624  -11.071 1.00 39.26 ?  2991 GLU A CD   1 
ATOM   602  O  OE1  . GLU A 1 85  ? 2.217   -8.135  -10.635 1.00 29.71 ?  2991 GLU A OE1  1 
ATOM   603  O  OE2  . GLU A 1 85  ? 3.868   -8.087  -12.077 1.00 40.44 -1 2991 GLU A OE2  1 
ATOM   604  N  N    . PHE A 1 86  ? 3.015   -5.609  -5.940  1.00 14.49 ?  2992 PHE A N    1 
ATOM   605  C  CA   . PHE A 1 86  ? 2.339   -5.282  -4.684  1.00 15.14 ?  2992 PHE A CA   1 
ATOM   606  C  C    . PHE A 1 86  ? 3.045   -4.120  -3.994  1.00 14.51 ?  2992 PHE A C    1 
ATOM   607  O  O    . PHE A 1 86  ? 2.410   -3.151  -3.560  1.00 12.00 ?  2992 PHE A O    1 
ATOM   608  C  CB   . PHE A 1 86  ? 2.309   -6.538  -3.803  1.00 12.58 ?  2992 PHE A CB   1 
ATOM   609  C  CG   . PHE A 1 86  ? 1.772   -6.331  -2.411  1.00 12.15 ?  2992 PHE A CG   1 
ATOM   610  C  CD1  . PHE A 1 86  ? 0.430   -6.515  -2.148  1.00 14.15 ?  2992 PHE A CD1  1 
ATOM   611  C  CD2  . PHE A 1 86  ? 2.623   -6.018  -1.350  1.00 13.63 ?  2992 PHE A CD2  1 
ATOM   612  C  CE1  . PHE A 1 86  ? -0.082  -6.377  -0.865  1.00 15.86 ?  2992 PHE A CE1  1 
ATOM   613  C  CE2  . PHE A 1 86  ? 2.118   -5.873  -0.061  1.00 15.59 ?  2992 PHE A CE2  1 
ATOM   614  C  CZ   . PHE A 1 86  ? 0.748   -6.047  0.176   1.00 15.58 ?  2992 PHE A CZ   1 
ATOM   615  N  N    . VAL A 1 87  ? 4.373   -4.185  -3.912  1.00 11.48 ?  2993 VAL A N    1 
ATOM   616  C  CA   . VAL A 1 87  ? 5.116   -3.082  -3.313  1.00 11.86 ?  2993 VAL A CA   1 
ATOM   617  C  C    . VAL A 1 87  ? 4.888   -1.789  -4.088  1.00 13.51 ?  2993 VAL A C    1 
ATOM   618  O  O    . VAL A 1 87  ? 4.791   -0.711  -3.492  1.00 15.87 ?  2993 VAL A O    1 
ATOM   619  C  CB   . VAL A 1 87  ? 6.606   -3.433  -3.214  1.00 14.72 ?  2993 VAL A CB   1 
ATOM   620  C  CG1  . VAL A 1 87  ? 7.373   -2.278  -2.604  1.00 14.55 ?  2993 VAL A CG1  1 
ATOM   621  C  CG2  . VAL A 1 87  ? 6.789   -4.662  -2.318  1.00 14.93 ?  2993 VAL A CG2  1 
ATOM   622  N  N    . ALA A 1 88  ? 4.785   -1.867  -5.424  1.00 14.46 ?  2994 ALA A N    1 
ATOM   623  C  CA   . ALA A 1 88  ? 4.624   -0.631  -6.201  1.00 13.21 ?  2994 ALA A CA   1 
ATOM   624  C  C    . ALA A 1 88  ? 3.274   0.031   -5.933  1.00 12.12 ?  2994 ALA A C    1 
ATOM   625  O  O    . ALA A 1 88  ? 3.193   1.255   -5.819  1.00 14.52 ?  2994 ALA A O    1 
ATOM   626  C  CB   . ALA A 1 88  ? 4.800   -0.893  -7.694  1.00 18.27 ?  2994 ALA A CB   1 
ATOM   627  N  N    . ASP A 1 89  ? 2.201   -0.756  -5.828  1.00 15.01 ?  2995 ASP A N    1 
ATOM   628  C  CA   . ASP A 1 89  ? 0.906   -0.184  -5.467  1.00 15.58 ?  2995 ASP A CA   1 
ATOM   629  C  C    . ASP A 1 89  ? 0.949   0.439   -4.074  1.00 13.85 ?  2995 ASP A C    1 
ATOM   630  O  O    . ASP A 1 89  ? 0.406   1.529   -3.855  1.00 15.13 ?  2995 ASP A O    1 
ATOM   631  C  CB   . ASP A 1 89  ? -0.175  -1.263  -5.507  1.00 14.36 ?  2995 ASP A CB   1 
ATOM   632  C  CG   . ASP A 1 89  ? -0.844  -1.374  -6.863  1.00 15.08 ?  2995 ASP A CG   1 
ATOM   633  O  OD1  . ASP A 1 89  ? -0.448  -0.644  -7.806  1.00 16.75 ?  2995 ASP A OD1  1 
ATOM   634  O  OD2  . ASP A 1 89  ? -1.773  -2.190  -7.004  1.00 16.48 -1 2995 ASP A OD2  1 
ATOM   635  N  N    . MET A 1 90  ? 1.568   -0.248  -3.106  1.00 10.67 ?  2996 MET A N    1 
ATOM   636  C  CA   . MET A 1 90  ? 1.556   0.286   -1.752  1.00 13.97 ?  2996 MET A CA   1 
ATOM   637  C  C    . MET A 1 90  ? 2.356   1.591   -1.728  1.00 13.24 ?  2996 MET A C    1 
ATOM   638  O  O    . MET A 1 90  ? 1.957   2.583   -1.096  1.00 12.25 ?  2996 MET A O    1 
ATOM   639  C  CB   . MET A 1 90  ? 2.181   -0.745  -0.805  1.00 14.75 ?  2996 MET A CB   1 
ATOM   640  C  CG   . MET A 1 90  ? 2.188   -0.390  0.688   1.00 17.76 ?  2996 MET A CG   1 
ATOM   641  S  SD   . MET A 1 90  ? 0.468   -0.239  1.313   1.00 20.20 ?  2996 MET A SD   1 
ATOM   642  C  CE   . MET A 1 90  ? 0.036   -1.977  1.277   1.00 17.25 ?  2996 MET A CE   1 
ATOM   643  N  N    . THR A 1 91  ? 3.473   1.619   -2.467  1.00 12.09 ?  2997 THR A N    1 
ATOM   644  C  CA   . THR A 1 91  ? 4.316   2.820   -2.522  1.00 15.69 ?  2997 THR A CA   1 
ATOM   645  C  C    . THR A 1 91  ? 3.576   3.999   -3.131  1.00 14.85 ?  2997 THR A C    1 
ATOM   646  O  O    . THR A 1 91  ? 3.775   5.146   -2.700  1.00 16.12 ?  2997 THR A O    1 
ATOM   647  C  CB   . THR A 1 91  ? 5.610   2.504   -3.282  1.00 18.63 ?  2997 THR A CB   1 
ATOM   648  O  OG1  . THR A 1 91  ? 6.319   1.472   -2.584  1.00 13.63 ?  2997 THR A OG1  1 
ATOM   649  C  CG2  . THR A 1 91  ? 6.535   3.721   -3.373  1.00 19.24 ?  2997 THR A CG2  1 
ATOM   650  N  N    . LYS A 1 92  ? 2.674   3.742   -4.090  1.00 15.47 ?  2998 LYS A N    1 
ATOM   651  C  CA   . LYS A 1 92  ? 1.848   4.816   -4.643  1.00 15.25 ?  2998 LYS A CA   1 
ATOM   652  C  C    . LYS A 1 92  ? 1.052   5.524   -3.563  1.00 13.10 ?  2998 LYS A C    1 
ATOM   653  O  O    . LYS A 1 92  ? 0.907   6.748   -3.601  1.00 13.52 ?  2998 LYS A O    1 
ATOM   654  C  CB   A LYS A 1 92  ? 0.879   4.261   -5.690  0.41 15.75 ?  2998 LYS A CB   1 
ATOM   655  C  CB   B LYS A 1 92  ? 0.903   4.261   -5.711  0.59 15.76 ?  2998 LYS A CB   1 
ATOM   656  C  CG   A LYS A 1 92  ? 1.513   3.808   -6.987  0.41 16.21 ?  2998 LYS A CG   1 
ATOM   657  C  CG   B LYS A 1 92  ? 1.354   4.551   -7.122  0.59 18.41 ?  2998 LYS A CG   1 
ATOM   658  C  CD   A LYS A 1 92  ? 0.459   3.130   -7.852  0.41 15.50 ?  2998 LYS A CD   1 
ATOM   659  C  CD   B LYS A 1 92  ? 0.268   4.205   -8.135  0.59 19.19 ?  2998 LYS A CD   1 
ATOM   660  C  CE   A LYS A 1 92  ? 1.078   2.428   -9.063  0.41 21.67 ?  2998 LYS A CE   1 
ATOM   661  C  CE   B LYS A 1 92  ? -0.079  2.744   -8.054  0.59 19.97 ?  2998 LYS A CE   1 
ATOM   662  N  NZ   A LYS A 1 92  ? 1.296   0.965   -8.846  0.41 21.91 ?  2998 LYS A NZ   1 
ATOM   663  N  NZ   B LYS A 1 92  ? -0.540  2.154   -9.364  0.59 19.57 ?  2998 LYS A NZ   1 
ATOM   664  N  N    . ILE A 1 93  ? 0.458   4.764   -2.639  1.00 13.14 ?  2999 ILE A N    1 
ATOM   665  C  CA   . ILE A 1 93  ? -0.348  5.375   -1.577  1.00 11.23 ?  2999 ILE A CA   1 
ATOM   666  C  C    . ILE A 1 93  ? 0.443   6.468   -0.875  1.00 13.12 ?  2999 ILE A C    1 
ATOM   667  O  O    . ILE A 1 93  ? -0.033  7.601   -0.686  1.00 14.33 ?  2999 ILE A O    1 
ATOM   668  C  CB   . ILE A 1 93  ? -0.820  4.305   -0.580  1.00 14.55 ?  2999 ILE A CB   1 
ATOM   669  C  CG1  . ILE A 1 93  ? -1.742  3.298   -1.290  1.00 14.98 ?  2999 ILE A CG1  1 
ATOM   670  C  CG2  . ILE A 1 93  ? -1.476  4.977   0.624   1.00 13.15 ?  2999 ILE A CG2  1 
ATOM   671  C  CD1  . ILE A 1 93  ? -2.173  2.119   -0.399  1.00 15.99 ?  2999 ILE A CD1  1 
ATOM   672  N  N    . PHE A 1 94  ? 1.676   6.152   -0.506  1.00 12.95 ?  3000 PHE A N    1 
ATOM   673  C  CA   . PHE A 1 94  ? 2.468   7.087   0.281   1.00 11.25 ?  3000 PHE A CA   1 
ATOM   674  C  C    . PHE A 1 94  ? 3.075   8.180   -0.581  1.00 17.71 ?  3000 PHE A C    1 
ATOM   675  O  O    . PHE A 1 94  ? 3.107   9.342   -0.166  1.00 16.82 ?  3000 PHE A O    1 
ATOM   676  C  CB   . PHE A 1 94  ? 3.555   6.317   1.040   1.00 12.07 ?  3000 PHE A CB   1 
ATOM   677  C  CG   . PHE A 1 94  ? 3.015   5.157   1.844   1.00 13.90 ?  3000 PHE A CG   1 
ATOM   678  C  CD1  . PHE A 1 94  ? 1.920   5.336   2.698   1.00 15.55 ?  3000 PHE A CD1  1 
ATOM   679  C  CD2  . PHE A 1 94  ? 3.570   3.889   1.728   1.00 13.74 ?  3000 PHE A CD2  1 
ATOM   680  C  CE1  . PHE A 1 94  ? 1.413   4.276   3.436   1.00 13.99 ?  3000 PHE A CE1  1 
ATOM   681  C  CE2  . PHE A 1 94  ? 3.056   2.828   2.469   1.00 16.33 ?  3000 PHE A CE2  1 
ATOM   682  C  CZ   . PHE A 1 94  ? 1.982   3.019   3.314   1.00 13.80 ?  3000 PHE A CZ   1 
ATOM   683  N  N    . ASP A 1 95  ? 3.563   7.841   -1.773  1.00 12.59 ?  3001 ASP A N    1 
ATOM   684  C  CA   . ASP A 1 95  ? 4.164   8.863   -2.631  1.00 14.59 ?  3001 ASP A CA   1 
ATOM   685  C  C    . ASP A 1 95  ? 3.113   9.854   -3.137  1.00 15.68 ?  3001 ASP A C    1 
ATOM   686  O  O    . ASP A 1 95  ? 3.391   11.064  -3.234  1.00 13.35 ?  3001 ASP A O    1 
ATOM   687  C  CB   . ASP A 1 95  ? 4.887   8.214   -3.814  1.00 14.57 ?  3001 ASP A CB   1 
ATOM   688  C  CG   . ASP A 1 95  ? 6.253   7.595   -3.426  1.00 17.30 ?  3001 ASP A CG   1 
ATOM   689  O  OD1  . ASP A 1 95  ? 6.637   7.660   -2.232  1.00 20.54 ?  3001 ASP A OD1  1 
ATOM   690  O  OD2  . ASP A 1 95  ? 6.946   7.050   -4.327  1.00 17.45 -1 3001 ASP A OD2  1 
ATOM   691  N  N    . ASN A 1 96  ? 1.924   9.363   -3.517  1.00 12.80 ?  3002 ASN A N    1 
ATOM   692  C  CA   . ASN A 1 96  ? 0.827   10.267  -3.869  1.00 13.03 ?  3002 ASN A CA   1 
ATOM   693  C  C    . ASN A 1 96  ? 0.572   11.265  -2.750  1.00 11.20 ?  3002 ASN A C    1 
ATOM   694  O  O    . ASN A 1 96  ? 0.444   12.475  -2.981  1.00 13.55 ?  3002 ASN A O    1 
ATOM   695  C  CB   . ASN A 1 96  ? -0.461  9.472   -4.146  1.00 11.89 ?  3002 ASN A CB   1 
ATOM   696  C  CG   . ASN A 1 96  ? -0.411  8.710   -5.422  1.00 12.29 ?  3002 ASN A CG   1 
ATOM   697  O  OD1  . ASN A 1 96  ? 0.537   8.850   -6.189  1.00 12.30 ?  3002 ASN A OD1  1 
ATOM   698  N  ND2  . ASN A 1 96  ? -1.396  7.820   -5.632  1.00 11.72 ?  3002 ASN A ND2  1 
ATOM   699  N  N    . CYS A 1 97  ? 0.487   10.764  -1.517  1.00 11.98 ?  3003 CYS A N    1 
ATOM   700  C  CA   . CYS A 1 97  ? 0.101   11.609  -0.391  1.00 12.63 ?  3003 CYS A CA   1 
ATOM   701  C  C    . CYS A 1 97  ? 1.164   12.673  -0.116  1.00 17.48 ?  3003 CYS A C    1 
ATOM   702  O  O    . CYS A 1 97  ? 0.836   13.844  0.132   1.00 13.82 ?  3003 CYS A O    1 
ATOM   703  C  CB   . CYS A 1 97  ? -0.133  10.709  0.831   1.00 15.86 ?  3003 CYS A CB   1 
ATOM   704  S  SG   . CYS A 1 97  ? -0.513  11.555  2.363   1.00 16.66 ?  3003 CYS A SG   1 
ATOM   705  N  N    . ARG A 1 98  ? 2.446   12.291  -0.162  1.00 14.18 ?  3004 ARG A N    1 
ATOM   706  C  CA   . ARG A 1 98  ? 3.518   13.262  0.083   1.00 13.57 ?  3004 ARG A CA   1 
ATOM   707  C  C    . ARG A 1 98  ? 3.705   14.251  -1.064  1.00 18.72 ?  3004 ARG A C    1 
ATOM   708  O  O    . ARG A 1 98  ? 4.306   15.312  -0.858  1.00 19.48 ?  3004 ARG A O    1 
ATOM   709  C  CB   . ARG A 1 98  ? 4.834   12.530  0.355   1.00 17.77 ?  3004 ARG A CB   1 
ATOM   710  C  CG   . ARG A 1 98  ? 4.875   11.842  1.717   1.00 17.79 ?  3004 ARG A CG   1 
ATOM   711  C  CD   . ARG A 1 98  ? 6.248   11.304  1.973   1.00 23.24 ?  3004 ARG A CD   1 
ATOM   712  N  NE   . ARG A 1 98  ? 6.489   10.201  1.057   1.00 19.39 ?  3004 ARG A NE   1 
ATOM   713  C  CZ   . ARG A 1 98  ? 6.582   8.928   1.420   1.00 23.95 ?  3004 ARG A CZ   1 
ATOM   714  N  NH1  . ARG A 1 98  ? 6.513   8.558   2.693   1.00 20.64 ?  3004 ARG A NH1  1 
ATOM   715  N  NH2  . ARG A 1 98  ? 6.773   8.006   0.484   1.00 19.90 ?  3004 ARG A NH2  1 
ATOM   716  N  N    . TYR A 1 99  ? 3.211   13.936  -2.258  1.00 12.93 ?  3005 TYR A N    1 
ATOM   717  C  CA   . TYR A 1 99  ? 3.232   14.896  -3.359  1.00 17.81 ?  3005 TYR A CA   1 
ATOM   718  C  C    . TYR A 1 99  ? 2.064   15.872  -3.271  1.00 17.87 ?  3005 TYR A C    1 
ATOM   719  O  O    . TYR A 1 99  ? 2.222   17.066  -3.560  1.00 15.75 ?  3005 TYR A O    1 
ATOM   720  C  CB   . TYR A 1 99  ? 3.177   14.140  -4.682  1.00 15.39 ?  3005 TYR A CB   1 
ATOM   721  C  CG   . TYR A 1 99  ? 3.068   14.986  -5.945  1.00 13.44 ?  3005 TYR A CG   1 
ATOM   722  C  CD1  . TYR A 1 99  ? 4.100   15.849  -6.328  1.00 14.23 ?  3005 TYR A CD1  1 
ATOM   723  C  CD2  . TYR A 1 99  ? 1.960   14.871  -6.781  1.00 13.84 ?  3005 TYR A CD2  1 
ATOM   724  C  CE1  . TYR A 1 99  ? 4.005   16.590  -7.511  1.00 14.58 ?  3005 TYR A CE1  1 
ATOM   725  C  CE2  . TYR A 1 99  ? 1.863   15.593  -7.951  1.00 16.76 ?  3005 TYR A CE2  1 
ATOM   726  C  CZ   . TYR A 1 99  ? 2.885   16.451  -8.312  1.00 14.42 ?  3005 TYR A CZ   1 
ATOM   727  O  OH   . TYR A 1 99  ? 2.802   17.181  -9.482  1.00 18.44 ?  3005 TYR A OH   1 
ATOM   728  N  N    . TYR A 1 100 ? 0.877   15.375  -2.920  1.00 14.69 ?  3006 TYR A N    1 
ATOM   729  C  CA   . TYR A 1 100 ? -0.282  16.262  -2.888  1.00 16.77 ?  3006 TYR A CA   1 
ATOM   730  C  C    . TYR A 1 100 ? -0.268  17.177  -1.676  1.00 20.49 ?  3006 TYR A C    1 
ATOM   731  O  O    . TYR A 1 100 ? -0.615  18.365  -1.784  1.00 15.83 ?  3006 TYR A O    1 
ATOM   732  C  CB   . TYR A 1 100 ? -1.571  15.444  -2.933  1.00 13.99 ?  3006 TYR A CB   1 
ATOM   733  C  CG   . TYR A 1 100 ? -2.790  16.324  -2.946  1.00 11.22 ?  3006 TYR A CG   1 
ATOM   734  C  CD1  . TYR A 1 100 ? -3.343  16.784  -4.131  1.00 20.20 ?  3006 TYR A CD1  1 
ATOM   735  C  CD2  . TYR A 1 100 ? -3.412  16.666  -1.756  1.00 15.79 ?  3006 TYR A CD2  1 
ATOM   736  C  CE1  . TYR A 1 100 ? -4.467  17.595  -4.127  1.00 21.56 ?  3006 TYR A CE1  1 
ATOM   737  C  CE2  . TYR A 1 100 ? -4.546  17.482  -1.751  1.00 20.44 ?  3006 TYR A CE2  1 
ATOM   738  C  CZ   . TYR A 1 100 ? -5.064  17.925  -2.934  1.00 22.40 ?  3006 TYR A CZ   1 
ATOM   739  O  OH   . TYR A 1 100 ? -6.192  18.734  -2.915  1.00 27.54 ?  3006 TYR A OH   1 
ATOM   740  N  N    . ASN A 1 101 ? 0.135   16.665  -0.550  1.00 14.29 ?  3007 ASN A N    1 
ATOM   741  C  CA   . ASN A 1 101 ? -0.028  17.374  0.704   1.00 14.49 ?  3007 ASN A CA   1 
ATOM   742  C  C    . ASN A 1 101 ? 1.270   18.049  1.129   1.00 18.33 ?  3007 ASN A C    1 
ATOM   743  O  O    . ASN A 1 101 ? 2.360   17.537  0.859   1.00 18.50 ?  3007 ASN A O    1 
ATOM   744  C  CB   . ASN A 1 101 ? -0.468  16.406  1.805   1.00 15.23 ?  3007 ASN A CB   1 
ATOM   745  C  CG   . ASN A 1 101 ? -1.846  15.820  1.555   1.00 14.98 ?  3007 ASN A CG   1 
ATOM   746  O  OD1  . ASN A 1 101 ? -2.845  16.519  1.707   1.00 15.07 ?  3007 ASN A OD1  1 
ATOM   747  N  ND2  . ASN A 1 101 ? -1.911  14.545  1.176   1.00 13.80 ?  3007 ASN A ND2  1 
ATOM   748  N  N    . PRO A 1 102 ? 1.197   19.186  1.818   1.00 16.49 ?  3008 PRO A N    1 
ATOM   749  C  CA   . PRO A 1 102 ? 2.415   19.775  2.378   1.00 19.13 ?  3008 PRO A CA   1 
ATOM   750  C  C    . PRO A 1 102 ? 2.945   18.933  3.525   1.00 19.46 ?  3008 PRO A C    1 
ATOM   751  O  O    . PRO A 1 102 ? 2.227   18.151  4.154   1.00 16.56 ?  3008 PRO A O    1 
ATOM   752  C  CB   . PRO A 1 102 ? 1.962   21.148  2.878   1.00 19.09 ?  3008 PRO A CB   1 
ATOM   753  C  CG   . PRO A 1 102 ? 0.517   20.972  3.165   1.00 24.97 ?  3008 PRO A CG   1 
ATOM   754  C  CD   . PRO A 1 102 ? -0.009  19.934  2.204   1.00 18.65 ?  3008 PRO A CD   1 
ATOM   755  N  N    . SER A 1 103 ? 4.224   19.141  3.827   1.00 16.04 ?  3009 SER A N    1 
ATOM   756  C  CA   . SER A 1 103 ? 4.895   18.286  4.798   1.00 19.56 ?  3009 SER A CA   1 
ATOM   757  C  C    . SER A 1 103 ? 4.344   18.434  6.219   1.00 19.08 ?  3009 SER A C    1 
ATOM   758  O  O    . SER A 1 103 ? 4.576   17.543  7.041   1.00 23.80 ?  3009 SER A O    1 
ATOM   759  C  CB   . SER A 1 103 ? 6.400   18.555  4.768   1.00 28.64 ?  3009 SER A CB   1 
ATOM   760  O  OG   . SER A 1 103 ? 6.705   19.793  5.376   1.00 29.58 ?  3009 SER A OG   1 
ATOM   761  N  N    . ASP A 1 104 ? 3.610   19.510  6.540   1.00 20.92 ?  3010 ASP A N    1 
ATOM   762  C  CA   . ASP A 1 104 ? 3.029   19.623  7.879   1.00 20.84 ?  3010 ASP A CA   1 
ATOM   763  C  C    . ASP A 1 104 ? 1.578   19.149  7.940   1.00 21.76 ?  3010 ASP A C    1 
ATOM   764  O  O    . ASP A 1 104 ? 0.911   19.350  8.960   1.00 25.30 ?  3010 ASP A O    1 
ATOM   765  C  CB   . ASP A 1 104 ? 3.129   21.059  8.421   1.00 31.73 ?  3010 ASP A CB   1 
ATOM   766  C  CG   . ASP A 1 104 ? 2.415   22.078  7.549   1.00 35.87 ?  3010 ASP A CG   1 
ATOM   767  O  OD1  . ASP A 1 104 ? 1.960   21.716  6.447   1.00 28.50 ?  3010 ASP A OD1  1 
ATOM   768  O  OD2  . ASP A 1 104 ? 2.275   23.245  7.992   1.00 40.25 -1 3010 ASP A OD2  1 
ATOM   769  N  N    . SER A 1 105 ? 1.082   18.505  6.884   1.00 18.14 ?  3011 SER A N    1 
ATOM   770  C  CA   . SER A 1 105 ? -0.290  18.019  6.908   1.00 17.76 ?  3011 SER A CA   1 
ATOM   771  C  C    . SER A 1 105 ? -0.377  16.720  7.715   1.00 17.02 ?  3011 SER A C    1 
ATOM   772  O  O    . SER A 1 105 ? 0.536   15.886  7.645   1.00 15.93 ?  3011 SER A O    1 
ATOM   773  C  CB   A SER A 1 105 ? -0.793  17.758  5.482   0.75 20.17 ?  3011 SER A CB   1 
ATOM   774  C  CB   B SER A 1 105 ? -0.792  17.793  5.491   0.25 20.07 ?  3011 SER A CB   1 
ATOM   775  O  OG   A SER A 1 105 ? -1.902  16.852  5.434   0.75 15.52 ?  3011 SER A OG   1 
ATOM   776  O  OG   B SER A 1 105 ? -0.406  16.521  5.029   0.25 16.24 ?  3011 SER A OG   1 
ATOM   777  N  N    . PRO A 1 106 ? -1.471  16.520  8.467   1.00 14.47 ?  3012 PRO A N    1 
ATOM   778  C  CA   . PRO A 1 106 ? -1.701  15.209  9.105   1.00 15.18 ?  3012 PRO A CA   1 
ATOM   779  C  C    . PRO A 1 106 ? -1.644  14.043  8.143   1.00 15.77 ?  3012 PRO A C    1 
ATOM   780  O  O    . PRO A 1 106 ? -1.206  12.952  8.530   1.00 15.23 ?  3012 PRO A O    1 
ATOM   781  C  CB   . PRO A 1 106 ? -3.107  15.359  9.695   1.00 17.77 ?  3012 PRO A CB   1 
ATOM   782  C  CG   . PRO A 1 106 ? -3.214  16.850  10.002  1.00 22.03 ?  3012 PRO A CG   1 
ATOM   783  C  CD   . PRO A 1 106 ? -2.494  17.519  8.852   1.00 15.98 ?  3012 PRO A CD   1 
ATOM   784  N  N    . PHE A 1 107 ? -2.156  14.221  6.917   1.00 14.29 ?  3013 PHE A N    1 
ATOM   785  C  CA   . PHE A 1 107 ? -2.069  13.151  5.926   1.00 14.83 ?  3013 PHE A CA   1 
ATOM   786  C  C    . PHE A 1 107 ? -0.616  12.779  5.665   1.00 13.44 ?  3013 PHE A C    1 
ATOM   787  O  O    . PHE A 1 107 ? -0.255  11.591  5.651   1.00 18.22 ?  3013 PHE A O    1 
ATOM   788  C  CB   . PHE A 1 107 ? -2.746  13.579  4.619   1.00 17.88 ?  3013 PHE A CB   1 
ATOM   789  C  CG   . PHE A 1 107 ? -4.156  14.029  4.798   1.00 18.05 ?  3013 PHE A CG   1 
ATOM   790  C  CD1  . PHE A 1 107 ? -5.088  13.191  5.370   1.00 16.67 ?  3013 PHE A CD1  1 
ATOM   791  C  CD2  . PHE A 1 107 ? -4.553  15.291  4.389   1.00 21.95 ?  3013 PHE A CD2  1 
ATOM   792  C  CE1  . PHE A 1 107 ? -6.397  13.601  5.550   1.00 22.64 ?  3013 PHE A CE1  1 
ATOM   793  C  CE2  . PHE A 1 107 ? -5.864  15.708  4.557   1.00 22.48 ?  3013 PHE A CE2  1 
ATOM   794  C  CZ   . PHE A 1 107 ? -6.789  14.859  5.152   1.00 20.81 ?  3013 PHE A CZ   1 
ATOM   795  N  N    . TYR A 1 108 ? 0.219   13.788  5.407   1.00 14.43 ?  3014 TYR A N    1 
ATOM   796  C  CA   . TYR A 1 108 ? 1.632   13.563  5.148   1.00 14.16 ?  3014 TYR A CA   1 
ATOM   797  C  C    . TYR A 1 108 ? 2.281   12.820  6.304   1.00 18.98 ?  3014 TYR A C    1 
ATOM   798  O  O    . TYR A 1 108 ? 3.064   11.880  6.096   1.00 15.21 ?  3014 TYR A O    1 
ATOM   799  C  CB   . TYR A 1 108 ? 2.309   14.913  4.911   1.00 13.23 ?  3014 TYR A CB   1 
ATOM   800  C  CG   . TYR A 1 108 ? 3.689   14.887  4.291   1.00 14.54 ?  3014 TYR A CG   1 
ATOM   801  C  CD1  . TYR A 1 108 ? 4.790   14.431  5.015   1.00 18.09 ?  3014 TYR A CD1  1 
ATOM   802  C  CD2  . TYR A 1 108 ? 3.902   15.374  3.011   1.00 16.34 ?  3014 TYR A CD2  1 
ATOM   803  C  CE1  . TYR A 1 108 ? 6.053   14.425  4.465   1.00 17.07 ?  3014 TYR A CE1  1 
ATOM   804  C  CE2  . TYR A 1 108 ? 5.170   15.395  2.460   1.00 17.33 ?  3014 TYR A CE2  1 
ATOM   805  C  CZ   . TYR A 1 108 ? 6.238   14.919  3.195   1.00 20.41 ?  3014 TYR A CZ   1 
ATOM   806  O  OH   . TYR A 1 108 ? 7.504   14.908  2.653   1.00 23.75 ?  3014 TYR A OH   1 
ATOM   807  N  N    . GLN A 1 109 ? 1.960   13.215  7.532   1.00 14.02 ?  3015 GLN A N    1 
ATOM   808  C  CA   . GLN A 1 109 ? 2.563   12.551  8.680   1.00 11.47 ?  3015 GLN A CA   1 
ATOM   809  C  C    . GLN A 1 109 ? 2.110   11.100  8.777   1.00 13.87 ?  3015 GLN A C    1 
ATOM   810  O  O    . GLN A 1 109 ? 2.914   10.224  9.112   1.00 14.39 ?  3015 GLN A O    1 
ATOM   811  C  CB   . GLN A 1 109 ? 2.270   13.342  9.950   1.00 16.47 ?  3015 GLN A CB   1 
ATOM   812  C  CG   . GLN A 1 109 ? 2.929   14.770  9.892   1.00 20.71 ?  3015 GLN A CG   1 
ATOM   813  C  CD   . GLN A 1 109 ? 2.202   15.838  10.728  1.00 35.28 ?  3015 GLN A CD   1 
ATOM   814  O  OE1  . GLN A 1 109 ? 1.132   15.592  11.285  1.00 32.61 ?  3015 GLN A OE1  1 
ATOM   815  N  NE2  . GLN A 1 109 ? 2.799   17.029  10.818  1.00 33.57 ?  3015 GLN A NE2  1 
ATOM   816  N  N    . CYS A 1 110 ? 0.845   10.822  8.445   1.00 13.55 ?  3016 CYS A N    1 
ATOM   817  C  CA   . CYS A 1 110 ? 0.385   9.432   8.402   1.00 14.94 ?  3016 CYS A CA   1 
ATOM   818  C  C    . CYS A 1 110 ? 1.179   8.623   7.391   1.00 14.98 ?  3016 CYS A C    1 
ATOM   819  O  O    . CYS A 1 110 ? 1.507   7.458   7.640   1.00 14.09 ?  3016 CYS A O    1 
ATOM   820  C  CB   . CYS A 1 110 ? -1.106  9.363   8.057   1.00 14.10 ?  3016 CYS A CB   1 
ATOM   821  S  SG   . CYS A 1 110 ? -2.217  9.918   9.396   1.00 17.47 ?  3016 CYS A SG   1 
ATOM   822  N  N    . ALA A 1 111 ? 1.488   9.216   6.237   1.00 12.34 ?  3017 ALA A N    1 
ATOM   823  C  CA   . ALA A 1 111 ? 2.253   8.485   5.225   1.00 13.91 ?  3017 ALA A CA   1 
ATOM   824  C  C    . ALA A 1 111 ? 3.638   8.109   5.745   1.00 14.73 ?  3017 ALA A C    1 
ATOM   825  O  O    . ALA A 1 111 ? 4.129   6.996   5.501   1.00 13.61 ?  3017 ALA A O    1 
ATOM   826  C  CB   . ALA A 1 111 ? 2.364   9.321   3.949   1.00 17.95 ?  3017 ALA A CB   1 
ATOM   827  N  N    . GLU A 1 112 ? 4.277   9.022   6.470   1.00 13.01 ?  3018 GLU A N    1 
ATOM   828  C  CA   . GLU A 1 112 ? 5.596   8.759   7.035   1.00 11.88 ?  3018 GLU A CA   1 
ATOM   829  C  C    . GLU A 1 112 ? 5.538   7.597   8.010   1.00 16.90 ?  3018 GLU A C    1 
ATOM   830  O  O    . GLU A 1 112 ? 6.353   6.670   7.936   1.00 15.36 ?  3018 GLU A O    1 
ATOM   831  C  CB   . GLU A 1 112 ? 6.099   10.028  7.726   1.00 17.13 ?  3018 GLU A CB   1 
ATOM   832  C  CG   . GLU A 1 112 ? 6.396   11.170  6.714   1.00 18.74 ?  3018 GLU A CG   1 
ATOM   833  C  CD   . GLU A 1 112 ? 7.640   10.933  5.824   1.00 26.84 ?  3018 GLU A CD   1 
ATOM   834  O  OE1  . GLU A 1 112 ? 7.617   10.053  4.930   1.00 28.93 ?  3018 GLU A OE1  1 
ATOM   835  O  OE2  . GLU A 1 112 ? 8.604   11.724  5.938   1.00 31.76 -1 3018 GLU A OE2  1 
ATOM   836  N  N    . VAL A 1 113 ? 4.578   7.626   8.937   1.00 14.78 ?  3019 VAL A N    1 
ATOM   837  C  CA   . VAL A 1 113 ? 4.482   6.548   9.924   1.00 11.13 ?  3019 VAL A CA   1 
ATOM   838  C  C    . VAL A 1 113 ? 4.126   5.235   9.243   1.00 13.08 ?  3019 VAL A C    1 
ATOM   839  O  O    . VAL A 1 113 ? 4.752   4.193   9.489   1.00 14.67 ?  3019 VAL A O    1 
ATOM   840  C  CB   . VAL A 1 113 ? 3.458   6.884   11.028  1.00 14.62 ?  3019 VAL A CB   1 
ATOM   841  C  CG1  . VAL A 1 113 ? 3.561   5.830   12.143  1.00 16.38 ?  3019 VAL A CG1  1 
ATOM   842  C  CG2  . VAL A 1 113 ? 3.726   8.274   11.621  1.00 20.31 ?  3019 VAL A CG2  1 
ATOM   843  N  N    . LEU A 1 114 ? 3.117   5.259   8.372   1.00 12.23 ?  3020 LEU A N    1 
ATOM   844  C  CA   . LEU A 1 114 ? 2.597   3.987   7.891   1.00 12.53 ?  3020 LEU A CA   1 
ATOM   845  C  C    . LEU A 1 114 ? 3.551   3.353   6.887   1.00 14.05 ?  3020 LEU A C    1 
ATOM   846  O  O    . LEU A 1 114 ? 3.642   2.123   6.829   1.00 15.57 ?  3020 LEU A O    1 
ATOM   847  C  CB   . LEU A 1 114 ? 1.203   4.169   7.288   1.00 11.10 ?  3020 LEU A CB   1 
ATOM   848  C  CG   . LEU A 1 114 ? 0.424   2.863   7.144   1.00 15.58 ?  3020 LEU A CG   1 
ATOM   849  C  CD1  . LEU A 1 114 ? 0.005   2.316   8.505   1.00 14.84 ?  3020 LEU A CD1  1 
ATOM   850  C  CD2  . LEU A 1 114 ? -0.782  3.046   6.244   1.00 17.79 ?  3020 LEU A CD2  1 
ATOM   851  N  N    . GLU A 1 115 ? 4.311   4.163   6.135   1.00 11.69 ?  3021 GLU A N    1 
ATOM   852  C  CA   . GLU A 1 115 ? 5.307   3.565   5.256   1.00 15.17 ?  3021 GLU A CA   1 
ATOM   853  C  C    . GLU A 1 115 ? 6.387   2.861   6.065   1.00 15.23 ?  3021 GLU A C    1 
ATOM   854  O  O    . GLU A 1 115 ? 6.844   1.775   5.692   1.00 14.19 ?  3021 GLU A O    1 
ATOM   855  C  CB   . GLU A 1 115 ? 5.933   4.613   4.332   1.00 17.55 ?  3021 GLU A CB   1 
ATOM   856  C  CG   . GLU A 1 115 ? 6.735   3.940   3.201   1.00 19.77 ?  3021 GLU A CG   1 
ATOM   857  C  CD   . GLU A 1 115 ? 7.106   4.877   2.073   1.00 29.54 ?  3021 GLU A CD   1 
ATOM   858  O  OE1  . GLU A 1 115 ? 7.424   6.050   2.341   1.00 27.75 ?  3021 GLU A OE1  1 
ATOM   859  O  OE2  . GLU A 1 115 ? 7.077   4.424   0.905   1.00 33.36 -1 3021 GLU A OE2  1 
ATOM   860  N  N    . SER A 1 116 ? 6.807   3.454   7.179   1.00 13.42 ?  3022 SER A N    1 
ATOM   861  C  CA   . SER A 1 116 ? 7.835   2.793   7.971   1.00 15.60 ?  3022 SER A CA   1 
ATOM   862  C  C    . SER A 1 116 ? 7.318   1.478   8.544   1.00 14.55 ?  3022 SER A C    1 
ATOM   863  O  O    . SER A 1 116 ? 8.077   0.506   8.671   1.00 16.71 ?  3022 SER A O    1 
ATOM   864  C  CB   A SER A 1 116 ? 8.326   3.710   9.097   0.81 15.38 ?  3022 SER A CB   1 
ATOM   865  C  CB   B SER A 1 116 ? 8.312   3.708   9.092   0.19 15.46 ?  3022 SER A CB   1 
ATOM   866  O  OG   A SER A 1 116 ? 7.392   3.748   10.154  0.81 18.60 ?  3022 SER A OG   1 
ATOM   867  O  OG   B SER A 1 116 ? 8.943   2.924   10.077  0.19 18.59 ?  3022 SER A OG   1 
ATOM   868  N  N    . PHE A 1 117 ? 6.043   1.449   8.942   1.00 12.39 ?  3023 PHE A N    1 
ATOM   869  C  CA   . PHE A 1 117 ? 5.398   0.215   9.392   1.00 13.41 ?  3023 PHE A CA   1 
ATOM   870  C  C    . PHE A 1 117 ? 5.338   -0.801  8.260   1.00 15.56 ?  3023 PHE A C    1 
ATOM   871  O  O    . PHE A 1 117 ? 5.642   -1.987  8.447   1.00 13.35 ?  3023 PHE A O    1 
ATOM   872  C  CB   . PHE A 1 117 ? 3.995   0.556   9.902   1.00 12.51 ?  3023 PHE A CB   1 
ATOM   873  C  CG   . PHE A 1 117 ? 3.222   -0.605  10.486  1.00 12.46 ?  3023 PHE A CG   1 
ATOM   874  C  CD1  . PHE A 1 117 ? 3.549   -1.137  11.722  1.00 16.48 ?  3023 PHE A CD1  1 
ATOM   875  C  CD2  . PHE A 1 117 ? 2.118   -1.114  9.823   1.00 15.09 ?  3023 PHE A CD2  1 
ATOM   876  C  CE1  . PHE A 1 117 ? 2.812   -2.193  12.261  1.00 20.98 ?  3023 PHE A CE1  1 
ATOM   877  C  CE2  . PHE A 1 117 ? 1.362   -2.149  10.370  1.00 16.62 ?  3023 PHE A CE2  1 
ATOM   878  C  CZ   . PHE A 1 117 ? 1.718   -2.686  11.588  1.00 14.64 ?  3023 PHE A CZ   1 
ATOM   879  N  N    . PHE A 1 118 ? 4.947   -0.347  7.065   1.00 12.76 ?  3024 PHE A N    1 
ATOM   880  C  CA   . PHE A 1 118 ? 4.910   -1.240  5.912   1.00 12.72 ?  3024 PHE A CA   1 
ATOM   881  C  C    . PHE A 1 118 ? 6.275   -1.843  5.647   1.00 13.47 ?  3024 PHE A C    1 
ATOM   882  O  O    . PHE A 1 118 ? 6.390   -3.044  5.387   1.00 13.23 ?  3024 PHE A O    1 
ATOM   883  C  CB   . PHE A 1 118 ? 4.426   -0.495  4.664   1.00 11.81 ?  3024 PHE A CB   1 
ATOM   884  C  CG   . PHE A 1 118 ? 4.500   -1.320  3.431   1.00 11.00 ?  3024 PHE A CG   1 
ATOM   885  C  CD1  . PHE A 1 118 ? 3.763   -2.502  3.355   1.00 10.31 ?  3024 PHE A CD1  1 
ATOM   886  C  CD2  . PHE A 1 118 ? 5.296   -0.943  2.362   1.00 15.63 ?  3024 PHE A CD2  1 
ATOM   887  C  CE1  . PHE A 1 118 ? 3.809   -3.306  2.205   1.00 13.86 ?  3024 PHE A CE1  1 
ATOM   888  C  CE2  . PHE A 1 118 ? 5.361   -1.735  1.205   1.00 15.47 ?  3024 PHE A CE2  1 
ATOM   889  C  CZ   . PHE A 1 118 ? 4.606   -2.919  1.126   1.00 15.06 ?  3024 PHE A CZ   1 
ATOM   890  N  N    . VAL A 1 119 ? 7.334   -1.041  5.755   1.00 13.41 ?  3025 VAL A N    1 
ATOM   891  C  CA   . VAL A 1 119 ? 8.657   -1.587  5.488   1.00 16.18 ?  3025 VAL A CA   1 
ATOM   892  C  C    . VAL A 1 119 ? 9.004   -2.670  6.509   1.00 13.57 ?  3025 VAL A C    1 
ATOM   893  O  O    . VAL A 1 119 ? 9.560   -3.713  6.147   1.00 16.67 ?  3025 VAL A O    1 
ATOM   894  C  CB   . VAL A 1 119 ? 9.710   -0.465  5.451   1.00 16.40 ?  3025 VAL A CB   1 
ATOM   895  C  CG1  . VAL A 1 119 ? 11.120  -1.058  5.527   1.00 17.37 ?  3025 VAL A CG1  1 
ATOM   896  C  CG2  . VAL A 1 119 ? 9.515   0.387   4.188   1.00 16.83 ?  3025 VAL A CG2  1 
ATOM   897  N  N    . GLN A 1 120 ? 8.660   -2.460  7.786   1.00 15.45 ?  3026 GLN A N    1 
ATOM   898  C  CA   . GLN A 1 120 ? 8.926   -3.493  8.789   1.00 14.46 ?  3026 GLN A CA   1 
ATOM   899  C  C    . GLN A 1 120 ? 8.182   -4.782  8.459   1.00 18.19 ?  3026 GLN A C    1 
ATOM   900  O  O    . GLN A 1 120 ? 8.765   -5.875  8.488   1.00 20.05 ?  3026 GLN A O    1 
ATOM   901  C  CB   . GLN A 1 120 ? 8.549   -3.012  10.188  1.00 15.34 ?  3026 GLN A CB   1 
ATOM   902  C  CG   . GLN A 1 120 ? 9.390   -1.869  10.701  1.00 16.57 ?  3026 GLN A CG   1 
ATOM   903  C  CD   . GLN A 1 120 ? 8.852   -1.287  12.006  1.00 19.98 ?  3026 GLN A CD   1 
ATOM   904  O  OE1  . GLN A 1 120 ? 7.643   -1.216  12.221  1.00 20.27 ?  3026 GLN A OE1  1 
ATOM   905  N  NE2  . GLN A 1 120 ? 9.751   -0.857  12.871  1.00 19.39 ?  3026 GLN A NE2  1 
ATOM   906  N  N    . LYS A 1 121 ? 6.893   -4.668  8.132   1.00 15.87 ?  3027 LYS A N    1 
ATOM   907  C  CA   . LYS A 1 121 ? 6.082   -5.848  7.828   1.00 14.69 ?  3027 LYS A CA   1 
ATOM   908  C  C    . LYS A 1 121 ? 6.537   -6.521  6.536   1.00 13.79 ?  3027 LYS A C    1 
ATOM   909  O  O    . LYS A 1 121 ? 6.544   -7.757  6.440   1.00 13.13 ?  3027 LYS A O    1 
ATOM   910  C  CB   . LYS A 1 121 ? 4.609   -5.442  7.720   1.00 13.85 ?  3027 LYS A CB   1 
ATOM   911  C  CG   . LYS A 1 121 ? 4.043   -5.030  9.060   1.00 15.22 ?  3027 LYS A CG   1 
ATOM   912  C  CD   . LYS A 1 121 ? 3.848   -6.266  9.968   1.00 19.58 ?  3027 LYS A CD   1 
ATOM   913  C  CE   . LYS A 1 121 ? 2.998   -5.939  11.209  1.00 28.97 ?  3027 LYS A CE   1 
ATOM   914  N  NZ   . LYS A 1 121 ? 2.980   -7.070  12.199  1.00 29.57 ?  3027 LYS A NZ   1 
ATOM   915  N  N    . LEU A 1 122 ? 6.900   -5.722  5.525   1.00 15.06 ?  3028 LEU A N    1 
ATOM   916  C  CA   . LEU A 1 122 ? 7.431   -6.268  4.275   1.00 14.69 ?  3028 LEU A CA   1 
ATOM   917  C  C    . LEU A 1 122 ? 8.713   -7.060  4.504   1.00 15.19 ?  3028 LEU A C    1 
ATOM   918  O  O    . LEU A 1 122 ? 8.900   -8.142  3.925   1.00 13.91 ?  3028 LEU A O    1 
ATOM   919  C  CB   . LEU A 1 122 ? 7.689   -5.134  3.286   1.00 16.17 ?  3028 LEU A CB   1 
ATOM   920  C  CG   . LEU A 1 122 ? 8.251   -5.528  1.917   1.00 19.14 ?  3028 LEU A CG   1 
ATOM   921  C  CD1  . LEU A 1 122 ? 7.245   -6.357  1.163   1.00 19.50 ?  3028 LEU A CD1  1 
ATOM   922  C  CD2  . LEU A 1 122 ? 8.577   -4.264  1.118   1.00 19.66 ?  3028 LEU A CD2  1 
ATOM   923  N  N    . LYS A 1 123 ? 9.620   -6.528  5.321   1.00 12.22 ?  3029 LYS A N    1 
ATOM   924  C  CA   . LYS A 1 123 ? 10.811  -7.295  5.685   1.00 14.99 ?  3029 LYS A CA   1 
ATOM   925  C  C    . LYS A 1 123 ? 10.454  -8.636  6.325   1.00 11.78 ?  3029 LYS A C    1 
ATOM   926  O  O    . LYS A 1 123 ? 11.083  -9.654  6.021   1.00 17.87 ?  3029 LYS A O    1 
ATOM   927  C  CB   . LYS A 1 123 ? 11.694  -6.466  6.616   1.00 16.02 ?  3029 LYS A CB   1 
ATOM   928  C  CG   . LYS A 1 123 ? 12.435  -5.346  5.898   1.00 20.02 ?  3029 LYS A CG   1 
ATOM   929  C  CD   . LYS A 1 123 ? 13.460  -4.707  6.822   1.00 23.89 ?  3029 LYS A CD   1 
ATOM   930  C  CE   . LYS A 1 123 ? 14.158  -3.540  6.155   1.00 36.01 ?  3029 LYS A CE   1 
ATOM   931  N  NZ   . LYS A 1 123 ? 15.174  -2.934  7.062   1.00 45.57 ?  3029 LYS A NZ   1 
ATOM   932  N  N    . GLY A 1 124 ? 9.486   -8.656  7.247   1.00 13.62 ?  3030 GLY A N    1 
ATOM   933  C  CA   . GLY A 1 124 ? 9.072   -9.928  7.830   1.00 15.71 ?  3030 GLY A CA   1 
ATOM   934  C  C    . GLY A 1 124 ? 8.478   -10.875 6.801   1.00 18.59 ?  3030 GLY A C    1 
ATOM   935  O  O    . GLY A 1 124 ? 8.708   -12.089 6.847   1.00 18.20 ?  3030 GLY A O    1 
ATOM   936  N  N    . PHE A 1 125 ? 7.693   -10.338 5.862   1.00 14.28 ?  3031 PHE A N    1 
ATOM   937  C  CA   . PHE A 1 125 ? 7.134   -11.171 4.802   1.00 14.16 ?  3031 PHE A CA   1 
ATOM   938  C  C    . PHE A 1 125 ? 8.238   -11.799 3.967   1.00 18.33 ?  3031 PHE A C    1 
ATOM   939  O  O    . PHE A 1 125 ? 8.217   -13.002 3.696   1.00 17.25 ?  3031 PHE A O    1 
ATOM   940  C  CB   . PHE A 1 125 ? 6.198   -10.355 3.907   1.00 12.51 ?  3031 PHE A CB   1 
ATOM   941  C  CG   . PHE A 1 125 ? 5.731   -11.122 2.689   1.00 14.37 ?  3031 PHE A CG   1 
ATOM   942  C  CD1  . PHE A 1 125 ? 4.657   -11.991 2.789   1.00 19.79 ?  3031 PHE A CD1  1 
ATOM   943  C  CD2  . PHE A 1 125 ? 6.379   -10.997 1.470   1.00 15.05 ?  3031 PHE A CD2  1 
ATOM   944  C  CE1  . PHE A 1 125 ? 4.221   -12.719 1.673   1.00 18.30 ?  3031 PHE A CE1  1 
ATOM   945  C  CE2  . PHE A 1 125 ? 5.953   -11.737 0.354   1.00 20.18 ?  3031 PHE A CE2  1 
ATOM   946  C  CZ   . PHE A 1 125 ? 4.874   -12.591 0.476   1.00 14.11 ?  3031 PHE A CZ   1 
ATOM   947  N  N    . LYS A 1 126 ? 9.221   -11.001 3.556   1.00 15.38 ?  3032 LYS A N    1 
ATOM   948  C  CA   . LYS A 1 126 ? 10.263  -11.542 2.699   1.00 14.04 ?  3032 LYS A CA   1 
ATOM   949  C  C    . LYS A 1 126 ? 11.078  -12.597 3.436   1.00 18.75 ?  3032 LYS A C    1 
ATOM   950  O  O    . LYS A 1 126 ? 11.465  -13.615 2.850   1.00 18.38 ?  3032 LYS A O    1 
ATOM   951  C  CB   . LYS A 1 126 ? 11.162  -10.417 2.207   1.00 13.11 ?  3032 LYS A CB   1 
ATOM   952  C  CG   . LYS A 1 126 ? 10.453  -9.393  1.312   1.00 14.22 ?  3032 LYS A CG   1 
ATOM   953  C  CD   . LYS A 1 126 ? 11.487  -8.405  0.780   1.00 22.17 ?  3032 LYS A CD   1 
ATOM   954  C  CE   . LYS A 1 126 ? 10.905  -7.494  -0.297  1.00 23.41 ?  3032 LYS A CE   1 
ATOM   955  N  NZ   . LYS A 1 126 ? 11.879  -6.377  -0.541  1.00 25.80 ?  3032 LYS A NZ   1 
ATOM   956  N  N    . ALA A 1 127 ? 11.306  -12.392 4.730   1.00 14.97 ?  3033 ALA A N    1 
ATOM   957  C  CA   . ALA A 1 127 ? 12.092  -13.354 5.494   1.00 11.97 ?  3033 ALA A CA   1 
ATOM   958  C  C    . ALA A 1 127 ? 11.368  -14.694 5.614   1.00 16.98 ?  3033 ALA A C    1 
ATOM   959  O  O    . ALA A 1 127 ? 11.994  -15.761 5.540   1.00 26.17 ?  3033 ALA A O    1 
ATOM   960  C  CB   . ALA A 1 127 ? 12.410  -12.782 6.875   1.00 17.74 ?  3033 ALA A CB   1 
ATOM   961  N  N    . SER A 1 128 ? 10.059  -14.664 5.821   1.00 19.16 ?  3034 SER A N    1 
ATOM   962  C  CA   . SER A 1 128 ? 9.296   -15.891 5.983   1.00 24.35 ?  3034 SER A CA   1 
ATOM   963  C  C    . SER A 1 128 ? 8.991   -16.563 4.652   1.00 26.49 ?  3034 SER A C    1 
ATOM   964  O  O    . SER A 1 128 ? 8.520   -17.709 4.643   1.00 22.51 ?  3034 SER A O    1 
ATOM   965  C  CB   . SER A 1 128 ? 7.991   -15.604 6.746   1.00 21.77 ?  3034 SER A CB   1 
ATOM   966  O  OG   . SER A 1 128 ? 6.964   -15.123 5.900   1.00 40.13 ?  3034 SER A OG   1 
ATOM   967  N  N    . ARG A 1 129 ? 9.279   -15.899 3.530   1.00 18.97 ?  3035 ARG A N    1 
ATOM   968  C  CA   . ARG A 1 129 ? 8.962   -16.494 2.237   1.00 19.45 ?  3035 ARG A CA   1 
ATOM   969  C  C    . ARG A 1 129 ? 9.802   -17.740 1.953   1.00 31.72 ?  3035 ARG A C    1 
ATOM   970  O  O    . ARG A 1 129 ? 9.405   -18.559 1.122   1.00 43.97 ?  3035 ARG A O    1 
ATOM   971  C  CB   . ARG A 1 129 ? 9.137   -15.460 1.121   1.00 24.48 ?  3035 ARG A CB   1 
ATOM   972  C  CG   . ARG A 1 129 ? 8.009   -15.454 0.130   1.00 27.07 ?  3035 ARG A CG   1 
ATOM   973  C  CD   . ARG A 1 129 ? 8.312   -14.544 -1.059  1.00 18.50 ?  3035 ARG A CD   1 
ATOM   974  N  NE   . ARG A 1 129 ? 7.637   -14.979 -2.272  1.00 19.23 ?  3035 ARG A NE   1 
ATOM   975  C  CZ   . ARG A 1 129 ? 7.743   -14.356 -3.438  1.00 17.88 ?  3035 ARG A CZ   1 
ATOM   976  N  NH1  . ARG A 1 129 ? 8.486   -13.270 -3.575  1.00 18.29 ?  3035 ARG A NH1  1 
ATOM   977  N  NH2  . ARG A 1 129 ? 7.101   -14.842 -4.497  1.00 18.70 ?  3035 ARG A NH2  1 
ATOM   978  N  N    . SER A 1 130 ? 10.926  -17.917 2.644   1.00 49.89 ?  3036 SER A N    1 
ATOM   979  C  CA   . SER A 1 130 ? 11.712  -19.157 2.545   1.00 46.83 ?  3036 SER A CA   1 
ATOM   980  C  C    . SER A 1 130 ? 11.079  -20.291 3.349   1.00 42.76 ?  3036 SER A C    1 
ATOM   981  O  O    . SER A 1 130 ? 10.648  -21.293 2.781   1.00 43.88 ?  3036 SER A O    1 
ATOM   982  C  CB   . SER A 1 130 ? 13.143  -18.923 3.023   1.00 29.03 ?  3036 SER A CB   1 
ATOM   983  O  OG   . SER A 1 130 ? 13.567  -17.612 2.676   1.00 54.80 ?  3036 SER A OG   1 
HETATM 984  C  C11  . 7WZ B 2 .   ? -12.824 10.923  5.731   1.00 38.01 ?  3101 7WZ A C11  1 
HETATM 985  C  C15  . 7WZ B 2 .   ? -5.861  11.907  1.791   1.00 22.30 ?  3101 7WZ A C15  1 
HETATM 986  C  C14  . 7WZ B 2 .   ? -9.706  9.751   3.930   1.00 30.10 ?  3101 7WZ A C14  1 
HETATM 987  C  C17  . 7WZ B 2 .   ? -5.362  12.971  1.056   1.00 17.93 ?  3101 7WZ A C17  1 
HETATM 988  C  C01  . 7WZ B 2 .   ? -5.591  15.099  0.078   1.00 23.49 ?  3101 7WZ A C01  1 
HETATM 989  C  C04  . 7WZ B 2 .   ? -7.909  13.134  1.979   1.00 28.67 ?  3101 7WZ A C04  1 
HETATM 990  C  C05  . 7WZ B 2 .   ? -7.182  11.969  2.296   1.00 25.51 ?  3101 7WZ A C05  1 
HETATM 991  C  C07  . 7WZ B 2 .   ? -8.992  10.923  3.795   1.00 29.13 ?  3101 7WZ A C07  1 
HETATM 992  C  C08  . 7WZ B 2 .   ? -9.514  12.111  4.330   1.00 27.36 ?  3101 7WZ A C08  1 
HETATM 993  C  C09  . 7WZ B 2 .   ? -10.750 12.122  4.948   1.00 28.93 ?  3101 7WZ A C09  1 
HETATM 994  C  C10  . 7WZ B 2 .   ? -11.450 10.934  5.071   1.00 32.91 ?  3101 7WZ A C10  1 
HETATM 995  C  C13  . 7WZ B 2 .   ? -10.935 9.757   4.563   1.00 30.00 ?  3101 7WZ A C13  1 
HETATM 996  N  N02  . 7WZ B 2 .   ? -6.124  14.008  0.841   1.00 26.81 ?  3101 7WZ A N02  1 
HETATM 997  N  N03  . 7WZ B 2 .   ? -7.379  14.103  1.278   1.00 23.30 ?  3101 7WZ A N03  1 
HETATM 998  N  N06  . 7WZ B 2 .   ? -7.714  10.853  3.094   1.00 25.68 ?  3101 7WZ A N06  1 
HETATM 999  N  N12  . 7WZ B 2 .   ? -13.781 11.053  4.630   1.00 35.32 ?  3101 7WZ A N12  1 
HETATM 1000 O  O18  . 7WZ B 2 .   ? -4.060  12.921  0.544   1.00 18.02 ?  3101 7WZ A O18  1 
HETATM 1001 CL CL16 . 7WZ B 2 .   ? -4.809  10.516  2.105   1.00 25.19 ?  3101 7WZ A CL16 1 
HETATM 1002 CA CA   . CA  C 3 .   ? 6.887   6.886   -6.447  1.00 13.38 ?  3102 CA  A CA   1 
HETATM 1003 O  O    . HOH D 4 .   ? -1.804  -13.644 -14.133 1.00 47.52 ?  3201 HOH A O    1 
HETATM 1004 O  O    . HOH D 4 .   ? 5.576   -17.778 0.817   1.00 31.90 ?  3202 HOH A O    1 
HETATM 1005 O  O    . HOH D 4 .   ? 17.133  -14.055 -2.191  1.00 46.80 ?  3203 HOH A O    1 
HETATM 1006 O  O    . HOH D 4 .   ? -15.895 11.901  2.446   1.00 41.53 ?  3204 HOH A O    1 
HETATM 1007 O  O    . HOH D 4 .   ? 13.910  -7.877  -1.475  1.00 40.12 ?  3205 HOH A O    1 
HETATM 1008 O  O    . HOH D 4 .   ? -0.130  17.456  12.125  1.00 28.19 ?  3206 HOH A O    1 
HETATM 1009 O  O    . HOH D 4 .   ? 16.450  -4.228  8.636   1.00 38.81 ?  3207 HOH A O    1 
HETATM 1010 O  O    . HOH D 4 .   ? -16.154 14.459  3.601   1.00 35.16 ?  3208 HOH A O    1 
HETATM 1011 O  O    . HOH D 4 .   ? -11.986 -3.809  -0.994  1.00 24.62 ?  3209 HOH A O    1 
HETATM 1012 O  O    . HOH D 4 .   ? -13.789 0.955   -1.557  1.00 32.19 ?  3210 HOH A O    1 
HETATM 1013 O  O    . HOH D 4 .   ? 14.836  -11.380 0.676   1.00 44.86 ?  3211 HOH A O    1 
HETATM 1014 O  O    . HOH D 4 .   ? -9.851  -4.635  -10.111 1.00 33.39 ?  3212 HOH A O    1 
HETATM 1015 O  O    . HOH D 4 .   ? 0.871   16.448  -10.911 1.00 27.49 ?  3213 HOH A O    1 
HETATM 1016 O  O    . HOH D 4 .   ? 15.106  -0.462  6.616   1.00 43.17 ?  3214 HOH A O    1 
HETATM 1017 O  O    . HOH D 4 .   ? -2.894  10.999  -1.286  1.00 16.60 ?  3215 HOH A O    1 
HETATM 1018 O  O    . HOH D 4 .   ? 9.650   -8.245  -10.812 1.00 32.10 ?  3216 HOH A O    1 
HETATM 1019 O  O    . HOH D 4 .   ? 4.181   18.063  -0.882  1.00 15.24 ?  3217 HOH A O    1 
HETATM 1020 O  O    . HOH D 4 .   ? -4.485  8.794   20.183  1.00 43.97 ?  3218 HOH A O    1 
HETATM 1021 O  O    . HOH D 4 .   ? -6.549  11.024  -11.420 1.00 20.01 ?  3219 HOH A O    1 
HETATM 1022 O  O    . HOH D 4 .   ? 1.950   -17.721 4.207   1.00 27.47 ?  3220 HOH A O    1 
HETATM 1023 O  O    . HOH D 4 .   ? -4.791  6.653   -14.036 1.00 28.90 ?  3221 HOH A O    1 
HETATM 1024 O  O    . HOH D 4 .   ? 4.486   18.321  -3.917  1.00 17.92 ?  3222 HOH A O    1 
HETATM 1025 O  O    . HOH D 4 .   ? 3.733   19.620  -9.660  1.00 19.44 ?  3223 HOH A O    1 
HETATM 1026 O  O    . HOH D 4 .   ? -3.977  18.770  2.418   1.00 33.76 ?  3224 HOH A O    1 
HETATM 1027 O  O    . HOH D 4 .   ? 8.369   5.653   -1.014  1.00 29.02 ?  3225 HOH A O    1 
HETATM 1028 O  O    . HOH D 4 .   ? 6.329   -3.049  13.572  1.00 29.42 ?  3226 HOH A O    1 
HETATM 1029 O  O    . HOH D 4 .   ? -9.790  -14.403 -0.180  1.00 42.63 ?  3227 HOH A O    1 
HETATM 1030 O  O    . HOH D 4 .   ? -7.402  5.624   13.318  1.00 19.76 ?  3228 HOH A O    1 
HETATM 1031 O  O    . HOH D 4 .   ? -12.573 -14.883 -3.490  1.00 31.43 ?  3229 HOH A O    1 
HETATM 1032 O  O    . HOH D 4 .   ? -1.756  -3.052  12.927  1.00 22.71 ?  3230 HOH A O    1 
HETATM 1033 O  O    . HOH D 4 .   ? 1.191   -15.075 -8.963  1.00 23.25 ?  3231 HOH A O    1 
HETATM 1034 O  O    . HOH D 4 .   ? -7.079  7.450   0.422   1.00 14.67 ?  3232 HOH A O    1 
HETATM 1035 O  O    . HOH D 4 .   ? -7.680  4.998   -5.181  1.00 23.15 ?  3233 HOH A O    1 
HETATM 1036 O  O    . HOH D 4 .   ? -3.795  18.728  5.105   1.00 27.36 ?  3234 HOH A O    1 
HETATM 1037 O  O    . HOH D 4 .   ? 6.985   -18.167 -3.277  1.00 31.49 ?  3235 HOH A O    1 
HETATM 1038 O  O    . HOH D 4 .   ? 7.874   -11.960 -6.297  1.00 16.46 ?  3236 HOH A O    1 
HETATM 1039 O  O    . HOH D 4 .   ? -5.102  -19.951 -0.370  1.00 17.95 ?  3237 HOH A O    1 
HETATM 1040 O  O    . HOH D 4 .   ? -11.625 -2.334  2.324   1.00 30.29 ?  3238 HOH A O    1 
HETATM 1041 O  O    . HOH D 4 .   ? -14.147 -1.311  1.904   1.00 38.95 ?  3239 HOH A O    1 
HETATM 1042 O  O    . HOH D 4 .   ? -0.636  14.548  13.050  1.00 33.76 ?  3240 HOH A O    1 
HETATM 1043 O  O    . HOH D 4 .   ? -3.881  -15.401 8.232   1.00 29.74 ?  3241 HOH A O    1 
HETATM 1044 O  O    . HOH D 4 .   ? -13.952 7.190   -1.263  1.00 27.82 ?  3242 HOH A O    1 
HETATM 1045 O  O    . HOH D 4 .   ? 5.410   -9.373  8.320   1.00 21.92 ?  3243 HOH A O    1 
HETATM 1046 O  O    . HOH D 4 .   ? 8.151   -2.206  -6.460  1.00 28.61 ?  3244 HOH A O    1 
HETATM 1047 O  O    . HOH D 4 .   ? -4.297  4.149   -10.201 1.00 22.32 ?  3245 HOH A O    1 
HETATM 1048 O  O    . HOH D 4 .   ? -9.668  6.540   -6.388  1.00 38.52 ?  3246 HOH A O    1 
HETATM 1049 O  O    . HOH D 4 .   ? -11.024 8.298   1.676   1.00 28.08 ?  3247 HOH A O    1 
HETATM 1050 O  O    . HOH D 4 .   ? -12.406 -1.543  -4.291  1.00 33.16 ?  3248 HOH A O    1 
HETATM 1051 O  O    . HOH D 4 .   ? -4.652  6.553   -0.354  1.00 17.42 ?  3249 HOH A O    1 
HETATM 1052 O  O    . HOH D 4 .   ? -3.926  7.913   -3.848  1.00 15.43 ?  3250 HOH A O    1 
HETATM 1053 O  O    . HOH D 4 .   ? 6.232   -19.405 -7.398  1.00 24.52 ?  3251 HOH A O    1 
HETATM 1054 O  O    . HOH D 4 .   ? -9.226  -0.643  3.500   1.00 18.82 ?  3252 HOH A O    1 
HETATM 1055 O  O    . HOH D 4 .   ? 4.799   3.103   -7.083  1.00 18.15 ?  3253 HOH A O    1 
HETATM 1056 O  O    . HOH D 4 .   ? 11.819  -18.420 -9.000  1.00 29.73 ?  3254 HOH A O    1 
HETATM 1057 O  O    . HOH D 4 .   ? -0.690  -1.957  -10.226 1.00 22.87 ?  3255 HOH A O    1 
HETATM 1058 O  O    . HOH D 4 .   ? 8.764   6.665   6.569   1.00 23.18 ?  3256 HOH A O    1 
HETATM 1059 O  O    . HOH D 4 .   ? -6.983  2.231   10.407  1.00 24.52 ?  3257 HOH A O    1 
HETATM 1060 O  O    . HOH D 4 .   ? -2.703  8.283   -1.066  1.00 15.58 ?  3258 HOH A O    1 
HETATM 1061 O  O    . HOH D 4 .   ? -8.073  -9.212  0.178   1.00 26.17 ?  3259 HOH A O    1 
HETATM 1062 O  O    . HOH D 4 .   ? 10.821  0.976   8.731   1.00 17.88 ?  3260 HOH A O    1 
HETATM 1063 O  O    . HOH D 4 .   ? 6.766   1.711   0.365   1.00 27.28 ?  3261 HOH A O    1 
HETATM 1064 O  O    . HOH D 4 .   ? -11.030 11.316  1.363   1.00 22.79 ?  3262 HOH A O    1 
HETATM 1065 O  O    . HOH D 4 .   ? -2.636  -9.058  10.028  1.00 21.11 ?  3263 HOH A O    1 
HETATM 1066 O  O    . HOH D 4 .   ? -10.911 6.815   7.707   1.00 25.67 ?  3264 HOH A O    1 
HETATM 1067 O  O    . HOH D 4 .   ? 6.037   11.858  -3.634  1.00 15.83 ?  3265 HOH A O    1 
HETATM 1068 O  O    . HOH D 4 .   ? -2.061  1.228   15.493  1.00 23.98 ?  3266 HOH A O    1 
HETATM 1069 O  O    . HOH D 4 .   ? 4.385   -14.026 6.060   1.00 34.75 ?  3267 HOH A O    1 
HETATM 1070 O  O    . HOH D 4 .   ? -7.396  -5.318  9.638   1.00 19.78 ?  3268 HOH A O    1 
HETATM 1071 O  O    . HOH D 4 .   ? -6.354  -11.257 -11.423 1.00 29.58 ?  3269 HOH A O    1 
HETATM 1072 O  O    . HOH D 4 .   ? 5.887   20.506  1.994   1.00 26.11 ?  3270 HOH A O    1 
HETATM 1073 O  O    . HOH D 4 .   ? -9.350  -10.782 7.937   1.00 40.55 ?  3271 HOH A O    1 
HETATM 1074 O  O    . HOH D 4 .   ? 9.523   6.885   -3.173  1.00 36.28 ?  3272 HOH A O    1 
HETATM 1075 O  O    . HOH D 4 .   ? -10.329 -1.519  -8.129  1.00 30.68 ?  3273 HOH A O    1 
HETATM 1076 O  O    . HOH D 4 .   ? -10.428 15.718  -7.627  1.00 23.28 ?  3274 HOH A O    1 
HETATM 1077 O  O    . HOH D 4 .   ? -3.811  -13.923 5.979   1.00 25.26 ?  3275 HOH A O    1 
HETATM 1078 O  O    . HOH D 4 .   ? -3.784  -17.659 0.725   1.00 15.58 ?  3276 HOH A O    1 
HETATM 1079 O  O    . HOH D 4 .   ? 10.618  -4.491  -2.251  1.00 23.77 ?  3277 HOH A O    1 
HETATM 1080 O  O    . HOH D 4 .   ? 1.711   -18.985 -8.572  1.00 24.25 ?  3278 HOH A O    1 
HETATM 1081 O  O    . HOH D 4 .   ? 1.341   -8.980  10.720  1.00 37.25 ?  3279 HOH A O    1 
HETATM 1082 O  O    . HOH D 4 .   ? 13.737  -9.406  5.004   1.00 22.38 ?  3280 HOH A O    1 
HETATM 1083 O  O    . HOH D 4 .   ? 11.883  -13.510 0.028   1.00 23.89 ?  3281 HOH A O    1 
HETATM 1084 O  O    . HOH D 4 .   ? -2.279  20.525  -0.896  1.00 36.64 ?  3282 HOH A O    1 
HETATM 1085 O  O    . HOH D 4 .   ? 1.324   24.161  5.084   1.00 40.51 ?  3283 HOH A O    1 
HETATM 1086 O  O    . HOH D 4 .   ? 3.174   -11.478 6.506   1.00 35.77 ?  3284 HOH A O    1 
HETATM 1087 O  O    . HOH D 4 .   ? 9.348   -13.022 9.499   1.00 21.09 ?  3285 HOH A O    1 
HETATM 1088 O  O    . HOH D 4 .   ? -17.430 11.663  -3.781  1.00 36.83 ?  3286 HOH A O    1 
HETATM 1089 O  O    . HOH D 4 .   ? 1.116   -22.010 -2.373  1.00 15.58 ?  3287 HOH A O    1 
HETATM 1090 O  O    . HOH D 4 .   ? 10.254  9.342   5.930   1.00 41.28 ?  3288 HOH A O    1 
HETATM 1091 O  O    . HOH D 4 .   ? -13.602 8.974   2.618   1.00 36.97 ?  3289 HOH A O    1 
HETATM 1092 O  O    . HOH D 4 .   ? 6.869   1.792   12.237  1.00 29.64 ?  3290 HOH A O    1 
HETATM 1093 O  O    . HOH D 4 .   ? -7.701  -13.097 7.326   1.00 24.76 ?  3291 HOH A O    1 
HETATM 1094 O  O    . HOH D 4 .   ? -9.917  6.517   4.064   1.00 18.73 ?  3292 HOH A O    1 
HETATM 1095 O  O    . HOH D 4 .   ? 3.831   2.073   14.221  1.00 23.71 ?  3293 HOH A O    1 
HETATM 1096 O  O    . HOH D 4 .   ? -0.123  -21.409 -5.551  1.00 20.58 ?  3294 HOH A O    1 
HETATM 1097 O  O    . HOH D 4 .   ? 3.057   7.596   -6.995  1.00 18.56 ?  3295 HOH A O    1 
HETATM 1098 O  O    . HOH D 4 .   ? -1.169  12.582  11.437  1.00 21.11 ?  3296 HOH A O    1 
HETATM 1099 O  O    . HOH D 4 .   ? 10.375  -11.965 -1.743  1.00 18.09 ?  3297 HOH A O    1 
HETATM 1100 O  O    . HOH D 4 .   ? 12.249  -5.186  2.122   1.00 32.39 ?  3298 HOH A O    1 
HETATM 1101 O  O    . HOH D 4 .   ? -11.575 -11.155 5.867   1.00 42.37 ?  3299 HOH A O    1 
HETATM 1102 O  O    . HOH D 4 .   ? -1.474  -3.643  -14.557 1.00 37.06 ?  3300 HOH A O    1 
HETATM 1103 O  O    . HOH D 4 .   ? 4.658   22.197  5.318   1.00 43.56 ?  3301 HOH A O    1 
HETATM 1104 O  O    . HOH D 4 .   ? -1.518  -14.117 -9.458  1.00 32.37 ?  3302 HOH A O    1 
HETATM 1105 O  O    . HOH D 4 .   ? 7.626   10.750  -1.630  1.00 26.71 ?  3303 HOH A O    1 
HETATM 1106 O  O    . HOH D 4 .   ? -8.324  -3.005  -9.652  1.00 28.92 ?  3304 HOH A O    1 
HETATM 1107 O  O    . HOH D 4 .   ? -18.762 13.318  -0.161  1.00 41.38 ?  3305 HOH A O    1 
HETATM 1108 O  O    . HOH D 4 .   ? -1.103  20.040  -4.199  1.00 36.02 ?  3306 HOH A O    1 
HETATM 1109 O  O    . HOH D 4 .   ? -9.655  -0.869  8.764   1.00 28.74 ?  3307 HOH A O    1 
HETATM 1110 O  O    . HOH D 4 .   ? 9.306   1.205   -2.833  1.00 31.05 ?  3308 HOH A O    1 
HETATM 1111 O  O    . HOH D 4 .   ? -7.107  7.270   -3.697  1.00 21.37 ?  3309 HOH A O    1 
HETATM 1112 O  O    . HOH D 4 .   ? -2.096  -17.892 -6.914  1.00 33.38 ?  3310 HOH A O    1 
HETATM 1113 O  O    . HOH D 4 .   ? -12.562 0.906   5.289   1.00 32.58 ?  3311 HOH A O    1 
HETATM 1114 O  O    . HOH D 4 .   ? -13.459 8.455   -4.982  1.00 23.32 ?  3312 HOH A O    1 
HETATM 1115 O  O    . HOH D 4 .   ? 8.263   5.110   -6.366  1.00 23.41 ?  3313 HOH A O    1 
HETATM 1116 O  O    . HOH D 4 .   ? 4.995   5.704   -6.358  1.00 18.76 ?  3314 HOH A O    1 
HETATM 1117 O  O    . HOH D 4 .   ? -0.539  -7.407  -12.637 1.00 39.07 ?  3315 HOH A O    1 
HETATM 1118 O  O    . HOH D 4 .   ? 12.241  -18.001 7.738   1.00 41.27 ?  3316 HOH A O    1 
HETATM 1119 O  O    . HOH D 4 .   ? -4.067  -0.532  16.328  1.00 39.54 ?  3317 HOH A O    1 
HETATM 1120 O  O    . HOH D 4 .   ? 1.577   -2.720  -9.828  1.00 41.09 ?  3318 HOH A O    1 
HETATM 1121 O  O    . HOH D 4 .   ? 7.030   20.107  8.557   1.00 47.31 ?  3319 HOH A O    1 
HETATM 1122 O  O    . HOH D 4 .   ? -3.025  -11.845 -12.511 1.00 36.87 ?  3320 HOH A O    1 
HETATM 1123 O  O    . HOH D 4 .   ? 2.833   -9.990  8.702   1.00 36.60 ?  3321 HOH A O    1 
HETATM 1124 O  O    . HOH D 4 .   ? 2.529   7.948   -13.849 1.00 43.54 ?  3322 HOH A O    1 
HETATM 1125 O  O    . HOH D 4 .   ? -4.950  -15.248 1.012   1.00 25.80 ?  3323 HOH A O    1 
HETATM 1126 O  O    . HOH D 4 .   ? 1.360   19.039  -5.997  1.00 28.17 ?  3324 HOH A O    1 
HETATM 1127 O  O    . HOH D 4 .   ? -3.484  1.307   -10.655 1.00 14.38 ?  3325 HOH A O    1 
HETATM 1128 O  O    . HOH D 4 .   ? 3.320   -15.999 3.814   1.00 38.26 ?  3326 HOH A O    1 
HETATM 1129 O  O    . HOH D 4 .   ? -10.291 -9.652  1.392   1.00 40.44 ?  3327 HOH A O    1 
HETATM 1130 O  O    . HOH D 4 .   ? 11.971  -5.019  -6.468  1.00 42.49 ?  3328 HOH A O    1 
HETATM 1131 O  O    . HOH D 4 .   ? 8.023   0.368   -5.353  1.00 27.14 ?  3329 HOH A O    1 
HETATM 1132 O  O    . HOH D 4 .   ? 4.057   2.802   -9.751  1.00 40.37 ?  3330 HOH A O    1 
HETATM 1133 O  O    . HOH D 4 .   ? 11.540  -19.390 -4.789  1.00 43.97 ?  3331 HOH A O    1 
HETATM 1134 O  O    . HOH D 4 .   ? -18.668 11.252  2.336   1.00 44.98 ?  3332 HOH A O    1 
HETATM 1135 O  O    . HOH D 4 .   ? 2.676   20.352  -2.387  1.00 24.79 ?  3333 HOH A O    1 
HETATM 1136 O  O    . HOH D 4 .   ? 13.536  -6.453  -5.595  1.00 37.69 ?  3334 HOH A O    1 
HETATM 1137 O  O    . HOH D 4 .   ? 2.509   7.976   -9.935  1.00 33.92 ?  3335 HOH A O    1 
HETATM 1138 O  O    . HOH D 4 .   ? -4.034  -7.334  11.655  1.00 30.34 ?  3336 HOH A O    1 
HETATM 1139 O  O    . HOH D 4 .   ? 18.992  -13.062 -3.112  1.00 41.93 ?  3337 HOH A O    1 
HETATM 1140 O  O    . HOH D 4 .   ? 1.399   21.654  -0.904  1.00 35.54 ?  3338 HOH A O    1 
HETATM 1141 O  O    . HOH D 4 .   ? 10.094  3.789   5.484   1.00 33.21 ?  3339 HOH A O    1 
HETATM 1142 O  O    . HOH D 4 .   ? 8.489   21.008  2.339   1.00 36.22 ?  3340 HOH A O    1 
HETATM 1143 O  O    . HOH D 4 .   ? 9.117   12.437  -0.367  0.50 36.92 ?  3341 HOH A O    1 
HETATM 1144 O  O    . HOH D 4 .   ? 2.320   -0.307  15.540  1.00 30.85 ?  3342 HOH A O    1 
HETATM 1145 O  O    . HOH D 4 .   ? 11.546  -18.047 -11.569 1.00 36.86 ?  3343 HOH A O    1 
HETATM 1146 O  O    . HOH D 4 .   ? -5.281  -12.211 6.973   1.00 22.65 ?  3344 HOH A O    1 
HETATM 1147 O  O    . HOH D 4 .   ? 10.043  -4.188  -4.848  1.00 28.74 ?  3345 HOH A O    1 
HETATM 1148 O  O    . HOH D 4 .   ? -13.381 7.944   6.878   1.00 44.75 ?  3346 HOH A O    1 
HETATM 1149 O  O    . HOH D 4 .   ? -9.081  -3.419  10.230  1.00 38.09 ?  3347 HOH A O    1 
HETATM 1150 O  O    . HOH D 4 .   ? -17.567 12.768  3.608   1.00 25.05 ?  3348 HOH A O    1 
HETATM 1151 O  O    . HOH D 4 .   ? -0.954  -10.452 11.901  1.00 34.68 ?  3349 HOH A O    1 
HETATM 1152 O  O    . HOH D 4 .   ? 13.691  -5.051  -3.809  1.00 47.55 ?  3350 HOH A O    1 
HETATM 1153 O  O    . HOH D 4 .   ? 11.575  -3.277  2.804   1.00 35.16 ?  3351 HOH A O    1 
HETATM 1154 O  O    . HOH D 4 .   ? -12.695 1.757   -5.548  1.00 32.34 ?  3352 HOH A O    1 
HETATM 1155 O  O    . HOH D 4 .   ? -6.783  -7.308  11.395  1.00 33.06 ?  3353 HOH A O    1 
HETATM 1156 O  O    . HOH D 4 .   ? -4.822  7.164   23.107  1.00 40.88 ?  3354 HOH A O    1 
HETATM 1157 O  O    . HOH D 4 .   ? -3.411  20.978  -4.730  1.00 41.39 ?  3355 HOH A O    1 
HETATM 1158 O  O    . HOH D 4 .   ? -1.879  2.872   19.632  1.00 41.79 ?  3356 HOH A O    1 
HETATM 1159 O  O    . HOH D 4 .   ? 14.788  -11.278 3.076   1.00 36.34 ?  3357 HOH A O    1 
HETATM 1160 O  O    . HOH D 4 .   ? -1.665  23.238  5.629   1.00 46.45 ?  3358 HOH A O    1 
HETATM 1161 O  O    . HOH D 4 .   ? -10.476 -0.844  5.930   1.00 22.66 ?  3359 HOH A O    1 
HETATM 1162 O  O    . HOH D 4 .   ? -3.815  20.344  0.798   1.00 39.68 ?  3360 HOH A O    1 
HETATM 1163 O  O    . HOH D 4 .   ? -0.268  -1.092  14.766  1.00 22.99 ?  3361 HOH A O    1 
HETATM 1164 O  O    . HOH D 4 .   ? 9.073   0.281   0.259   1.00 35.74 ?  3362 HOH A O    1 
HETATM 1165 O  O    . HOH D 4 .   ? 10.443  -19.301 7.938   1.00 40.32 ?  3363 HOH A O    1 
HETATM 1166 O  O    . HOH D 4 .   ? -2.873  -5.701  13.304  1.00 41.22 ?  3364 HOH A O    1 
HETATM 1167 O  O    . HOH D 4 .   ? 12.872  -4.360  -8.686  1.00 44.67 ?  3365 HOH A O    1 
HETATM 1168 O  O    . HOH D 4 .   ? -8.453  3.589   11.773  1.00 30.34 ?  3366 HOH A O    1 
HETATM 1169 O  O    . HOH D 4 .   ? -2.775  5.903   -15.911 1.00 42.63 ?  3367 HOH A O    1 
HETATM 1170 O  O    . HOH D 4 .   ? -2.024  -16.725 -8.719  1.00 42.86 ?  3368 HOH A O    1 
HETATM 1171 O  O    . HOH D 4 .   ? -8.267  -6.864  -9.586  1.00 23.12 ?  3369 HOH A O    1 
HETATM 1172 O  O    . HOH D 4 .   ? 0.566   5.135   15.933  1.00 19.99 ?  3370 HOH A O    1 
HETATM 1173 O  O    . HOH D 4 .   ? -14.179 -1.727  -0.748  1.00 43.03 ?  3371 HOH A O    1 
HETATM 1174 O  O    . HOH D 4 .   ? -12.292 5.597   5.236   1.00 32.10 ?  3372 HOH A O    1 
HETATM 1175 O  O    . HOH D 4 .   ? 14.138  -6.908  3.090   1.00 36.66 ?  3373 HOH A O    1 
HETATM 1176 O  O    . HOH D 4 .   ? 4.955   23.381  3.431   1.00 38.01 ?  3374 HOH A O    1 
HETATM 1177 O  O    . HOH D 4 .   ? -14.321 6.719   4.266   1.00 41.33 ?  3375 HOH A O    1 
HETATM 1178 O  O    . HOH D 4 .   ? 3.989   -20.614 -8.493  1.00 26.23 ?  3376 HOH A O    1 
HETATM 1179 O  O    . HOH D 4 .   ? 18.231  -15.930 -0.766  1.00 44.93 ?  3377 HOH A O    1 
HETATM 1180 O  O    . HOH D 4 .   ? -7.504  -10.166 10.367  1.00 39.38 ?  3378 HOH A O    1 
HETATM 1181 O  O    . HOH D 4 .   ? -15.958 5.485   2.535   1.00 46.06 ?  3379 HOH A O    1 
HETATM 1182 O  O    . HOH D 4 .   ? 10.960  -2.040  -0.796  1.00 41.61 ?  3380 HOH A O    1 
HETATM 1183 O  O    . HOH D 4 .   ? 7.514   -20.324 -4.997  1.00 22.96 ?  3381 HOH A O    1 
HETATM 1184 O  O    . HOH D 4 .   ? 15.385  -8.661  1.195   1.00 35.77 ?  3382 HOH A O    1 
HETATM 1185 O  O    . HOH D 4 .   ? 10.098  -20.866 -5.624  1.00 39.17 ?  3383 HOH A O    1 
HETATM 1186 O  O    . HOH D 4 .   ? 7.558   2.261   -6.888  1.00 28.19 ?  3384 HOH A O    1 
HETATM 1187 O  O    . HOH D 4 .   ? -13.238 3.372   6.232   1.00 29.23 ?  3385 HOH A O    1 
HETATM 1188 O  O    . HOH D 4 .   ? -4.546  -11.021 9.568   1.00 21.03 ?  3386 HOH A O    1 
HETATM 1189 O  O    . HOH D 4 .   ? -0.496  2.613   17.155  1.00 28.97 ?  3387 HOH A O    1 
HETATM 1190 O  O    . HOH D 4 .   ? -4.119  -13.296 10.352  1.00 35.90 ?  3388 HOH A O    1 
HETATM 1191 O  O    . HOH D 4 .   ? 10.625  22.247  6.309   1.00 47.01 ?  3389 HOH A O    1 
HETATM 1192 O  O    . HOH D 4 .   ? 1.847   1.207   17.557  1.00 34.22 ?  3390 HOH A O    1 
HETATM 1193 O  O    . HOH D 4 .   ? 6.219   -22.636 -3.972  1.00 31.89 ?  3391 HOH A O    1 
HETATM 1194 O  O    . HOH D 4 .   ? 3.263   -23.704 -1.118  1.00 33.84 ?  3392 HOH A O    1 
HETATM 1195 O  O    . HOH D 4 .   ? -11.646 0.220   9.724   1.00 44.28 ?  3393 HOH A O    1 
HETATM 1196 O  O    . HOH D 4 .   ? 2.640   -22.815 -6.576  1.00 30.64 ?  3394 HOH A O    1 
HETATM 1197 O  O    . HOH D 4 .   ? 4.426   -24.054 -4.903  1.00 29.57 ?  3395 HOH A O    1 
HETATM 1198 O  O    . HOH D 4 .   ? 10.983  -1.213  1.245   1.00 39.32 ?  3396 HOH A O    1 
HETATM 1199 O  O    . HOH D 4 .   ? -10.998 4.348   11.043  1.00 31.45 ?  3397 HOH A O    1 
HETATM 1200 O  O    . HOH D 4 .   ? 12.913  0.354   2.326   1.00 37.95 ?  3398 HOH A O    1 
HETATM 1201 O  O    . HOH D 4 .   ? -12.530 2.817   9.364   1.00 37.01 ?  3399 HOH A O    1 
# 
loop_
_pdbx_poly_seq_scheme.asym_id 
_pdbx_poly_seq_scheme.entity_id 
_pdbx_poly_seq_scheme.seq_id 
_pdbx_poly_seq_scheme.mon_id 
_pdbx_poly_seq_scheme.ndb_seq_num 
_pdbx_poly_seq_scheme.pdb_seq_num 
_pdbx_poly_seq_scheme.auth_seq_num 
_pdbx_poly_seq_scheme.pdb_mon_id 
_pdbx_poly_seq_scheme.auth_mon_id 
_pdbx_poly_seq_scheme.pdb_strand_id 
_pdbx_poly_seq_scheme.pdb_ins_code 
_pdbx_poly_seq_scheme.hetero 
A 1 1   GLY 1   2907 ?    ?   ?   A . n 
A 1 2   THR 2   2908 ?    ?   ?   A . n 
A 1 3   GLU 3   2909 ?    ?   ?   A . n 
A 1 4   ASN 4   2910 ?    ?   ?   A . n 
A 1 5   LEU 5   2911 ?    ?   ?   A . n 
A 1 6   TYR 6   2912 ?    ?   ?   A . n 
A 1 7   PHE 7   2913 ?    ?   ?   A . n 
A 1 8   GLN 8   2914 ?    ?   ?   A . n 
A 1 9   SER 9   2915 ?    ?   ?   A . n 
A 1 10  MET 10  2916 ?    ?   ?   A . n 
A 1 11  SER 11  2917 ?    ?   ?   A . n 
A 1 12  THR 12  2918 ?    ?   ?   A . n 
A 1 13  GLU 13  2919 ?    ?   ?   A . n 
A 1 14  ASP 14  2920 2920 ASP ASP A . n 
A 1 15  ALA 15  2921 2921 ALA ALA A . n 
A 1 16  MET 16  2922 2922 MET MET A . n 
A 1 17  THR 17  2923 2923 THR THR A . n 
A 1 18  VAL 18  2924 2924 VAL VAL A . n 
A 1 19  LEU 19  2925 2925 LEU LEU A . n 
A 1 20  THR 20  2926 2926 THR THR A . n 
A 1 21  PRO 21  2927 2927 PRO PRO A . n 
A 1 22  LEU 22  2928 2928 LEU LEU A . n 
A 1 23  THR 23  2929 2929 THR THR A . n 
A 1 24  GLU 24  2930 2930 GLU GLU A . n 
A 1 25  LYS 25  2931 2931 LYS LYS A . n 
A 1 26  ASP 26  2932 2932 ASP ASP A . n 
A 1 27  TYR 27  2933 2933 TYR TYR A . n 
A 1 28  GLU 28  2934 2934 GLU GLU A . n 
A 1 29  GLY 29  2935 2935 GLY GLY A . n 
A 1 30  LEU 30  2936 2936 LEU LEU A . n 
A 1 31  LYS 31  2937 2937 LYS LYS A . n 
A 1 32  ARG 32  2938 2938 ARG ARG A . n 
A 1 33  VAL 33  2939 2939 VAL VAL A . n 
A 1 34  LEU 34  2940 2940 LEU LEU A . n 
A 1 35  ARG 35  2941 2941 ARG ARG A . n 
A 1 36  SER 36  2942 2942 SER SER A . n 
A 1 37  LEU 37  2943 2943 LEU LEU A . n 
A 1 38  GLN 38  2944 2944 GLN GLN A . n 
A 1 39  ALA 39  2945 2945 ALA ALA A . n 
A 1 40  HIS 40  2946 2946 HIS HIS A . n 
A 1 41  LYS 41  2947 2947 LYS LYS A . n 
A 1 42  MET 42  2948 2948 MET MET A . n 
A 1 43  ALA 43  2949 2949 ALA ALA A . n 
A 1 44  TRP 44  2950 2950 TRP TRP A . n 
A 1 45  PRO 45  2951 2951 PRO PRO A . n 
A 1 46  PHE 46  2952 2952 PHE PHE A . n 
A 1 47  LEU 47  2953 2953 LEU LEU A . n 
A 1 48  GLU 48  2954 2954 GLU GLU A . n 
A 1 49  PRO 49  2955 2955 PRO PRO A . n 
A 1 50  VAL 50  2956 2956 VAL VAL A . n 
A 1 51  ASP 51  2957 2957 ASP ASP A . n 
A 1 52  PRO 52  2958 2958 PRO PRO A . n 
A 1 53  ASN 53  2959 2959 ASN ASN A . n 
A 1 54  ASP 54  2960 2960 ASP ASP A . n 
A 1 55  ALA 55  2961 2961 ALA ALA A . n 
A 1 56  PRO 56  2962 2962 PRO PRO A . n 
A 1 57  ASP 57  2963 2963 ASP ASP A . n 
A 1 58  TYR 58  2964 2964 TYR TYR A . n 
A 1 59  TYR 59  2965 2965 TYR TYR A . n 
A 1 60  GLY 60  2966 2966 GLY GLY A . n 
A 1 61  VAL 61  2967 2967 VAL VAL A . n 
A 1 62  ILE 62  2968 2968 ILE ILE A . n 
A 1 63  LYS 63  2969 2969 LYS LYS A . n 
A 1 64  GLU 64  2970 2970 GLU GLU A . n 
A 1 65  PRO 65  2971 2971 PRO PRO A . n 
A 1 66  MET 66  2972 2972 MET MET A . n 
A 1 67  ASP 67  2973 2973 ASP ASP A . n 
A 1 68  LEU 68  2974 2974 LEU LEU A . n 
A 1 69  ALA 69  2975 2975 ALA ALA A . n 
A 1 70  THR 70  2976 2976 THR THR A . n 
A 1 71  MET 71  2977 2977 MET MET A . n 
A 1 72  GLU 72  2978 2978 GLU GLU A . n 
A 1 73  GLU 73  2979 2979 GLU GLU A . n 
A 1 74  ARG 74  2980 2980 ARG ARG A . n 
A 1 75  VAL 75  2981 2981 VAL VAL A . n 
A 1 76  GLN 76  2982 2982 GLN GLN A . n 
A 1 77  ARG 77  2983 2983 ARG ARG A . n 
A 1 78  ARG 78  2984 2984 ARG ARG A . n 
A 1 79  TYR 79  2985 2985 TYR TYR A . n 
A 1 80  TYR 80  2986 2986 TYR TYR A . n 
A 1 81  GLU 81  2987 2987 GLU GLU A . n 
A 1 82  LYS 82  2988 2988 LYS LYS A . n 
A 1 83  LEU 83  2989 2989 LEU LEU A . n 
A 1 84  THR 84  2990 2990 THR THR A . n 
A 1 85  GLU 85  2991 2991 GLU GLU A . n 
A 1 86  PHE 86  2992 2992 PHE PHE A . n 
A 1 87  VAL 87  2993 2993 VAL VAL A . n 
A 1 88  ALA 88  2994 2994 ALA ALA A . n 
A 1 89  ASP 89  2995 2995 ASP ASP A . n 
A 1 90  MET 90  2996 2996 MET MET A . n 
A 1 91  THR 91  2997 2997 THR THR A . n 
A 1 92  LYS 92  2998 2998 LYS LYS A . n 
A 1 93  ILE 93  2999 2999 ILE ILE A . n 
A 1 94  PHE 94  3000 3000 PHE PHE A . n 
A 1 95  ASP 95  3001 3001 ASP ASP A . n 
A 1 96  ASN 96  3002 3002 ASN ASN A . n 
A 1 97  CYS 97  3003 3003 CYS CYS A . n 
A 1 98  ARG 98  3004 3004 ARG ARG A . n 
A 1 99  TYR 99  3005 3005 TYR TYR A . n 
A 1 100 TYR 100 3006 3006 TYR TYR A . n 
A 1 101 ASN 101 3007 3007 ASN ASN A . n 
A 1 102 PRO 102 3008 3008 PRO PRO A . n 
A 1 103 SER 103 3009 3009 SER SER A . n 
A 1 104 ASP 104 3010 3010 ASP ASP A . n 
A 1 105 SER 105 3011 3011 SER SER A . n 
A 1 106 PRO 106 3012 3012 PRO PRO A . n 
A 1 107 PHE 107 3013 3013 PHE PHE A . n 
A 1 108 TYR 108 3014 3014 TYR TYR A . n 
A 1 109 GLN 109 3015 3015 GLN GLN A . n 
A 1 110 CYS 110 3016 3016 CYS CYS A . n 
A 1 111 ALA 111 3017 3017 ALA ALA A . n 
A 1 112 GLU 112 3018 3018 GLU GLU A . n 
A 1 113 VAL 113 3019 3019 VAL VAL A . n 
A 1 114 LEU 114 3020 3020 LEU LEU A . n 
A 1 115 GLU 115 3021 3021 GLU GLU A . n 
A 1 116 SER 116 3022 3022 SER SER A . n 
A 1 117 PHE 117 3023 3023 PHE PHE A . n 
A 1 118 PHE 118 3024 3024 PHE PHE A . n 
A 1 119 VAL 119 3025 3025 VAL VAL A . n 
A 1 120 GLN 120 3026 3026 GLN GLN A . n 
A 1 121 LYS 121 3027 3027 LYS LYS A . n 
A 1 122 LEU 122 3028 3028 LEU LEU A . n 
A 1 123 LYS 123 3029 3029 LYS LYS A . n 
A 1 124 GLY 124 3030 3030 GLY GLY A . n 
A 1 125 PHE 125 3031 3031 PHE PHE A . n 
A 1 126 LYS 126 3032 3032 LYS LYS A . n 
A 1 127 ALA 127 3033 3033 ALA ALA A . n 
A 1 128 SER 128 3034 3034 SER SER A . n 
A 1 129 ARG 129 3035 3035 ARG ARG A . n 
A 1 130 SER 130 3036 3036 SER SER A . n 
A 1 131 HIS 131 3037 ?    ?   ?   A . n 
# 
loop_
_pdbx_nonpoly_scheme.asym_id 
_pdbx_nonpoly_scheme.entity_id 
_pdbx_nonpoly_scheme.mon_id 
_pdbx_nonpoly_scheme.ndb_seq_num 
_pdbx_nonpoly_scheme.pdb_seq_num 
_pdbx_nonpoly_scheme.auth_seq_num 
_pdbx_nonpoly_scheme.pdb_mon_id 
_pdbx_nonpoly_scheme.auth_mon_id 
_pdbx_nonpoly_scheme.pdb_strand_id 
_pdbx_nonpoly_scheme.pdb_ins_code 
B 2 7WZ 1   3101 3127 7WZ C24 A . 
C 3 CA  1   3102 1    CA  CA  A . 
D 4 HOH 1   3201 136  HOH HOH A . 
D 4 HOH 2   3202 163  HOH HOH A . 
D 4 HOH 3   3203 182  HOH HOH A . 
D 4 HOH 4   3204 108  HOH HOH A . 
D 4 HOH 5   3205 118  HOH HOH A . 
D 4 HOH 6   3206 61   HOH HOH A . 
D 4 HOH 7   3207 113  HOH HOH A . 
D 4 HOH 8   3208 103  HOH HOH A . 
D 4 HOH 9   3209 36   HOH HOH A . 
D 4 HOH 10  3210 64   HOH HOH A . 
D 4 HOH 11  3211 190  HOH HOH A . 
D 4 HOH 12  3212 67   HOH HOH A . 
D 4 HOH 13  3213 96   HOH HOH A . 
D 4 HOH 14  3214 161  HOH HOH A . 
D 4 HOH 15  3215 19   HOH HOH A . 
D 4 HOH 16  3216 74   HOH HOH A . 
D 4 HOH 17  3217 46   HOH HOH A . 
D 4 HOH 18  3218 172  HOH HOH A . 
D 4 HOH 19  3219 82   HOH HOH A . 
D 4 HOH 20  3220 179  HOH HOH A . 
D 4 HOH 21  3221 42   HOH HOH A . 
D 4 HOH 22  3222 47   HOH HOH A . 
D 4 HOH 23  3223 7    HOH HOH A . 
D 4 HOH 24  3224 63   HOH HOH A . 
D 4 HOH 25  3225 45   HOH HOH A . 
D 4 HOH 26  3226 65   HOH HOH A . 
D 4 HOH 27  3227 175  HOH HOH A . 
D 4 HOH 28  3228 6    HOH HOH A . 
D 4 HOH 29  3229 100  HOH HOH A . 
D 4 HOH 30  3230 26   HOH HOH A . 
D 4 HOH 31  3231 59   HOH HOH A . 
D 4 HOH 32  3232 5    HOH HOH A . 
D 4 HOH 33  3233 38   HOH HOH A . 
D 4 HOH 34  3234 39   HOH HOH A . 
D 4 HOH 35  3235 98   HOH HOH A . 
D 4 HOH 36  3236 30   HOH HOH A . 
D 4 HOH 37  3237 17   HOH HOH A . 
D 4 HOH 38  3238 115  HOH HOH A . 
D 4 HOH 39  3239 55   HOH HOH A . 
D 4 HOH 40  3240 69   HOH HOH A . 
D 4 HOH 41  3241 97   HOH HOH A . 
D 4 HOH 42  3242 41   HOH HOH A . 
D 4 HOH 43  3243 85   HOH HOH A . 
D 4 HOH 44  3244 72   HOH HOH A . 
D 4 HOH 45  3245 44   HOH HOH A . 
D 4 HOH 46  3246 138  HOH HOH A . 
D 4 HOH 47  3247 53   HOH HOH A . 
D 4 HOH 48  3248 121  HOH HOH A . 
D 4 HOH 49  3249 1    HOH HOH A . 
D 4 HOH 50  3250 12   HOH HOH A . 
D 4 HOH 51  3251 15   HOH HOH A . 
D 4 HOH 52  3252 2    HOH HOH A . 
D 4 HOH 53  3253 13   HOH HOH A . 
D 4 HOH 54  3254 106  HOH HOH A . 
D 4 HOH 55  3255 20   HOH HOH A . 
D 4 HOH 56  3256 35   HOH HOH A . 
D 4 HOH 57  3257 56   HOH HOH A . 
D 4 HOH 58  3258 3    HOH HOH A . 
D 4 HOH 59  3259 60   HOH HOH A . 
D 4 HOH 60  3260 27   HOH HOH A . 
D 4 HOH 61  3261 54   HOH HOH A . 
D 4 HOH 62  3262 29   HOH HOH A . 
D 4 HOH 63  3263 83   HOH HOH A . 
D 4 HOH 64  3264 21   HOH HOH A . 
D 4 HOH 65  3265 9    HOH HOH A . 
D 4 HOH 66  3266 28   HOH HOH A . 
D 4 HOH 67  3267 109  HOH HOH A . 
D 4 HOH 68  3268 10   HOH HOH A . 
D 4 HOH 69  3269 126  HOH HOH A . 
D 4 HOH 70  3270 23   HOH HOH A . 
D 4 HOH 71  3271 117  HOH HOH A . 
D 4 HOH 72  3272 123  HOH HOH A . 
D 4 HOH 73  3273 58   HOH HOH A . 
D 4 HOH 74  3274 16   HOH HOH A . 
D 4 HOH 75  3275 89   HOH HOH A . 
D 4 HOH 76  3276 24   HOH HOH A . 
D 4 HOH 77  3277 51   HOH HOH A . 
D 4 HOH 78  3278 52   HOH HOH A . 
D 4 HOH 79  3279 199  HOH HOH A . 
D 4 HOH 80  3280 95   HOH HOH A . 
D 4 HOH 81  3281 86   HOH HOH A . 
D 4 HOH 82  3282 143  HOH HOH A . 
D 4 HOH 83  3283 141  HOH HOH A . 
D 4 HOH 84  3284 188  HOH HOH A . 
D 4 HOH 85  3285 81   HOH HOH A . 
D 4 HOH 86  3286 154  HOH HOH A . 
D 4 HOH 87  3287 8    HOH HOH A . 
D 4 HOH 88  3288 184  HOH HOH A . 
D 4 HOH 89  3289 129  HOH HOH A . 
D 4 HOH 90  3290 125  HOH HOH A . 
D 4 HOH 91  3291 33   HOH HOH A . 
D 4 HOH 92  3292 22   HOH HOH A . 
D 4 HOH 93  3293 32   HOH HOH A . 
D 4 HOH 94  3294 11   HOH HOH A . 
D 4 HOH 95  3295 18   HOH HOH A . 
D 4 HOH 96  3296 34   HOH HOH A . 
D 4 HOH 97  3297 50   HOH HOH A . 
D 4 HOH 98  3298 70   HOH HOH A . 
D 4 HOH 99  3299 174  HOH HOH A . 
D 4 HOH 100 3300 156  HOH HOH A . 
D 4 HOH 101 3301 139  HOH HOH A . 
D 4 HOH 102 3302 62   HOH HOH A . 
D 4 HOH 103 3303 37   HOH HOH A . 
D 4 HOH 104 3304 76   HOH HOH A . 
D 4 HOH 105 3305 185  HOH HOH A . 
D 4 HOH 106 3306 162  HOH HOH A . 
D 4 HOH 107 3307 68   HOH HOH A . 
D 4 HOH 108 3308 104  HOH HOH A . 
D 4 HOH 109 3309 40   HOH HOH A . 
D 4 HOH 110 3310 164  HOH HOH A . 
D 4 HOH 111 3311 71   HOH HOH A . 
D 4 HOH 112 3312 14   HOH HOH A . 
D 4 HOH 113 3313 48   HOH HOH A . 
D 4 HOH 114 3314 31   HOH HOH A . 
D 4 HOH 115 3315 159  HOH HOH A . 
D 4 HOH 116 3316 183  HOH HOH A . 
D 4 HOH 117 3317 132  HOH HOH A . 
D 4 HOH 118 3318 186  HOH HOH A . 
D 4 HOH 119 3319 160  HOH HOH A . 
D 4 HOH 120 3320 187  HOH HOH A . 
D 4 HOH 121 3321 177  HOH HOH A . 
D 4 HOH 122 3322 170  HOH HOH A . 
D 4 HOH 123 3323 43   HOH HOH A . 
D 4 HOH 124 3324 144  HOH HOH A . 
D 4 HOH 125 3325 4    HOH HOH A . 
D 4 HOH 126 3326 193  HOH HOH A . 
D 4 HOH 127 3327 155  HOH HOH A . 
D 4 HOH 128 3328 134  HOH HOH A . 
D 4 HOH 129 3329 78   HOH HOH A . 
D 4 HOH 130 3330 157  HOH HOH A . 
D 4 HOH 131 3331 195  HOH HOH A . 
D 4 HOH 132 3332 128  HOH HOH A . 
D 4 HOH 133 3333 49   HOH HOH A . 
D 4 HOH 134 3334 131  HOH HOH A . 
D 4 HOH 135 3335 181  HOH HOH A . 
D 4 HOH 136 3336 101  HOH HOH A . 
D 4 HOH 137 3337 176  HOH HOH A . 
D 4 HOH 138 3338 105  HOH HOH A . 
D 4 HOH 139 3339 124  HOH HOH A . 
D 4 HOH 140 3340 137  HOH HOH A . 
D 4 HOH 141 3341 189  HOH HOH A . 
D 4 HOH 142 3342 107  HOH HOH A . 
D 4 HOH 143 3343 148  HOH HOH A . 
D 4 HOH 144 3344 90   HOH HOH A . 
D 4 HOH 145 3345 99   HOH HOH A . 
D 4 HOH 146 3346 140  HOH HOH A . 
D 4 HOH 147 3347 119  HOH HOH A . 
D 4 HOH 148 3348 92   HOH HOH A . 
D 4 HOH 149 3349 165  HOH HOH A . 
D 4 HOH 150 3350 197  HOH HOH A . 
D 4 HOH 151 3351 153  HOH HOH A . 
D 4 HOH 152 3352 112  HOH HOH A . 
D 4 HOH 153 3353 120  HOH HOH A . 
D 4 HOH 154 3354 166  HOH HOH A . 
D 4 HOH 155 3355 173  HOH HOH A . 
D 4 HOH 156 3356 158  HOH HOH A . 
D 4 HOH 157 3357 122  HOH HOH A . 
D 4 HOH 158 3358 191  HOH HOH A . 
D 4 HOH 159 3359 25   HOH HOH A . 
D 4 HOH 160 3360 168  HOH HOH A . 
D 4 HOH 161 3361 93   HOH HOH A . 
D 4 HOH 162 3362 130  HOH HOH A . 
D 4 HOH 163 3363 180  HOH HOH A . 
D 4 HOH 164 3364 194  HOH HOH A . 
D 4 HOH 165 3365 151  HOH HOH A . 
D 4 HOH 166 3366 57   HOH HOH A . 
D 4 HOH 167 3367 149  HOH HOH A . 
D 4 HOH 168 3368 169  HOH HOH A . 
D 4 HOH 169 3369 77   HOH HOH A . 
D 4 HOH 170 3370 87   HOH HOH A . 
D 4 HOH 171 3371 75   HOH HOH A . 
D 4 HOH 172 3372 110  HOH HOH A . 
D 4 HOH 173 3373 152  HOH HOH A . 
D 4 HOH 174 3374 142  HOH HOH A . 
D 4 HOH 175 3375 171  HOH HOH A . 
D 4 HOH 176 3376 66   HOH HOH A . 
D 4 HOH 177 3377 178  HOH HOH A . 
D 4 HOH 178 3378 135  HOH HOH A . 
D 4 HOH 179 3379 198  HOH HOH A . 
D 4 HOH 180 3380 196  HOH HOH A . 
D 4 HOH 181 3381 84   HOH HOH A . 
D 4 HOH 182 3382 133  HOH HOH A . 
D 4 HOH 183 3383 102  HOH HOH A . 
D 4 HOH 184 3384 79   HOH HOH A . 
D 4 HOH 185 3385 80   HOH HOH A . 
D 4 HOH 186 3386 88   HOH HOH A . 
D 4 HOH 187 3387 91   HOH HOH A . 
D 4 HOH 188 3388 127  HOH HOH A . 
D 4 HOH 189 3389 150  HOH HOH A . 
D 4 HOH 190 3390 147  HOH HOH A . 
D 4 HOH 191 3391 116  HOH HOH A . 
D 4 HOH 192 3392 114  HOH HOH A . 
D 4 HOH 193 3393 192  HOH HOH A . 
D 4 HOH 194 3394 146  HOH HOH A . 
D 4 HOH 195 3395 94   HOH HOH A . 
D 4 HOH 196 3396 167  HOH HOH A . 
D 4 HOH 197 3397 73   HOH HOH A . 
D 4 HOH 198 3398 145  HOH HOH A . 
D 4 HOH 199 3399 111  HOH HOH A . 
# 
_pdbx_struct_assembly.id                   1 
_pdbx_struct_assembly.details              author_and_software_defined_assembly 
_pdbx_struct_assembly.method_details       PISA 
_pdbx_struct_assembly.oligomeric_details   monomeric 
_pdbx_struct_assembly.oligomeric_count     1 
# 
_pdbx_struct_assembly_gen.assembly_id       1 
_pdbx_struct_assembly_gen.oper_expression   1 
_pdbx_struct_assembly_gen.asym_id_list      A,B,C,D 
# 
_pdbx_struct_oper_list.id                   1 
_pdbx_struct_oper_list.type                 'identity operation' 
_pdbx_struct_oper_list.name                 1_555 
_pdbx_struct_oper_list.symmetry_operation   x,y,z 
_pdbx_struct_oper_list.matrix[1][1]         1.0000000000 
_pdbx_struct_oper_list.matrix[1][2]         0.0000000000 
_pdbx_struct_oper_list.matrix[1][3]         0.0000000000 
_pdbx_struct_oper_list.vector[1]            0.0000000000 
_pdbx_struct_oper_list.matrix[2][1]         0.0000000000 
_pdbx_struct_oper_list.matrix[2][2]         1.0000000000 
_pdbx_struct_oper_list.matrix[2][3]         0.0000000000 
_pdbx_struct_oper_list.vector[2]            0.0000000000 
_pdbx_struct_oper_list.matrix[3][1]         0.0000000000 
_pdbx_struct_oper_list.matrix[3][2]         0.0000000000 
_pdbx_struct_oper_list.matrix[3][3]         1.0000000000 
_pdbx_struct_oper_list.vector[3]            0.0000000000 
# 
_pdbx_struct_special_symmetry.id              1 
_pdbx_struct_special_symmetry.PDB_model_num   1 
_pdbx_struct_special_symmetry.auth_asym_id    A 
_pdbx_struct_special_symmetry.auth_comp_id    HOH 
_pdbx_struct_special_symmetry.auth_seq_id     3341 
_pdbx_struct_special_symmetry.PDB_ins_code    ? 
_pdbx_struct_special_symmetry.label_asym_id   D 
_pdbx_struct_special_symmetry.label_comp_id   HOH 
_pdbx_struct_special_symmetry.label_seq_id    . 
# 
loop_
_pdbx_struct_conn_angle.id 
_pdbx_struct_conn_angle.ptnr1_label_atom_id 
_pdbx_struct_conn_angle.ptnr1_label_alt_id 
_pdbx_struct_conn_angle.ptnr1_label_asym_id 
_pdbx_struct_conn_angle.ptnr1_label_comp_id 
_pdbx_struct_conn_angle.ptnr1_label_seq_id 
_pdbx_struct_conn_angle.ptnr1_auth_atom_id 
_pdbx_struct_conn_angle.ptnr1_auth_asym_id 
_pdbx_struct_conn_angle.ptnr1_auth_comp_id 
_pdbx_struct_conn_angle.ptnr1_auth_seq_id 
_pdbx_struct_conn_angle.ptnr1_PDB_ins_code 
_pdbx_struct_conn_angle.ptnr1_symmetry 
_pdbx_struct_conn_angle.ptnr2_label_atom_id 
_pdbx_struct_conn_angle.ptnr2_label_alt_id 
_pdbx_struct_conn_angle.ptnr2_label_asym_id 
_pdbx_struct_conn_angle.ptnr2_label_comp_id 
_pdbx_struct_conn_angle.ptnr2_label_seq_id 
_pdbx_struct_conn_angle.ptnr2_auth_atom_id 
_pdbx_struct_conn_angle.ptnr2_auth_asym_id 
_pdbx_struct_conn_angle.ptnr2_auth_comp_id 
_pdbx_struct_conn_angle.ptnr2_auth_seq_id 
_pdbx_struct_conn_angle.ptnr2_PDB_ins_code 
_pdbx_struct_conn_angle.ptnr2_symmetry 
_pdbx_struct_conn_angle.ptnr3_label_atom_id 
_pdbx_struct_conn_angle.ptnr3_label_alt_id 
_pdbx_struct_conn_angle.ptnr3_label_asym_id 
_pdbx_struct_conn_angle.ptnr3_label_comp_id 
_pdbx_struct_conn_angle.ptnr3_label_seq_id 
_pdbx_struct_conn_angle.ptnr3_auth_atom_id 
_pdbx_struct_conn_angle.ptnr3_auth_asym_id 
_pdbx_struct_conn_angle.ptnr3_auth_comp_id 
_pdbx_struct_conn_angle.ptnr3_auth_seq_id 
_pdbx_struct_conn_angle.ptnr3_PDB_ins_code 
_pdbx_struct_conn_angle.ptnr3_symmetry 
_pdbx_struct_conn_angle.value 
_pdbx_struct_conn_angle.value_esd 
1  OD2 ? A ASP 95 ? A ASP 3001 ? 1_555 CA ? C CA . ? A CA 3102 ? 1_555 O ? D HOH . ? A HOH 3217 ? 2_555 88.7  ? 
2  OD2 ? A ASP 95 ? A ASP 3001 ? 1_555 CA ? C CA . ? A CA 3102 ? 1_555 O ? D HOH . ? A HOH 3222 ? 2_555 98.4  ? 
3  O   ? D HOH .  ? A HOH 3217 ? 2_555 CA ? C CA . ? A CA 3102 ? 1_555 O ? D HOH . ? A HOH 3222 ? 2_555 87.8  ? 
4  OD2 ? A ASP 95 ? A ASP 3001 ? 1_555 CA ? C CA . ? A CA 3102 ? 1_555 O ? D HOH . ? A HOH 3313 ? 1_555 90.5  ? 
5  O   ? D HOH .  ? A HOH 3217 ? 2_555 CA ? C CA . ? A CA 3102 ? 1_555 O ? D HOH . ? A HOH 3313 ? 1_555 89.0  ? 
6  O   ? D HOH .  ? A HOH 3222 ? 2_555 CA ? C CA . ? A CA 3102 ? 1_555 O ? D HOH . ? A HOH 3313 ? 1_555 170.4 ? 
7  OD2 ? A ASP 95 ? A ASP 3001 ? 1_555 CA ? C CA . ? A CA 3102 ? 1_555 O ? D HOH . ? A HOH 3314 ? 1_555 91.4  ? 
8  O   ? D HOH .  ? A HOH 3217 ? 2_555 CA ? C CA . ? A CA 3102 ? 1_555 O ? D HOH . ? A HOH 3314 ? 1_555 175.3 ? 
9  O   ? D HOH .  ? A HOH 3222 ? 2_555 CA ? C CA . ? A CA 3102 ? 1_555 O ? D HOH . ? A HOH 3314 ? 1_555 87.5  ? 
10 O   ? D HOH .  ? A HOH 3313 ? 1_555 CA ? C CA . ? A CA 3102 ? 1_555 O ? D HOH . ? A HOH 3314 ? 1_555 95.7  ? 
11 OD2 ? A ASP 95 ? A ASP 3001 ? 1_555 CA ? C CA . ? A CA 3102 ? 1_555 O ? D HOH . ? A HOH 3333 ? 2_555 172.6 ? 
12 O   ? D HOH .  ? A HOH 3217 ? 2_555 CA ? C CA . ? A CA 3102 ? 1_555 O ? D HOH . ? A HOH 3333 ? 2_555 85.3  ? 
13 O   ? D HOH .  ? A HOH 3222 ? 2_555 CA ? C CA . ? A CA 3102 ? 1_555 O ? D HOH . ? A HOH 3333 ? 2_555 85.6  ? 
14 O   ? D HOH .  ? A HOH 3313 ? 1_555 CA ? C CA . ? A CA 3102 ? 1_555 O ? D HOH . ? A HOH 3333 ? 2_555 85.2  ? 
15 O   ? D HOH .  ? A HOH 3314 ? 1_555 CA ? C CA . ? A CA 3102 ? 1_555 O ? D HOH . ? A HOH 3333 ? 2_555 94.9  ? 
# 
loop_
_pdbx_audit_revision_history.ordinal 
_pdbx_audit_revision_history.data_content_type 
_pdbx_audit_revision_history.major_revision 
_pdbx_audit_revision_history.minor_revision 
_pdbx_audit_revision_history.revision_date 
1 'Structure model' 1 0 2022-08-24 
2 'Structure model' 1 1 2022-10-19 
3 'Structure model' 1 2 2023-10-18 
# 
_pdbx_audit_revision_details.ordinal             1 
_pdbx_audit_revision_details.revision_ordinal    1 
_pdbx_audit_revision_details.data_content_type   'Structure model' 
_pdbx_audit_revision_details.provider            repository 
_pdbx_audit_revision_details.type                'Initial release' 
_pdbx_audit_revision_details.description         ? 
_pdbx_audit_revision_details.details             ? 
# 
loop_
_pdbx_audit_revision_group.ordinal 
_pdbx_audit_revision_group.revision_ordinal 
_pdbx_audit_revision_group.data_content_type 
_pdbx_audit_revision_group.group 
1 2 'Structure model' 'Database references'    
2 3 'Structure model' 'Data collection'        
3 3 'Structure model' 'Refinement description' 
# 
loop_
_pdbx_audit_revision_category.ordinal 
_pdbx_audit_revision_category.revision_ordinal 
_pdbx_audit_revision_category.data_content_type 
_pdbx_audit_revision_category.category 
1 2 'Structure model' citation                      
2 2 'Structure model' citation_author               
3 3 'Structure model' chem_comp_atom                
4 3 'Structure model' chem_comp_bond                
5 3 'Structure model' pdbx_initial_refinement_model 
# 
loop_
_pdbx_audit_revision_item.ordinal 
_pdbx_audit_revision_item.revision_ordinal 
_pdbx_audit_revision_item.data_content_type 
_pdbx_audit_revision_item.item 
1  2 'Structure model' '_citation.country'                 
2  2 'Structure model' '_citation.journal_abbrev'          
3  2 'Structure model' '_citation.journal_id_ASTM'         
4  2 'Structure model' '_citation.journal_id_CSD'          
5  2 'Structure model' '_citation.journal_id_ISSN'         
6  2 'Structure model' '_citation.journal_volume'          
7  2 'Structure model' '_citation.page_first'              
8  2 'Structure model' '_citation.page_last'               
9  2 'Structure model' '_citation.pdbx_database_id_DOI'    
10 2 'Structure model' '_citation.pdbx_database_id_PubMed' 
11 2 'Structure model' '_citation.title'                   
12 2 'Structure model' '_citation.year'                    
# 
loop_
_software.citation_id 
_software.classification 
_software.compiler_name 
_software.compiler_version 
_software.contact_author 
_software.contact_author_email 
_software.date 
_software.description 
_software.dependencies 
_software.hardware 
_software.language 
_software.location 
_software.mods 
_software.name 
_software.os 
_software.os_version 
_software.type 
_software.version 
_software.pdbx_ordinal 
? 'data scaling'    ? ? ? ? ? ? ? ? ? ? ? Aimless     ? ? ? .           1 
? refinement        ? ? ? ? ? ? ? ? ? ? ? PHENIX      ? ? ? 1.19.2_4158 2 
? 'data extraction' ? ? ? ? ? ? ? ? ? ? ? PDB_EXTRACT ? ? ? 3.27        3 
? 'data reduction'  ? ? ? ? ? ? ? ? ? ? ? XDS         ? ? ? .           4 
? phasing           ? ? ? ? ? ? ? ? ? ? ? PHASER      ? ? ? .           5 
# 
_pdbx_entry_details.entry_id                 7RWP 
_pdbx_entry_details.has_ligand_of_interest   Y 
_pdbx_entry_details.compound_details         ? 
_pdbx_entry_details.source_details           ? 
_pdbx_entry_details.nonpolymer_details       ? 
_pdbx_entry_details.sequence_details         ? 
# 
loop_
_pdbx_validate_close_contact.id 
_pdbx_validate_close_contact.PDB_model_num 
_pdbx_validate_close_contact.auth_atom_id_1 
_pdbx_validate_close_contact.auth_asym_id_1 
_pdbx_validate_close_contact.auth_comp_id_1 
_pdbx_validate_close_contact.auth_seq_id_1 
_pdbx_validate_close_contact.PDB_ins_code_1 
_pdbx_validate_close_contact.label_alt_id_1 
_pdbx_validate_close_contact.auth_atom_id_2 
_pdbx_validate_close_contact.auth_asym_id_2 
_pdbx_validate_close_contact.auth_comp_id_2 
_pdbx_validate_close_contact.auth_seq_id_2 
_pdbx_validate_close_contact.PDB_ins_code_2 
_pdbx_validate_close_contact.label_alt_id_2 
_pdbx_validate_close_contact.dist 
1 1 O   A HOH 3298 ? ? O A HOH 3351 ? ? 2.14 
2 1 O   A HOH 3310 ? ? O A HOH 3368 ? ? 2.15 
3 1 OE2 A GLU 2987 ? ? O A HOH 3201 ? ? 2.19 
# 
_pdbx_validate_symm_contact.id                1 
_pdbx_validate_symm_contact.PDB_model_num     1 
_pdbx_validate_symm_contact.auth_atom_id_1    O 
_pdbx_validate_symm_contact.auth_asym_id_1    A 
_pdbx_validate_symm_contact.auth_comp_id_1    HOH 
_pdbx_validate_symm_contact.auth_seq_id_1     3324 
_pdbx_validate_symm_contact.PDB_ins_code_1    ? 
_pdbx_validate_symm_contact.label_alt_id_1    ? 
_pdbx_validate_symm_contact.site_symmetry_1   1_555 
_pdbx_validate_symm_contact.auth_atom_id_2    O 
_pdbx_validate_symm_contact.auth_asym_id_2    A 
_pdbx_validate_symm_contact.auth_comp_id_2    HOH 
_pdbx_validate_symm_contact.auth_seq_id_2     3335 
_pdbx_validate_symm_contact.PDB_ins_code_2    ? 
_pdbx_validate_symm_contact.label_alt_id_2    ? 
_pdbx_validate_symm_contact.site_symmetry_2   2_555 
_pdbx_validate_symm_contact.dist              2.14 
# 
loop_
_pdbx_distant_solvent_atoms.id 
_pdbx_distant_solvent_atoms.PDB_model_num 
_pdbx_distant_solvent_atoms.auth_atom_id 
_pdbx_distant_solvent_atoms.label_alt_id 
_pdbx_distant_solvent_atoms.auth_asym_id 
_pdbx_distant_solvent_atoms.auth_comp_id 
_pdbx_distant_solvent_atoms.auth_seq_id 
_pdbx_distant_solvent_atoms.PDB_ins_code 
_pdbx_distant_solvent_atoms.neighbor_macromolecule_distance 
_pdbx_distant_solvent_atoms.neighbor_ligand_distance 
1 1 O ? A HOH 3398 ? 6.19 . 
2 1 O ? A HOH 3399 ? 6.42 . 
# 
loop_
_pdbx_unobs_or_zero_occ_atoms.id 
_pdbx_unobs_or_zero_occ_atoms.PDB_model_num 
_pdbx_unobs_or_zero_occ_atoms.polymer_flag 
_pdbx_unobs_or_zero_occ_atoms.occupancy_flag 
_pdbx_unobs_or_zero_occ_atoms.auth_asym_id 
_pdbx_unobs_or_zero_occ_atoms.auth_comp_id 
_pdbx_unobs_or_zero_occ_atoms.auth_seq_id 
_pdbx_unobs_or_zero_occ_atoms.PDB_ins_code 
_pdbx_unobs_or_zero_occ_atoms.auth_atom_id 
_pdbx_unobs_or_zero_occ_atoms.label_alt_id 
_pdbx_unobs_or_zero_occ_atoms.label_asym_id 
_pdbx_unobs_or_zero_occ_atoms.label_comp_id 
_pdbx_unobs_or_zero_occ_atoms.label_seq_id 
_pdbx_unobs_or_zero_occ_atoms.label_atom_id 
1 1 Y 1 A LYS 2969 ? CD ? A LYS 63 CD 
2 1 Y 1 A LYS 2969 ? CE ? A LYS 63 CE 
3 1 Y 1 A LYS 2969 ? NZ ? A LYS 63 NZ 
4 1 Y 0 A ARG 2983 ? N  C A ARG 77 N  
5 1 Y 0 A ARG 2983 ? CA C A ARG 77 CA 
6 1 Y 0 A ARG 2983 ? C  C A ARG 77 C  
7 1 Y 0 A ARG 2983 ? O  C A ARG 77 O  
# 
loop_
_pdbx_unobs_or_zero_occ_residues.id 
_pdbx_unobs_or_zero_occ_residues.PDB_model_num 
_pdbx_unobs_or_zero_occ_residues.polymer_flag 
_pdbx_unobs_or_zero_occ_residues.occupancy_flag 
_pdbx_unobs_or_zero_occ_residues.auth_asym_id 
_pdbx_unobs_or_zero_occ_residues.auth_comp_id 
_pdbx_unobs_or_zero_occ_residues.auth_seq_id 
_pdbx_unobs_or_zero_occ_residues.PDB_ins_code 
_pdbx_unobs_or_zero_occ_residues.label_asym_id 
_pdbx_unobs_or_zero_occ_residues.label_comp_id 
_pdbx_unobs_or_zero_occ_residues.label_seq_id 
1  1 Y 1 A GLY 2907 ? A GLY 1   
2  1 Y 1 A THR 2908 ? A THR 2   
3  1 Y 1 A GLU 2909 ? A GLU 3   
4  1 Y 1 A ASN 2910 ? A ASN 4   
5  1 Y 1 A LEU 2911 ? A LEU 5   
6  1 Y 1 A TYR 2912 ? A TYR 6   
7  1 Y 1 A PHE 2913 ? A PHE 7   
8  1 Y 1 A GLN 2914 ? A GLN 8   
9  1 Y 1 A SER 2915 ? A SER 9   
10 1 Y 1 A MET 2916 ? A MET 10  
11 1 Y 1 A SER 2917 ? A SER 11  
12 1 Y 1 A THR 2918 ? A THR 12  
13 1 Y 1 A GLU 2919 ? A GLU 13  
14 1 Y 1 A HIS 3037 ? A HIS 131 
# 
loop_
_chem_comp_atom.comp_id 
_chem_comp_atom.atom_id 
_chem_comp_atom.type_symbol 
_chem_comp_atom.pdbx_aromatic_flag 
_chem_comp_atom.pdbx_stereo_config 
_chem_comp_atom.pdbx_ordinal 
7WZ C11  C  N N 1   
7WZ C15  C  N N 2   
7WZ C14  C  Y N 3   
7WZ C17  C  N N 4   
7WZ C01  C  N N 5   
7WZ C04  C  N N 6   
7WZ C05  C  N N 7   
7WZ C07  C  Y N 8   
7WZ C08  C  Y N 9   
7WZ C09  C  Y N 10  
7WZ C10  C  Y N 11  
7WZ C13  C  Y N 12  
7WZ N02  N  N N 13  
7WZ N03  N  N N 14  
7WZ N06  N  N N 15  
7WZ N12  N  N N 16  
7WZ O18  O  N N 17  
7WZ CL16 CL N N 18  
7WZ H1   H  N N 19  
7WZ H2   H  N N 20  
7WZ H3   H  N N 21  
7WZ H4   H  N N 22  
7WZ H5   H  N N 23  
7WZ H6   H  N N 24  
7WZ H7   H  N N 25  
7WZ H8   H  N N 26  
7WZ H9   H  N N 27  
7WZ H10  H  N N 28  
7WZ H11  H  N N 29  
7WZ H12  H  N N 30  
7WZ H13  H  N N 31  
ALA N    N  N N 32  
ALA CA   C  N S 33  
ALA C    C  N N 34  
ALA O    O  N N 35  
ALA CB   C  N N 36  
ALA OXT  O  N N 37  
ALA H    H  N N 38  
ALA H2   H  N N 39  
ALA HA   H  N N 40  
ALA HB1  H  N N 41  
ALA HB2  H  N N 42  
ALA HB3  H  N N 43  
ALA HXT  H  N N 44  
ARG N    N  N N 45  
ARG CA   C  N S 46  
ARG C    C  N N 47  
ARG O    O  N N 48  
ARG CB   C  N N 49  
ARG CG   C  N N 50  
ARG CD   C  N N 51  
ARG NE   N  N N 52  
ARG CZ   C  N N 53  
ARG NH1  N  N N 54  
ARG NH2  N  N N 55  
ARG OXT  O  N N 56  
ARG H    H  N N 57  
ARG H2   H  N N 58  
ARG HA   H  N N 59  
ARG HB2  H  N N 60  
ARG HB3  H  N N 61  
ARG HG2  H  N N 62  
ARG HG3  H  N N 63  
ARG HD2  H  N N 64  
ARG HD3  H  N N 65  
ARG HE   H  N N 66  
ARG HH11 H  N N 67  
ARG HH12 H  N N 68  
ARG HH21 H  N N 69  
ARG HH22 H  N N 70  
ARG HXT  H  N N 71  
ASN N    N  N N 72  
ASN CA   C  N S 73  
ASN C    C  N N 74  
ASN O    O  N N 75  
ASN CB   C  N N 76  
ASN CG   C  N N 77  
ASN OD1  O  N N 78  
ASN ND2  N  N N 79  
ASN OXT  O  N N 80  
ASN H    H  N N 81  
ASN H2   H  N N 82  
ASN HA   H  N N 83  
ASN HB2  H  N N 84  
ASN HB3  H  N N 85  
ASN HD21 H  N N 86  
ASN HD22 H  N N 87  
ASN HXT  H  N N 88  
ASP N    N  N N 89  
ASP CA   C  N S 90  
ASP C    C  N N 91  
ASP O    O  N N 92  
ASP CB   C  N N 93  
ASP CG   C  N N 94  
ASP OD1  O  N N 95  
ASP OD2  O  N N 96  
ASP OXT  O  N N 97  
ASP H    H  N N 98  
ASP H2   H  N N 99  
ASP HA   H  N N 100 
ASP HB2  H  N N 101 
ASP HB3  H  N N 102 
ASP HD2  H  N N 103 
ASP HXT  H  N N 104 
CA  CA   CA N N 105 
CYS N    N  N N 106 
CYS CA   C  N R 107 
CYS C    C  N N 108 
CYS O    O  N N 109 
CYS CB   C  N N 110 
CYS SG   S  N N 111 
CYS OXT  O  N N 112 
CYS H    H  N N 113 
CYS H2   H  N N 114 
CYS HA   H  N N 115 
CYS HB2  H  N N 116 
CYS HB3  H  N N 117 
CYS HG   H  N N 118 
CYS HXT  H  N N 119 
GLN N    N  N N 120 
GLN CA   C  N S 121 
GLN C    C  N N 122 
GLN O    O  N N 123 
GLN CB   C  N N 124 
GLN CG   C  N N 125 
GLN CD   C  N N 126 
GLN OE1  O  N N 127 
GLN NE2  N  N N 128 
GLN OXT  O  N N 129 
GLN H    H  N N 130 
GLN H2   H  N N 131 
GLN HA   H  N N 132 
GLN HB2  H  N N 133 
GLN HB3  H  N N 134 
GLN HG2  H  N N 135 
GLN HG3  H  N N 136 
GLN HE21 H  N N 137 
GLN HE22 H  N N 138 
GLN HXT  H  N N 139 
GLU N    N  N N 140 
GLU CA   C  N S 141 
GLU C    C  N N 142 
GLU O    O  N N 143 
GLU CB   C  N N 144 
GLU CG   C  N N 145 
GLU CD   C  N N 146 
GLU OE1  O  N N 147 
GLU OE2  O  N N 148 
GLU OXT  O  N N 149 
GLU H    H  N N 150 
GLU H2   H  N N 151 
GLU HA   H  N N 152 
GLU HB2  H  N N 153 
GLU HB3  H  N N 154 
GLU HG2  H  N N 155 
GLU HG3  H  N N 156 
GLU HE2  H  N N 157 
GLU HXT  H  N N 158 
GLY N    N  N N 159 
GLY CA   C  N N 160 
GLY C    C  N N 161 
GLY O    O  N N 162 
GLY OXT  O  N N 163 
GLY H    H  N N 164 
GLY H2   H  N N 165 
GLY HA2  H  N N 166 
GLY HA3  H  N N 167 
GLY HXT  H  N N 168 
HIS N    N  N N 169 
HIS CA   C  N S 170 
HIS C    C  N N 171 
HIS O    O  N N 172 
HIS CB   C  N N 173 
HIS CG   C  Y N 174 
HIS ND1  N  Y N 175 
HIS CD2  C  Y N 176 
HIS CE1  C  Y N 177 
HIS NE2  N  Y N 178 
HIS OXT  O  N N 179 
HIS H    H  N N 180 
HIS H2   H  N N 181 
HIS HA   H  N N 182 
HIS HB2  H  N N 183 
HIS HB3  H  N N 184 
HIS HD1  H  N N 185 
HIS HD2  H  N N 186 
HIS HE1  H  N N 187 
HIS HE2  H  N N 188 
HIS HXT  H  N N 189 
HOH O    O  N N 190 
HOH H1   H  N N 191 
HOH H2   H  N N 192 
ILE N    N  N N 193 
ILE CA   C  N S 194 
ILE C    C  N N 195 
ILE O    O  N N 196 
ILE CB   C  N S 197 
ILE CG1  C  N N 198 
ILE CG2  C  N N 199 
ILE CD1  C  N N 200 
ILE OXT  O  N N 201 
ILE H    H  N N 202 
ILE H2   H  N N 203 
ILE HA   H  N N 204 
ILE HB   H  N N 205 
ILE HG12 H  N N 206 
ILE HG13 H  N N 207 
ILE HG21 H  N N 208 
ILE HG22 H  N N 209 
ILE HG23 H  N N 210 
ILE HD11 H  N N 211 
ILE HD12 H  N N 212 
ILE HD13 H  N N 213 
ILE HXT  H  N N 214 
LEU N    N  N N 215 
LEU CA   C  N S 216 
LEU C    C  N N 217 
LEU O    O  N N 218 
LEU CB   C  N N 219 
LEU CG   C  N N 220 
LEU CD1  C  N N 221 
LEU CD2  C  N N 222 
LEU OXT  O  N N 223 
LEU H    H  N N 224 
LEU H2   H  N N 225 
LEU HA   H  N N 226 
LEU HB2  H  N N 227 
LEU HB3  H  N N 228 
LEU HG   H  N N 229 
LEU HD11 H  N N 230 
LEU HD12 H  N N 231 
LEU HD13 H  N N 232 
LEU HD21 H  N N 233 
LEU HD22 H  N N 234 
LEU HD23 H  N N 235 
LEU HXT  H  N N 236 
LYS N    N  N N 237 
LYS CA   C  N S 238 
LYS C    C  N N 239 
LYS O    O  N N 240 
LYS CB   C  N N 241 
LYS CG   C  N N 242 
LYS CD   C  N N 243 
LYS CE   C  N N 244 
LYS NZ   N  N N 245 
LYS OXT  O  N N 246 
LYS H    H  N N 247 
LYS H2   H  N N 248 
LYS HA   H  N N 249 
LYS HB2  H  N N 250 
LYS HB3  H  N N 251 
LYS HG2  H  N N 252 
LYS HG3  H  N N 253 
LYS HD2  H  N N 254 
LYS HD3  H  N N 255 
LYS HE2  H  N N 256 
LYS HE3  H  N N 257 
LYS HZ1  H  N N 258 
LYS HZ2  H  N N 259 
LYS HZ3  H  N N 260 
LYS HXT  H  N N 261 
MET N    N  N N 262 
MET CA   C  N S 263 
MET C    C  N N 264 
MET O    O  N N 265 
MET CB   C  N N 266 
MET CG   C  N N 267 
MET SD   S  N N 268 
MET CE   C  N N 269 
MET OXT  O  N N 270 
MET H    H  N N 271 
MET H2   H  N N 272 
MET HA   H  N N 273 
MET HB2  H  N N 274 
MET HB3  H  N N 275 
MET HG2  H  N N 276 
MET HG3  H  N N 277 
MET HE1  H  N N 278 
MET HE2  H  N N 279 
MET HE3  H  N N 280 
MET HXT  H  N N 281 
PHE N    N  N N 282 
PHE CA   C  N S 283 
PHE C    C  N N 284 
PHE O    O  N N 285 
PHE CB   C  N N 286 
PHE CG   C  Y N 287 
PHE CD1  C  Y N 288 
PHE CD2  C  Y N 289 
PHE CE1  C  Y N 290 
PHE CE2  C  Y N 291 
PHE CZ   C  Y N 292 
PHE OXT  O  N N 293 
PHE H    H  N N 294 
PHE H2   H  N N 295 
PHE HA   H  N N 296 
PHE HB2  H  N N 297 
PHE HB3  H  N N 298 
PHE HD1  H  N N 299 
PHE HD2  H  N N 300 
PHE HE1  H  N N 301 
PHE HE2  H  N N 302 
PHE HZ   H  N N 303 
PHE HXT  H  N N 304 
PRO N    N  N N 305 
PRO CA   C  N S 306 
PRO C    C  N N 307 
PRO O    O  N N 308 
PRO CB   C  N N 309 
PRO CG   C  N N 310 
PRO CD   C  N N 311 
PRO OXT  O  N N 312 
PRO H    H  N N 313 
PRO HA   H  N N 314 
PRO HB2  H  N N 315 
PRO HB3  H  N N 316 
PRO HG2  H  N N 317 
PRO HG3  H  N N 318 
PRO HD2  H  N N 319 
PRO HD3  H  N N 320 
PRO HXT  H  N N 321 
SER N    N  N N 322 
SER CA   C  N S 323 
SER C    C  N N 324 
SER O    O  N N 325 
SER CB   C  N N 326 
SER OG   O  N N 327 
SER OXT  O  N N 328 
SER H    H  N N 329 
SER H2   H  N N 330 
SER HA   H  N N 331 
SER HB2  H  N N 332 
SER HB3  H  N N 333 
SER HG   H  N N 334 
SER HXT  H  N N 335 
THR N    N  N N 336 
THR CA   C  N S 337 
THR C    C  N N 338 
THR O    O  N N 339 
THR CB   C  N R 340 
THR OG1  O  N N 341 
THR CG2  C  N N 342 
THR OXT  O  N N 343 
THR H    H  N N 344 
THR H2   H  N N 345 
THR HA   H  N N 346 
THR HB   H  N N 347 
THR HG1  H  N N 348 
THR HG21 H  N N 349 
THR HG22 H  N N 350 
THR HG23 H  N N 351 
THR HXT  H  N N 352 
TRP N    N  N N 353 
TRP CA   C  N S 354 
TRP C    C  N N 355 
TRP O    O  N N 356 
TRP CB   C  N N 357 
TRP CG   C  Y N 358 
TRP CD1  C  Y N 359 
TRP CD2  C  Y N 360 
TRP NE1  N  Y N 361 
TRP CE2  C  Y N 362 
TRP CE3  C  Y N 363 
TRP CZ2  C  Y N 364 
TRP CZ3  C  Y N 365 
TRP CH2  C  Y N 366 
TRP OXT  O  N N 367 
TRP H    H  N N 368 
TRP H2   H  N N 369 
TRP HA   H  N N 370 
TRP HB2  H  N N 371 
TRP HB3  H  N N 372 
TRP HD1  H  N N 373 
TRP HE1  H  N N 374 
TRP HE3  H  N N 375 
TRP HZ2  H  N N 376 
TRP HZ3  H  N N 377 
TRP HH2  H  N N 378 
TRP HXT  H  N N 379 
TYR N    N  N N 380 
TYR CA   C  N S 381 
TYR C    C  N N 382 
TYR O    O  N N 383 
TYR CB   C  N N 384 
TYR CG   C  Y N 385 
TYR CD1  C  Y N 386 
TYR CD2  C  Y N 387 
TYR CE1  C  Y N 388 
TYR CE2  C  Y N 389 
TYR CZ   C  Y N 390 
TYR OH   O  N N 391 
TYR OXT  O  N N 392 
TYR H    H  N N 393 
TYR H2   H  N N 394 
TYR HA   H  N N 395 
TYR HB2  H  N N 396 
TYR HB3  H  N N 397 
TYR HD1  H  N N 398 
TYR HD2  H  N N 399 
TYR HE1  H  N N 400 
TYR HE2  H  N N 401 
TYR HH   H  N N 402 
TYR HXT  H  N N 403 
VAL N    N  N N 404 
VAL CA   C  N S 405 
VAL C    C  N N 406 
VAL O    O  N N 407 
VAL CB   C  N N 408 
VAL CG1  C  N N 409 
VAL CG2  C  N N 410 
VAL OXT  O  N N 411 
VAL H    H  N N 412 
VAL H2   H  N N 413 
VAL HA   H  N N 414 
VAL HB   H  N N 415 
VAL HG11 H  N N 416 
VAL HG12 H  N N 417 
VAL HG13 H  N N 418 
VAL HG21 H  N N 419 
VAL HG22 H  N N 420 
VAL HG23 H  N N 421 
VAL HXT  H  N N 422 
# 
loop_
_chem_comp_bond.comp_id 
_chem_comp_bond.atom_id_1 
_chem_comp_bond.atom_id_2 
_chem_comp_bond.value_order 
_chem_comp_bond.pdbx_aromatic_flag 
_chem_comp_bond.pdbx_stereo_config 
_chem_comp_bond.pdbx_ordinal 
7WZ O18  C17  doub N N 1   
7WZ C01  N02  sing N N 2   
7WZ C17  N02  sing N N 3   
7WZ C17  C15  sing N N 4   
7WZ N02  N03  sing N N 5   
7WZ CL16 C15  sing N N 6   
7WZ C15  C05  doub N N 7   
7WZ N03  C04  doub N N 8   
7WZ C05  C04  sing N N 9   
7WZ C05  N06  sing N N 10  
7WZ N06  C07  sing N N 11  
7WZ C07  C08  doub Y N 12  
7WZ C07  C14  sing Y N 13  
7WZ C08  C09  sing Y N 14  
7WZ C14  C13  doub Y N 15  
7WZ C09  C10  doub Y N 16  
7WZ C13  C10  sing Y N 17  
7WZ C10  C11  sing N N 18  
7WZ C11  N12  sing N N 19  
7WZ C11  H1   sing N N 20  
7WZ C11  H2   sing N N 21  
7WZ C14  H3   sing N N 22  
7WZ C01  H4   sing N N 23  
7WZ C01  H5   sing N N 24  
7WZ C01  H6   sing N N 25  
7WZ C04  H7   sing N N 26  
7WZ C08  H8   sing N N 27  
7WZ C09  H9   sing N N 28  
7WZ C13  H10  sing N N 29  
7WZ N06  H11  sing N N 30  
7WZ N12  H12  sing N N 31  
7WZ N12  H13  sing N N 32  
ALA N    CA   sing N N 33  
ALA N    H    sing N N 34  
ALA N    H2   sing N N 35  
ALA CA   C    sing N N 36  
ALA CA   CB   sing N N 37  
ALA CA   HA   sing N N 38  
ALA C    O    doub N N 39  
ALA C    OXT  sing N N 40  
ALA CB   HB1  sing N N 41  
ALA CB   HB2  sing N N 42  
ALA CB   HB3  sing N N 43  
ALA OXT  HXT  sing N N 44  
ARG N    CA   sing N N 45  
ARG N    H    sing N N 46  
ARG N    H2   sing N N 47  
ARG CA   C    sing N N 48  
ARG CA   CB   sing N N 49  
ARG CA   HA   sing N N 50  
ARG C    O    doub N N 51  
ARG C    OXT  sing N N 52  
ARG CB   CG   sing N N 53  
ARG CB   HB2  sing N N 54  
ARG CB   HB3  sing N N 55  
ARG CG   CD   sing N N 56  
ARG CG   HG2  sing N N 57  
ARG CG   HG3  sing N N 58  
ARG CD   NE   sing N N 59  
ARG CD   HD2  sing N N 60  
ARG CD   HD3  sing N N 61  
ARG NE   CZ   sing N N 62  
ARG NE   HE   sing N N 63  
ARG CZ   NH1  sing N N 64  
ARG CZ   NH2  doub N N 65  
ARG NH1  HH11 sing N N 66  
ARG NH1  HH12 sing N N 67  
ARG NH2  HH21 sing N N 68  
ARG NH2  HH22 sing N N 69  
ARG OXT  HXT  sing N N 70  
ASN N    CA   sing N N 71  
ASN N    H    sing N N 72  
ASN N    H2   sing N N 73  
ASN CA   C    sing N N 74  
ASN CA   CB   sing N N 75  
ASN CA   HA   sing N N 76  
ASN C    O    doub N N 77  
ASN C    OXT  sing N N 78  
ASN CB   CG   sing N N 79  
ASN CB   HB2  sing N N 80  
ASN CB   HB3  sing N N 81  
ASN CG   OD1  doub N N 82  
ASN CG   ND2  sing N N 83  
ASN ND2  HD21 sing N N 84  
ASN ND2  HD22 sing N N 85  
ASN OXT  HXT  sing N N 86  
ASP N    CA   sing N N 87  
ASP N    H    sing N N 88  
ASP N    H2   sing N N 89  
ASP CA   C    sing N N 90  
ASP CA   CB   sing N N 91  
ASP CA   HA   sing N N 92  
ASP C    O    doub N N 93  
ASP C    OXT  sing N N 94  
ASP CB   CG   sing N N 95  
ASP CB   HB2  sing N N 96  
ASP CB   HB3  sing N N 97  
ASP CG   OD1  doub N N 98  
ASP CG   OD2  sing N N 99  
ASP OD2  HD2  sing N N 100 
ASP OXT  HXT  sing N N 101 
CYS N    CA   sing N N 102 
CYS N    H    sing N N 103 
CYS N    H2   sing N N 104 
CYS CA   C    sing N N 105 
CYS CA   CB   sing N N 106 
CYS CA   HA   sing N N 107 
CYS C    O    doub N N 108 
CYS C    OXT  sing N N 109 
CYS CB   SG   sing N N 110 
CYS CB   HB2  sing N N 111 
CYS CB   HB3  sing N N 112 
CYS SG   HG   sing N N 113 
CYS OXT  HXT  sing N N 114 
GLN N    CA   sing N N 115 
GLN N    H    sing N N 116 
GLN N    H2   sing N N 117 
GLN CA   C    sing N N 118 
GLN CA   CB   sing N N 119 
GLN CA   HA   sing N N 120 
GLN C    O    doub N N 121 
GLN C    OXT  sing N N 122 
GLN CB   CG   sing N N 123 
GLN CB   HB2  sing N N 124 
GLN CB   HB3  sing N N 125 
GLN CG   CD   sing N N 126 
GLN CG   HG2  sing N N 127 
GLN CG   HG3  sing N N 128 
GLN CD   OE1  doub N N 129 
GLN CD   NE2  sing N N 130 
GLN NE2  HE21 sing N N 131 
GLN NE2  HE22 sing N N 132 
GLN OXT  HXT  sing N N 133 
GLU N    CA   sing N N 134 
GLU N    H    sing N N 135 
GLU N    H2   sing N N 136 
GLU CA   C    sing N N 137 
GLU CA   CB   sing N N 138 
GLU CA   HA   sing N N 139 
GLU C    O    doub N N 140 
GLU C    OXT  sing N N 141 
GLU CB   CG   sing N N 142 
GLU CB   HB2  sing N N 143 
GLU CB   HB3  sing N N 144 
GLU CG   CD   sing N N 145 
GLU CG   HG2  sing N N 146 
GLU CG   HG3  sing N N 147 
GLU CD   OE1  doub N N 148 
GLU CD   OE2  sing N N 149 
GLU OE2  HE2  sing N N 150 
GLU OXT  HXT  sing N N 151 
GLY N    CA   sing N N 152 
GLY N    H    sing N N 153 
GLY N    H2   sing N N 154 
GLY CA   C    sing N N 155 
GLY CA   HA2  sing N N 156 
GLY CA   HA3  sing N N 157 
GLY C    O    doub N N 158 
GLY C    OXT  sing N N 159 
GLY OXT  HXT  sing N N 160 
HIS N    CA   sing N N 161 
HIS N    H    sing N N 162 
HIS N    H2   sing N N 163 
HIS CA   C    sing N N 164 
HIS CA   CB   sing N N 165 
HIS CA   HA   sing N N 166 
HIS C    O    doub N N 167 
HIS C    OXT  sing N N 168 
HIS CB   CG   sing N N 169 
HIS CB   HB2  sing N N 170 
HIS CB   HB3  sing N N 171 
HIS CG   ND1  sing Y N 172 
HIS CG   CD2  doub Y N 173 
HIS ND1  CE1  doub Y N 174 
HIS ND1  HD1  sing N N 175 
HIS CD2  NE2  sing Y N 176 
HIS CD2  HD2  sing N N 177 
HIS CE1  NE2  sing Y N 178 
HIS CE1  HE1  sing N N 179 
HIS NE2  HE2  sing N N 180 
HIS OXT  HXT  sing N N 181 
HOH O    H1   sing N N 182 
HOH O    H2   sing N N 183 
ILE N    CA   sing N N 184 
ILE N    H    sing N N 185 
ILE N    H2   sing N N 186 
ILE CA   C    sing N N 187 
ILE CA   CB   sing N N 188 
ILE CA   HA   sing N N 189 
ILE C    O    doub N N 190 
ILE C    OXT  sing N N 191 
ILE CB   CG1  sing N N 192 
ILE CB   CG2  sing N N 193 
ILE CB   HB   sing N N 194 
ILE CG1  CD1  sing N N 195 
ILE CG1  HG12 sing N N 196 
ILE CG1  HG13 sing N N 197 
ILE CG2  HG21 sing N N 198 
ILE CG2  HG22 sing N N 199 
ILE CG2  HG23 sing N N 200 
ILE CD1  HD11 sing N N 201 
ILE CD1  HD12 sing N N 202 
ILE CD1  HD13 sing N N 203 
ILE OXT  HXT  sing N N 204 
LEU N    CA   sing N N 205 
LEU N    H    sing N N 206 
LEU N    H2   sing N N 207 
LEU CA   C    sing N N 208 
LEU CA   CB   sing N N 209 
LEU CA   HA   sing N N 210 
LEU C    O    doub N N 211 
LEU C    OXT  sing N N 212 
LEU CB   CG   sing N N 213 
LEU CB   HB2  sing N N 214 
LEU CB   HB3  sing N N 215 
LEU CG   CD1  sing N N 216 
LEU CG   CD2  sing N N 217 
LEU CG   HG   sing N N 218 
LEU CD1  HD11 sing N N 219 
LEU CD1  HD12 sing N N 220 
LEU CD1  HD13 sing N N 221 
LEU CD2  HD21 sing N N 222 
LEU CD2  HD22 sing N N 223 
LEU CD2  HD23 sing N N 224 
LEU OXT  HXT  sing N N 225 
LYS N    CA   sing N N 226 
LYS N    H    sing N N 227 
LYS N    H2   sing N N 228 
LYS CA   C    sing N N 229 
LYS CA   CB   sing N N 230 
LYS CA   HA   sing N N 231 
LYS C    O    doub N N 232 
LYS C    OXT  sing N N 233 
LYS CB   CG   sing N N 234 
LYS CB   HB2  sing N N 235 
LYS CB   HB3  sing N N 236 
LYS CG   CD   sing N N 237 
LYS CG   HG2  sing N N 238 
LYS CG   HG3  sing N N 239 
LYS CD   CE   sing N N 240 
LYS CD   HD2  sing N N 241 
LYS CD   HD3  sing N N 242 
LYS CE   NZ   sing N N 243 
LYS CE   HE2  sing N N 244 
LYS CE   HE3  sing N N 245 
LYS NZ   HZ1  sing N N 246 
LYS NZ   HZ2  sing N N 247 
LYS NZ   HZ3  sing N N 248 
LYS OXT  HXT  sing N N 249 
MET N    CA   sing N N 250 
MET N    H    sing N N 251 
MET N    H2   sing N N 252 
MET CA   C    sing N N 253 
MET CA   CB   sing N N 254 
MET CA   HA   sing N N 255 
MET C    O    doub N N 256 
MET C    OXT  sing N N 257 
MET CB   CG   sing N N 258 
MET CB   HB2  sing N N 259 
MET CB   HB3  sing N N 260 
MET CG   SD   sing N N 261 
MET CG   HG2  sing N N 262 
MET CG   HG3  sing N N 263 
MET SD   CE   sing N N 264 
MET CE   HE1  sing N N 265 
MET CE   HE2  sing N N 266 
MET CE   HE3  sing N N 267 
MET OXT  HXT  sing N N 268 
PHE N    CA   sing N N 269 
PHE N    H    sing N N 270 
PHE N    H2   sing N N 271 
PHE CA   C    sing N N 272 
PHE CA   CB   sing N N 273 
PHE CA   HA   sing N N 274 
PHE C    O    doub N N 275 
PHE C    OXT  sing N N 276 
PHE CB   CG   sing N N 277 
PHE CB   HB2  sing N N 278 
PHE CB   HB3  sing N N 279 
PHE CG   CD1  doub Y N 280 
PHE CG   CD2  sing Y N 281 
PHE CD1  CE1  sing Y N 282 
PHE CD1  HD1  sing N N 283 
PHE CD2  CE2  doub Y N 284 
PHE CD2  HD2  sing N N 285 
PHE CE1  CZ   doub Y N 286 
PHE CE1  HE1  sing N N 287 
PHE CE2  CZ   sing Y N 288 
PHE CE2  HE2  sing N N 289 
PHE CZ   HZ   sing N N 290 
PHE OXT  HXT  sing N N 291 
PRO N    CA   sing N N 292 
PRO N    CD   sing N N 293 
PRO N    H    sing N N 294 
PRO CA   C    sing N N 295 
PRO CA   CB   sing N N 296 
PRO CA   HA   sing N N 297 
PRO C    O    doub N N 298 
PRO C    OXT  sing N N 299 
PRO CB   CG   sing N N 300 
PRO CB   HB2  sing N N 301 
PRO CB   HB3  sing N N 302 
PRO CG   CD   sing N N 303 
PRO CG   HG2  sing N N 304 
PRO CG   HG3  sing N N 305 
PRO CD   HD2  sing N N 306 
PRO CD   HD3  sing N N 307 
PRO OXT  HXT  sing N N 308 
SER N    CA   sing N N 309 
SER N    H    sing N N 310 
SER N    H2   sing N N 311 
SER CA   C    sing N N 312 
SER CA   CB   sing N N 313 
SER CA   HA   sing N N 314 
SER C    O    doub N N 315 
SER C    OXT  sing N N 316 
SER CB   OG   sing N N 317 
SER CB   HB2  sing N N 318 
SER CB   HB3  sing N N 319 
SER OG   HG   sing N N 320 
SER OXT  HXT  sing N N 321 
THR N    CA   sing N N 322 
THR N    H    sing N N 323 
THR N    H2   sing N N 324 
THR CA   C    sing N N 325 
THR CA   CB   sing N N 326 
THR CA   HA   sing N N 327 
THR C    O    doub N N 328 
THR C    OXT  sing N N 329 
THR CB   OG1  sing N N 330 
THR CB   CG2  sing N N 331 
THR CB   HB   sing N N 332 
THR OG1  HG1  sing N N 333 
THR CG2  HG21 sing N N 334 
THR CG2  HG22 sing N N 335 
THR CG2  HG23 sing N N 336 
THR OXT  HXT  sing N N 337 
TRP N    CA   sing N N 338 
TRP N    H    sing N N 339 
TRP N    H2   sing N N 340 
TRP CA   C    sing N N 341 
TRP CA   CB   sing N N 342 
TRP CA   HA   sing N N 343 
TRP C    O    doub N N 344 
TRP C    OXT  sing N N 345 
TRP CB   CG   sing N N 346 
TRP CB   HB2  sing N N 347 
TRP CB   HB3  sing N N 348 
TRP CG   CD1  doub Y N 349 
TRP CG   CD2  sing Y N 350 
TRP CD1  NE1  sing Y N 351 
TRP CD1  HD1  sing N N 352 
TRP CD2  CE2  doub Y N 353 
TRP CD2  CE3  sing Y N 354 
TRP NE1  CE2  sing Y N 355 
TRP NE1  HE1  sing N N 356 
TRP CE2  CZ2  sing Y N 357 
TRP CE3  CZ3  doub Y N 358 
TRP CE3  HE3  sing N N 359 
TRP CZ2  CH2  doub Y N 360 
TRP CZ2  HZ2  sing N N 361 
TRP CZ3  CH2  sing Y N 362 
TRP CZ3  HZ3  sing N N 363 
TRP CH2  HH2  sing N N 364 
TRP OXT  HXT  sing N N 365 
TYR N    CA   sing N N 366 
TYR N    H    sing N N 367 
TYR N    H2   sing N N 368 
TYR CA   C    sing N N 369 
TYR CA   CB   sing N N 370 
TYR CA   HA   sing N N 371 
TYR C    O    doub N N 372 
TYR C    OXT  sing N N 373 
TYR CB   CG   sing N N 374 
TYR CB   HB2  sing N N 375 
TYR CB   HB3  sing N N 376 
TYR CG   CD1  doub Y N 377 
TYR CG   CD2  sing Y N 378 
TYR CD1  CE1  sing Y N 379 
TYR CD1  HD1  sing N N 380 
TYR CD2  CE2  doub Y N 381 
TYR CD2  HD2  sing N N 382 
TYR CE1  CZ   doub Y N 383 
TYR CE1  HE1  sing N N 384 
TYR CE2  CZ   sing Y N 385 
TYR CE2  HE2  sing N N 386 
TYR CZ   OH   sing N N 387 
TYR OH   HH   sing N N 388 
TYR OXT  HXT  sing N N 389 
VAL N    CA   sing N N 390 
VAL N    H    sing N N 391 
VAL N    H2   sing N N 392 
VAL CA   C    sing N N 393 
VAL CA   CB   sing N N 394 
VAL CA   HA   sing N N 395 
VAL C    O    doub N N 396 
VAL C    OXT  sing N N 397 
VAL CB   CG1  sing N N 398 
VAL CB   CG2  sing N N 399 
VAL CB   HB   sing N N 400 
VAL CG1  HG11 sing N N 401 
VAL CG1  HG12 sing N N 402 
VAL CG1  HG13 sing N N 403 
VAL CG2  HG21 sing N N 404 
VAL CG2  HG22 sing N N 405 
VAL CG2  HG23 sing N N 406 
VAL OXT  HXT  sing N N 407 
# 
loop_
_pdbx_audit_support.funding_organization 
_pdbx_audit_support.country 
_pdbx_audit_support.grant_number 
_pdbx_audit_support.ordinal 
'National Institutes of Health/National Institute of General Medical Sciences (NIH/NIGMS)' 'United States' GM118047        1 
'National Institutes of Health/National Library of Medicine (NIH/NLM)'                     'United States' 5T32GM008347-23 2 
# 
_pdbx_entity_instance_feature.ordinal        1 
_pdbx_entity_instance_feature.comp_id        7WZ 
_pdbx_entity_instance_feature.asym_id        ? 
_pdbx_entity_instance_feature.seq_num        ? 
_pdbx_entity_instance_feature.auth_comp_id   7WZ 
_pdbx_entity_instance_feature.auth_asym_id   ? 
_pdbx_entity_instance_feature.auth_seq_num   ? 
_pdbx_entity_instance_feature.feature_type   'SUBJECT OF INVESTIGATION' 
_pdbx_entity_instance_feature.details        ? 
# 
loop_
_pdbx_entity_nonpoly.entity_id 
_pdbx_entity_nonpoly.name 
_pdbx_entity_nonpoly.comp_id 
2 '5-[4-(aminomethyl)anilino]-4-chloro-2-methylpyridazin-3(2H)-one' 7WZ 
3 'CALCIUM ION'                                                     CA  
4 water                                                             HOH 
# 
_pdbx_initial_refinement_model.id               1 
_pdbx_initial_refinement_model.entity_id_list   ? 
_pdbx_initial_refinement_model.type             'experimental model' 
_pdbx_initial_refinement_model.source_name      PDB 
_pdbx_initial_refinement_model.accession_code   7JT4 
_pdbx_initial_refinement_model.details          ? 
# 
_pdbx_struct_assembly_auth_evidence.id                     1 
_pdbx_struct_assembly_auth_evidence.assembly_id            1 
_pdbx_struct_assembly_auth_evidence.experimental_support   'gel filtration' 
_pdbx_struct_assembly_auth_evidence.details                ? 
# 
